data_7XG2
#
_entry.id   7XG2
#
_cell.length_a   1.00
_cell.length_b   1.00
_cell.length_c   1.00
_cell.angle_alpha   90.00
_cell.angle_beta   90.00
_cell.angle_gamma   90.00
#
_symmetry.space_group_name_H-M   'P 1'
#
loop_
_entity.id
_entity.type
_entity.pdbx_description
1 polymer Csf1
2 polymer Csf3
3 polymer Csf2
4 polymer Csf5
5 polymer crRNA
6 polymer NTS
7 polymer TS
8 non-polymer 'ZINC ION'
#
loop_
_entity_poly.entity_id
_entity_poly.type
_entity_poly.pdbx_seq_one_letter_code
_entity_poly.pdbx_strand_id
1 'polypeptide(L)'
;HHHHHHHHHHMRYPSDIVDQVLKAGPDKGLLTWEGVDAACSHCSRPIQNGDLYSPSSVGAFFSDTRDLASTSRSICWRCV
VLRKKPMLYGLSAAVVTQDGIYSISKDVNKAWLFTTPPPAPFLVVHSSSTMQHLSWRTPVTLDNRRIHVRYGPNLFIVRP
EVVRKALSIADRVNEGQKKWVTPVYFDRKAAAMGHGLITRAGAEMLTQEEQEFFQSVTPGERWALSYLMHSKRPEPEVGE
CITEKVMTSLNKE
;
A
2 'polypeptide(L)'
;MVNLKVTIDLSNPMMEPGDLLHLDALLGALRVSRARAEHGDAINPRDYHYDLPLERYQAPSGDWVFKASAFKLKRQLPNQ
MWMQTGRLSIVEAARHRQSGYLQLRAGKPNPAGGPFKTSIYHRPIVQAELTAFCVGDQQGIEALLSECRQIGGKRGVGFG
QVAGFKVEPVAETDCPWSWRALPADADPRLVTSEHARCIAAIRGPYWDRTLHVEALAPTP
;
B
3 'polypeptide(L)'
;MQIEVTVRNITPIFSAAPGSNYITIDGTINPPPGVSRFPLVRTRMMYVAADVGDGVIKSVPLQIVPGNTMRSLLRRTMLK
HVIEPALVEKGNKLSIGAYATAYSGNATGNPDGVPSSFDEIATMRAHPFIGLFGGGPRMLEGRLMVDSLYPIHTNAERIL
GAGYENEMMSGPITQVVWARRMDPILNLGSSEDVEVINGGAVAANGWIQDLLANSKAAASKKKKAAADEDESDGAAEENG
RGLKAFNAHEVVIPGLKWVWRISLDRPTDAQVGLVLLALNKMTNERIAGGHSKDYGRFVIDGVSLNGEQVWSQSGITGGE
QYFDAVAEAIDGLSSKEFEQFAQSAKEA
;
C,D,E,F,G
4 'polypeptide(L)'
;MFVKQVFFDLGARIHADEARALVAKLLDDTQPGLVSALMNYMPASKTSKTEFPLVQFSNFNQGFALLGFGEVGAQILSDA
TPIIHDAMAKLFASRGQGVVVQVSSRDVPLSCEKRPYGLQYTVAKMVVQKKHEHRERLANPETGKVFLEGLFLRSLERQA
AAVGMVLPRDLVVSFKGAERVSSVKLRPDSTLAHGSLRHAVFEVNARLGGLWSVGFLLSKGFGHINTDLQLGQGGTRHAL
SKWSHPQFEKGGGSGGGSGGWSHPQFEK
;
H
5 'polyribonucleotide' GUGAACGGUGGAGCAACACCUGAAGGAAGGCUUGAUGAGCGUGUUCCCCGCAUACGCGGG(23G) I
6 'polydeoxyribonucleotide'
;(DA)(DA)(DC)(DA)(DC)(DC)(DC)(DT)(DT)(DT)(DC)(DA)(DT)(DT)(DA)(DT)(DT)(DA)(DT)(DT)
(DA)(DT)(DT)(DA)(DT)(DT)(DA)(DT)(DT)(DA)(DT)(DT)(DA)(DT)(DT)(DA)(DT)(DT)(DA)(DT)
(DT)(DA)(DT)
;
J
7 'polydeoxyribonucleotide'
;(DC)(DT)(DG)(DC)(DC)(DG)(DC)(DA)(DC)(DT)(DT)(DG)(DC)(DT)(DC)(DA)(DT)(DC)(DA)(DA)
(DG)(DC)(DC)(DT)(DT)(DC)(DC)(DT)(DT)(DC)(DA)(DG)(DG)(DT)(DG)(DT)(DT)(DG)(DC)(DT)
(DC)(DC)(DA)(DG)(DA)(DA)(DA)(DG)(DG)(DG)(DT)(DG)(DT)(DT)
;
K
#
# COMPACT_ATOMS: atom_id res chain seq x y z
N MET A 11 52.93 -23.02 53.37
CA MET A 11 51.51 -23.01 53.06
C MET A 11 50.95 -21.60 53.15
N ARG A 12 51.80 -20.66 53.61
CA ARG A 12 51.36 -19.28 53.76
C ARG A 12 51.24 -18.58 52.42
N TYR A 13 52.18 -18.82 51.50
CA TYR A 13 52.13 -18.17 50.19
C TYR A 13 51.90 -19.22 49.11
N PRO A 14 51.38 -18.84 47.93
CA PRO A 14 51.21 -19.86 46.85
C PRO A 14 52.50 -20.48 46.39
N SER A 15 53.61 -19.73 46.45
CA SER A 15 54.93 -20.24 46.06
C SER A 15 55.42 -21.37 46.95
N ASP A 16 54.77 -21.61 48.10
CA ASP A 16 55.07 -22.76 48.93
C ASP A 16 54.65 -24.08 48.29
N ILE A 17 54.02 -24.06 47.12
CA ILE A 17 53.82 -25.28 46.36
C ILE A 17 55.05 -25.61 45.50
N VAL A 18 56.14 -24.88 45.73
CA VAL A 18 57.40 -25.18 45.06
C VAL A 18 58.38 -25.90 45.99
N ASP A 19 58.40 -25.57 47.28
CA ASP A 19 59.36 -26.20 48.19
C ASP A 19 58.79 -27.31 49.07
N GLN A 20 57.62 -27.03 49.66
CA GLN A 20 56.84 -27.95 50.53
C GLN A 20 56.21 -29.08 49.70
N VAL A 21 55.67 -28.73 48.53
CA VAL A 21 55.02 -29.68 47.58
C VAL A 21 55.65 -29.42 46.19
N LEU A 22 55.67 -30.44 45.32
CA LEU A 22 56.34 -30.33 43.99
C LEU A 22 57.76 -29.82 44.27
N LYS A 23 58.48 -30.55 45.13
CA LYS A 23 59.81 -30.15 45.65
C LYS A 23 60.78 -29.85 44.50
N ALA A 24 61.44 -28.70 44.61
CA ALA A 24 62.46 -28.24 43.62
C ALA A 24 63.35 -27.21 44.30
N GLY A 25 64.54 -26.98 43.77
CA GLY A 25 65.42 -25.97 44.31
C GLY A 25 65.60 -24.81 43.36
N PRO A 26 66.42 -23.83 43.75
CA PRO A 26 66.74 -22.73 42.85
C PRO A 26 67.57 -23.21 41.66
N ASP A 27 67.47 -22.45 40.56
CA ASP A 27 68.19 -22.78 39.34
C ASP A 27 69.66 -22.36 39.37
N LYS A 28 70.08 -21.64 40.42
CA LYS A 28 71.45 -21.26 40.75
C LYS A 28 72.08 -20.29 39.76
N GLY A 29 71.34 -19.77 38.79
CA GLY A 29 71.78 -18.65 37.99
C GLY A 29 71.15 -17.37 38.50
N LEU A 30 70.65 -17.45 39.73
CA LEU A 30 69.84 -16.42 40.34
C LEU A 30 70.70 -15.57 41.27
N LEU A 31 70.36 -14.31 41.41
CA LEU A 31 71.11 -13.45 42.31
C LEU A 31 70.67 -13.63 43.75
N THR A 32 71.49 -13.13 44.67
CA THR A 32 71.19 -13.13 46.09
C THR A 32 70.74 -11.73 46.48
N TRP A 33 69.61 -11.65 47.19
CA TRP A 33 69.01 -10.37 47.52
C TRP A 33 69.86 -9.59 48.52
N GLU A 34 69.92 -8.27 48.34
CA GLU A 34 70.67 -7.39 49.21
C GLU A 34 69.80 -6.21 49.59
N GLY A 35 70.22 -5.50 50.64
CA GLY A 35 69.52 -4.30 51.05
C GLY A 35 68.26 -4.61 51.84
N VAL A 36 67.35 -3.63 51.84
CA VAL A 36 66.07 -3.80 52.53
C VAL A 36 65.23 -4.84 51.78
N ASP A 37 64.43 -5.58 52.54
CA ASP A 37 63.63 -6.64 51.94
C ASP A 37 62.48 -6.06 51.14
N ALA A 38 62.17 -6.72 50.02
CA ALA A 38 61.05 -6.37 49.18
C ALA A 38 60.28 -7.64 48.85
N ALA A 39 58.97 -7.50 48.71
CA ALA A 39 58.16 -8.65 48.33
C ALA A 39 58.38 -8.98 46.86
N CYS A 40 58.20 -10.26 46.53
CA CYS A 40 58.32 -10.69 45.15
C CYS A 40 57.18 -10.13 44.32
N SER A 41 57.47 -9.88 43.04
CA SER A 41 56.45 -9.32 42.15
C SER A 41 55.38 -10.35 41.82
N HIS A 42 55.69 -11.64 41.93
CA HIS A 42 54.77 -12.71 41.59
C HIS A 42 54.29 -13.48 42.81
N CYS A 43 55.21 -13.82 43.73
CA CYS A 43 54.87 -14.68 44.85
C CYS A 43 54.00 -14.00 45.89
N SER A 44 54.17 -12.67 46.05
CA SER A 44 53.80 -11.81 47.17
C SER A 44 54.60 -12.09 48.44
N ARG A 45 55.55 -13.02 48.40
CA ARG A 45 56.48 -13.44 49.43
C ARG A 45 57.62 -12.44 49.56
N PRO A 46 57.95 -12.03 50.79
CA PRO A 46 59.08 -11.12 50.98
C PRO A 46 60.39 -11.79 50.66
N ILE A 47 61.13 -11.21 49.72
CA ILE A 47 62.47 -11.66 49.39
C ILE A 47 63.40 -11.04 50.43
N GLN A 48 63.77 -11.84 51.43
CA GLN A 48 64.66 -11.36 52.47
C GLN A 48 66.10 -11.41 52.00
N ASN A 49 67.01 -10.91 52.83
CA ASN A 49 68.42 -10.97 52.51
C ASN A 49 68.93 -12.41 52.64
N GLY A 50 69.72 -12.83 51.65
CA GLY A 50 70.16 -14.21 51.58
C GLY A 50 69.21 -15.14 50.85
N ASP A 51 68.10 -14.63 50.33
CA ASP A 51 67.15 -15.42 49.56
C ASP A 51 67.41 -15.25 48.08
N LEU A 52 67.32 -16.35 47.33
CA LEU A 52 67.66 -16.34 45.92
C LEU A 52 66.54 -15.66 45.12
N TYR A 53 66.93 -14.75 44.24
CA TYR A 53 65.97 -14.01 43.43
C TYR A 53 66.57 -13.77 42.05
N SER A 54 65.68 -13.45 41.09
CA SER A 54 66.04 -13.07 39.75
C SER A 54 65.54 -11.67 39.46
N PRO A 55 66.29 -10.88 38.69
CA PRO A 55 65.70 -9.70 38.05
C PRO A 55 64.58 -10.13 37.13
N SER A 56 63.52 -9.35 37.10
CA SER A 56 62.32 -9.77 36.38
C SER A 56 62.55 -9.68 34.87
N SER A 57 62.79 -10.84 34.26
CA SER A 57 63.08 -10.96 32.84
C SER A 57 61.85 -11.46 32.09
N VAL A 58 60.67 -11.00 32.49
CA VAL A 58 59.43 -11.37 31.81
C VAL A 58 59.40 -10.80 30.40
N GLY A 59 59.11 -11.66 29.43
CA GLY A 59 58.99 -11.21 28.07
C GLY A 59 57.68 -10.49 27.86
N ALA A 60 57.58 -9.83 26.70
CA ALA A 60 56.46 -8.94 26.40
C ALA A 60 55.12 -9.67 26.25
N PHE A 61 55.13 -11.00 26.18
CA PHE A 61 53.93 -11.80 26.11
C PHE A 61 53.33 -12.10 27.48
N PHE A 62 53.93 -11.57 28.55
CA PHE A 62 53.39 -11.70 29.90
C PHE A 62 52.30 -10.65 30.08
N SER A 63 51.05 -11.11 30.20
CA SER A 63 49.90 -10.20 30.26
C SER A 63 49.30 -10.13 31.66
N ASP A 64 49.99 -10.62 32.68
CA ASP A 64 49.47 -10.66 34.04
C ASP A 64 50.11 -9.59 34.93
N THR A 65 50.35 -8.39 34.39
CA THR A 65 50.85 -7.28 35.19
C THR A 65 49.83 -6.81 36.21
N ARG A 66 48.53 -6.95 35.90
CA ARG A 66 47.49 -6.52 36.82
C ARG A 66 47.45 -7.34 38.09
N ASP A 67 47.90 -8.58 38.03
CA ASP A 67 47.91 -9.44 39.20
C ASP A 67 49.29 -9.55 39.84
N LEU A 68 50.24 -8.73 39.42
CA LEU A 68 51.53 -8.66 40.10
C LEU A 68 51.35 -8.07 41.49
N ALA A 69 52.01 -8.66 42.47
CA ALA A 69 51.84 -8.24 43.85
C ALA A 69 52.54 -6.92 44.13
N SER A 70 53.76 -6.76 43.62
CA SER A 70 54.57 -5.59 43.90
C SER A 70 55.27 -5.14 42.63
N THR A 71 55.81 -3.93 42.69
CA THR A 71 56.59 -3.35 41.60
C THR A 71 58.09 -3.45 41.88
N SER A 72 58.52 -4.50 42.58
CA SER A 72 59.92 -4.63 42.94
C SER A 72 60.79 -5.08 41.78
N ARG A 73 60.18 -5.60 40.70
CA ARG A 73 60.87 -6.19 39.54
C ARG A 73 61.84 -7.29 39.95
N SER A 74 61.47 -8.06 40.97
CA SER A 74 62.33 -9.08 41.55
C SER A 74 61.49 -10.33 41.76
N ILE A 75 61.73 -11.35 40.95
CA ILE A 75 60.99 -12.60 41.02
C ILE A 75 61.74 -13.53 41.95
N CYS A 76 61.04 -14.04 42.96
CA CYS A 76 61.65 -15.02 43.86
C CYS A 76 61.88 -16.33 43.10
N TRP A 77 62.84 -17.12 43.60
CA TRP A 77 63.20 -18.38 42.94
C TRP A 77 62.04 -19.37 42.93
N ARG A 78 61.19 -19.33 43.97
CA ARG A 78 60.00 -20.17 44.00
C ARG A 78 59.03 -19.77 42.89
N CYS A 79 58.91 -18.47 42.62
CA CYS A 79 58.12 -18.05 41.49
C CYS A 79 58.83 -18.23 40.16
N VAL A 80 60.15 -18.36 40.14
CA VAL A 80 60.82 -18.76 38.90
C VAL A 80 60.45 -20.20 38.56
N VAL A 81 60.40 -21.07 39.57
CA VAL A 81 59.89 -22.43 39.35
C VAL A 81 58.39 -22.41 39.03
N LEU A 82 57.65 -21.48 39.61
CA LEU A 82 56.21 -21.35 39.32
C LEU A 82 55.98 -20.86 37.90
N ARG A 83 56.89 -20.05 37.36
CA ARG A 83 56.75 -19.52 36.01
C ARG A 83 57.30 -20.44 34.95
N LYS A 84 57.78 -21.63 35.32
CA LYS A 84 58.18 -22.61 34.31
C LYS A 84 56.96 -23.10 33.54
N LYS A 85 57.10 -23.17 32.22
CA LYS A 85 56.04 -23.64 31.33
C LYS A 85 55.52 -25.04 31.62
N PRO A 86 56.34 -26.06 31.95
CA PRO A 86 55.74 -27.31 32.46
C PRO A 86 54.95 -27.14 33.75
N MET A 87 55.36 -26.22 34.62
CA MET A 87 54.56 -25.94 35.80
C MET A 87 53.39 -25.02 35.48
N LEU A 88 53.41 -24.35 34.31
CA LEU A 88 52.26 -23.58 33.88
C LEU A 88 51.16 -24.48 33.34
N TYR A 89 51.46 -25.26 32.28
CA TYR A 89 50.42 -26.10 31.70
C TYR A 89 50.12 -27.34 32.53
N GLY A 90 51.03 -27.76 33.40
CA GLY A 90 50.75 -28.89 34.27
C GLY A 90 49.76 -28.60 35.37
N LEU A 91 49.54 -27.32 35.67
CA LEU A 91 48.54 -26.88 36.63
C LEU A 91 47.41 -26.11 35.96
N SER A 92 47.01 -26.51 34.75
CA SER A 92 45.89 -25.86 34.08
C SER A 92 44.57 -26.17 34.74
N ALA A 93 44.50 -27.27 35.49
CA ALA A 93 43.33 -27.59 36.34
C ALA A 93 43.87 -28.44 37.47
N ALA A 94 44.15 -27.81 38.61
CA ALA A 94 44.80 -28.52 39.70
C ALA A 94 44.40 -27.93 41.04
N VAL A 95 44.43 -28.79 42.05
CA VAL A 95 44.39 -28.40 43.46
C VAL A 95 45.65 -28.93 44.13
N VAL A 96 46.34 -28.06 44.86
CA VAL A 96 47.63 -28.45 45.42
C VAL A 96 47.52 -28.54 46.93
N THR A 97 47.24 -29.74 47.44
CA THR A 97 47.19 -29.94 48.87
C THR A 97 48.61 -30.09 49.43
N GLN A 98 48.70 -30.40 50.73
CA GLN A 98 50.01 -30.49 51.36
C GLN A 98 50.69 -31.81 51.06
N ASP A 99 49.95 -32.78 50.54
CA ASP A 99 50.57 -34.07 50.21
C ASP A 99 50.94 -34.15 48.73
N GLY A 100 50.09 -33.62 47.85
CA GLY A 100 50.40 -33.68 46.43
C GLY A 100 49.44 -32.84 45.62
N ILE A 101 49.66 -32.85 44.33
CA ILE A 101 48.85 -32.12 43.36
C ILE A 101 47.83 -33.07 42.76
N TYR A 102 46.58 -32.62 42.66
CA TYR A 102 45.50 -33.41 42.10
C TYR A 102 44.87 -32.60 40.97
N SER A 103 44.25 -33.29 40.03
CA SER A 103 43.67 -32.64 38.87
C SER A 103 42.17 -32.45 39.05
N ILE A 104 41.67 -31.32 38.55
CA ILE A 104 40.24 -31.02 38.64
C ILE A 104 39.67 -30.79 37.23
N SER A 105 40.26 -31.45 36.24
CA SER A 105 39.76 -31.31 34.86
C SER A 105 38.40 -31.96 34.70
N LYS A 106 38.19 -33.13 35.30
CA LYS A 106 36.89 -33.79 35.22
C LYS A 106 35.90 -33.12 36.18
N ASP A 107 34.63 -33.26 35.85
CA ASP A 107 33.58 -32.66 36.68
C ASP A 107 33.34 -33.41 37.97
N VAL A 108 33.64 -34.72 38.00
CA VAL A 108 33.61 -35.47 39.26
C VAL A 108 34.72 -34.96 40.19
N ASN A 109 35.85 -34.55 39.61
CA ASN A 109 36.93 -34.00 40.42
C ASN A 109 36.57 -32.65 40.99
N LYS A 110 35.86 -31.82 40.22
CA LYS A 110 35.36 -30.56 40.76
C LYS A 110 34.23 -30.80 41.77
N ALA A 111 33.49 -31.89 41.63
CA ALA A 111 32.50 -32.25 42.64
C ALA A 111 33.19 -32.64 43.95
N TRP A 112 34.34 -33.30 43.87
CA TRP A 112 35.10 -33.61 45.08
C TRP A 112 35.77 -32.36 45.64
N LEU A 113 36.13 -31.42 44.77
CA LEU A 113 36.78 -30.20 45.22
C LEU A 113 35.79 -29.27 45.91
N PHE A 114 34.55 -29.22 45.42
CA PHE A 114 33.63 -28.20 45.89
C PHE A 114 32.57 -28.78 46.81
N THR A 115 32.44 -30.11 46.85
CA THR A 115 31.71 -30.80 47.90
C THR A 115 32.66 -31.80 48.55
N THR A 116 32.62 -31.86 49.90
CA THR A 116 33.61 -32.46 50.79
C THR A 116 35.07 -32.29 50.33
N PRO A 117 35.62 -31.08 50.43
CA PRO A 117 37.00 -30.83 49.96
C PRO A 117 38.01 -31.43 50.92
N PRO A 118 39.28 -31.56 50.51
CA PRO A 118 40.31 -32.04 51.44
C PRO A 118 40.58 -31.01 52.52
N PRO A 119 40.97 -31.46 53.71
CA PRO A 119 41.14 -30.52 54.83
C PRO A 119 42.47 -29.78 54.86
N ALA A 120 43.35 -30.00 53.88
CA ALA A 120 44.65 -29.36 53.87
C ALA A 120 44.51 -27.87 53.53
N PRO A 121 45.55 -27.07 53.81
CA PRO A 121 45.59 -25.72 53.23
C PRO A 121 45.93 -25.75 51.74
N PHE A 122 44.95 -26.11 50.91
CA PHE A 122 45.22 -26.40 49.51
C PHE A 122 45.23 -25.10 48.69
N LEU A 123 45.31 -25.25 47.36
CA LEU A 123 45.41 -24.10 46.47
C LEU A 123 44.80 -24.50 45.14
N VAL A 124 43.75 -23.80 44.72
CA VAL A 124 42.97 -24.20 43.55
C VAL A 124 43.27 -23.27 42.39
N VAL A 125 43.80 -23.84 41.30
CA VAL A 125 44.17 -23.11 40.11
C VAL A 125 43.47 -23.77 38.93
N HIS A 126 42.87 -22.96 38.05
CA HIS A 126 42.16 -23.48 36.90
C HIS A 126 42.32 -22.51 35.74
N SER A 127 42.34 -23.03 34.53
CA SER A 127 42.62 -22.23 33.34
C SER A 127 41.35 -21.99 32.54
N SER A 128 41.11 -20.73 32.17
CA SER A 128 40.07 -20.37 31.23
C SER A 128 40.57 -20.40 29.80
N SER A 129 41.81 -20.81 29.58
CA SER A 129 42.42 -20.82 28.26
C SER A 129 43.41 -21.97 28.18
N THR A 130 44.28 -21.92 27.18
CA THR A 130 45.26 -22.98 26.97
C THR A 130 46.34 -22.97 28.05
N MET A 131 46.93 -21.80 28.31
CA MET A 131 47.95 -21.69 29.34
C MET A 131 48.02 -20.24 29.81
N GLN A 132 48.00 -20.04 31.12
CA GLN A 132 48.04 -18.72 31.70
C GLN A 132 48.95 -18.74 32.92
N HIS A 133 49.55 -17.58 33.21
CA HIS A 133 50.33 -17.41 34.44
C HIS A 133 49.36 -17.34 35.59
N LEU A 134 49.21 -18.48 36.26
CA LEU A 134 47.97 -18.81 36.95
C LEU A 134 48.16 -19.00 38.45
N SER A 135 49.28 -19.58 38.87
CA SER A 135 49.38 -20.13 40.21
C SER A 135 49.84 -19.11 41.24
N TRP A 136 50.72 -18.18 40.84
CA TRP A 136 51.34 -17.28 41.81
C TRP A 136 50.40 -16.18 42.26
N ARG A 137 49.40 -15.82 41.44
CA ARG A 137 48.54 -14.69 41.74
C ARG A 137 47.38 -15.04 42.66
N THR A 138 47.26 -16.30 43.07
CA THR A 138 46.10 -16.64 43.87
C THR A 138 46.49 -17.06 45.29
N PRO A 139 45.69 -16.65 46.28
CA PRO A 139 46.03 -16.97 47.67
C PRO A 139 45.74 -18.41 48.03
N VAL A 140 46.36 -18.86 49.12
CA VAL A 140 46.16 -20.21 49.61
C VAL A 140 44.89 -20.26 50.47
N THR A 141 44.13 -21.33 50.33
CA THR A 141 42.88 -21.53 51.05
C THR A 141 43.21 -22.22 52.37
N LEU A 142 43.37 -21.43 53.43
CA LEU A 142 43.74 -22.02 54.72
C LEU A 142 42.57 -22.76 55.36
N ASP A 143 41.37 -22.20 55.29
CA ASP A 143 40.19 -22.85 55.82
C ASP A 143 39.50 -23.60 54.69
N ASN A 144 38.82 -24.70 55.05
CA ASN A 144 38.16 -25.53 54.06
C ASN A 144 36.92 -24.83 53.50
N ARG A 145 36.23 -24.04 54.32
CA ARG A 145 34.92 -23.52 53.96
C ARG A 145 34.99 -22.32 53.02
N ARG A 146 36.17 -21.74 52.82
CA ARG A 146 36.34 -20.60 51.93
C ARG A 146 37.52 -20.91 51.02
N ILE A 147 37.23 -21.14 49.75
CA ILE A 147 38.22 -21.57 48.77
C ILE A 147 38.51 -20.42 47.82
N HIS A 148 39.78 -20.05 47.70
CA HIS A 148 40.25 -19.07 46.72
C HIS A 148 40.62 -19.82 45.45
N VAL A 149 39.74 -19.77 44.47
CA VAL A 149 39.96 -20.39 43.16
C VAL A 149 40.50 -19.31 42.24
N ARG A 150 41.51 -19.64 41.45
CA ARG A 150 41.89 -18.77 40.35
C ARG A 150 41.30 -19.37 39.09
N TYR A 151 40.61 -18.55 38.29
CA TYR A 151 40.09 -19.00 37.01
C TYR A 151 40.41 -17.94 35.97
N GLY A 152 41.37 -18.26 35.10
CA GLY A 152 41.78 -17.37 34.04
C GLY A 152 42.29 -16.05 34.56
N PRO A 153 41.66 -14.95 34.13
CA PRO A 153 42.03 -13.63 34.62
C PRO A 153 41.35 -13.20 35.90
N ASN A 154 40.50 -14.03 36.51
CA ASN A 154 39.74 -13.58 37.67
C ASN A 154 40.01 -14.45 38.89
N LEU A 155 39.92 -13.83 40.07
CA LEU A 155 39.95 -14.54 41.34
C LEU A 155 38.52 -14.79 41.80
N PHE A 156 38.30 -15.96 42.36
CA PHE A 156 36.97 -16.49 42.65
C PHE A 156 36.96 -17.02 44.06
N ILE A 157 35.82 -16.93 44.73
CA ILE A 157 35.66 -17.42 46.09
C ILE A 157 34.51 -18.41 46.10
N VAL A 158 34.75 -19.61 46.60
CA VAL A 158 33.78 -20.69 46.59
C VAL A 158 33.58 -21.19 48.02
N ARG A 159 32.32 -21.26 48.46
CA ARG A 159 31.98 -21.88 49.74
C ARG A 159 31.42 -23.28 49.51
N PRO A 160 32.10 -24.34 49.95
CA PRO A 160 31.57 -25.70 49.81
C PRO A 160 30.20 -25.94 50.43
N GLU A 161 29.88 -25.35 51.58
CA GLU A 161 28.60 -25.66 52.23
C GLU A 161 27.43 -25.02 51.49
N VAL A 162 27.62 -23.82 50.96
CA VAL A 162 26.61 -23.18 50.11
C VAL A 162 26.50 -23.94 48.79
N VAL A 163 27.61 -24.52 48.32
CA VAL A 163 27.58 -25.35 47.12
C VAL A 163 26.72 -26.59 47.36
N ARG A 164 26.88 -27.25 48.51
CA ARG A 164 26.03 -28.40 48.83
C ARG A 164 24.58 -28.00 49.05
N LYS A 165 24.33 -26.80 49.57
CA LYS A 165 22.96 -26.33 49.73
C LYS A 165 22.30 -26.12 48.37
N ALA A 166 23.03 -25.51 47.42
CA ALA A 166 22.52 -25.34 46.07
C ALA A 166 22.31 -26.67 45.37
N LEU A 167 23.20 -27.65 45.62
CA LEU A 167 23.01 -28.99 45.08
C LEU A 167 21.81 -29.70 45.69
N SER A 168 21.57 -29.50 47.00
CA SER A 168 20.41 -30.11 47.63
C SER A 168 19.12 -29.53 47.07
N ILE A 169 19.10 -28.21 46.84
CA ILE A 169 17.94 -27.57 46.22
C ILE A 169 17.73 -28.07 44.79
N ALA A 170 18.82 -28.17 44.01
CA ALA A 170 18.72 -28.60 42.62
C ALA A 170 18.30 -30.05 42.50
N ASP A 171 18.76 -30.90 43.42
CA ASP A 171 18.33 -32.30 43.42
C ASP A 171 16.89 -32.42 43.89
N ARG A 172 16.48 -31.56 44.85
CA ARG A 172 15.13 -31.65 45.41
C ARG A 172 14.08 -31.21 44.41
N VAL A 173 14.38 -30.16 43.63
CA VAL A 173 13.40 -29.68 42.65
C VAL A 173 13.28 -30.56 41.42
N ASN A 174 14.12 -31.58 41.29
CA ASN A 174 14.03 -32.52 40.18
C ASN A 174 13.72 -33.94 40.64
N GLU A 175 13.21 -34.12 41.85
CA GLU A 175 12.70 -35.42 42.26
C GLU A 175 11.38 -35.72 41.57
N GLY A 176 11.24 -36.95 41.08
CA GLY A 176 10.02 -37.37 40.43
C GLY A 176 9.88 -36.95 38.99
N GLN A 177 10.86 -36.25 38.43
CA GLN A 177 10.81 -35.80 37.05
C GLN A 177 11.74 -36.68 36.22
N LYS A 178 11.23 -37.14 35.07
CA LYS A 178 12.03 -37.98 34.18
C LYS A 178 13.16 -37.19 33.54
N LYS A 179 12.86 -35.97 33.08
CA LYS A 179 13.86 -35.12 32.45
C LYS A 179 14.44 -34.17 33.50
N TRP A 180 15.77 -34.14 33.58
CA TRP A 180 16.43 -33.29 34.56
C TRP A 180 16.53 -31.87 34.02
N VAL A 181 15.86 -30.93 34.69
CA VAL A 181 15.80 -29.54 34.26
C VAL A 181 16.55 -28.69 35.28
N THR A 182 17.43 -27.82 34.79
CA THR A 182 18.18 -26.97 35.70
C THR A 182 17.35 -25.78 36.15
N PRO A 183 17.44 -25.40 37.41
CA PRO A 183 16.84 -24.13 37.87
C PRO A 183 17.48 -22.90 37.26
N VAL A 184 18.81 -22.81 37.31
CA VAL A 184 19.52 -21.61 36.86
C VAL A 184 20.67 -22.04 35.95
N TYR A 185 20.77 -21.38 34.80
CA TYR A 185 21.89 -21.62 33.89
C TYR A 185 23.15 -21.00 34.45
N PHE A 186 24.24 -21.75 34.43
CA PHE A 186 25.56 -21.24 34.78
C PHE A 186 26.52 -21.62 33.66
N ASP A 187 27.42 -20.69 33.31
CA ASP A 187 28.34 -20.87 32.19
C ASP A 187 29.69 -21.37 32.71
N ARG A 188 30.19 -22.45 32.09
CA ARG A 188 31.47 -23.03 32.48
C ARG A 188 32.62 -22.06 32.22
N LYS A 189 32.53 -21.32 31.12
CA LYS A 189 33.51 -20.29 30.83
C LYS A 189 33.32 -19.04 31.68
N ALA A 190 32.19 -18.94 32.41
CA ALA A 190 31.77 -17.75 33.15
C ALA A 190 31.76 -16.52 32.25
N ALA A 191 31.28 -16.68 31.02
CA ALA A 191 31.44 -15.69 29.97
C ALA A 191 30.11 -15.22 29.37
N ALA A 192 29.08 -16.04 29.43
CA ALA A 192 27.79 -15.66 28.85
C ALA A 192 27.12 -14.60 29.70
N MET A 193 26.28 -13.79 29.05
CA MET A 193 25.46 -12.83 29.78
C MET A 193 24.49 -13.52 30.73
N GLY A 194 23.97 -14.67 30.33
CA GLY A 194 23.05 -15.42 31.16
C GLY A 194 23.68 -16.21 32.28
N HIS A 195 25.00 -16.08 32.48
CA HIS A 195 25.67 -16.76 33.58
C HIS A 195 25.23 -16.16 34.90
N GLY A 196 24.35 -16.87 35.61
CA GLY A 196 23.65 -16.34 36.74
C GLY A 196 22.19 -16.04 36.49
N LEU A 197 21.75 -16.02 35.24
CA LEU A 197 20.33 -15.83 34.94
C LEU A 197 19.56 -17.11 35.22
N ILE A 198 18.47 -16.98 35.96
CA ILE A 198 17.66 -18.14 36.34
C ILE A 198 16.73 -18.49 35.18
N THR A 199 16.54 -19.79 34.95
CA THR A 199 15.71 -20.26 33.85
C THR A 199 14.24 -20.10 34.20
N ARG A 200 13.39 -20.16 33.16
CA ARG A 200 11.95 -19.99 33.37
C ARG A 200 11.35 -21.21 34.06
N ALA A 201 11.91 -22.39 33.85
CA ALA A 201 11.53 -23.55 34.67
C ALA A 201 11.95 -23.34 36.11
N GLY A 202 13.16 -22.80 36.33
CA GLY A 202 13.59 -22.44 37.66
C GLY A 202 12.80 -21.29 38.25
N ALA A 203 12.42 -20.32 37.40
CA ALA A 203 11.59 -19.21 37.87
C ALA A 203 10.20 -19.67 38.27
N GLU A 204 9.65 -20.64 37.54
CA GLU A 204 8.33 -21.16 37.87
C GLU A 204 8.39 -22.20 38.98
N MET A 205 9.57 -22.72 39.30
CA MET A 205 9.67 -23.81 40.27
C MET A 205 10.23 -23.34 41.61
N LEU A 206 11.33 -22.58 41.62
CA LEU A 206 12.01 -22.20 42.84
C LEU A 206 11.23 -21.11 43.57
N THR A 207 11.27 -21.15 44.90
CA THR A 207 10.71 -20.07 45.70
C THR A 207 11.58 -18.83 45.58
N GLN A 208 10.99 -17.67 45.89
CA GLN A 208 11.69 -16.39 45.77
C GLN A 208 12.86 -16.30 46.74
N GLU A 209 12.74 -16.93 47.91
CA GLU A 209 13.87 -17.03 48.82
C GLU A 209 15.00 -17.84 48.19
N GLU A 210 14.67 -18.91 47.48
CA GLU A 210 15.69 -19.71 46.82
C GLU A 210 16.25 -19.02 45.57
N GLN A 211 15.44 -18.22 44.88
CA GLN A 211 15.97 -17.41 43.79
C GLN A 211 16.95 -16.35 44.30
N GLU A 212 16.62 -15.72 45.43
CA GLU A 212 17.55 -14.77 46.03
C GLU A 212 18.76 -15.47 46.62
N PHE A 213 18.61 -16.74 47.02
CA PHE A 213 19.75 -17.53 47.47
C PHE A 213 20.70 -17.82 46.32
N PHE A 214 20.16 -18.25 45.17
CA PHE A 214 20.99 -18.51 44.00
C PHE A 214 21.55 -17.23 43.41
N GLN A 215 20.93 -16.08 43.69
CA GLN A 215 21.52 -14.80 43.33
C GLN A 215 22.56 -14.35 44.35
N SER A 216 22.47 -14.84 45.58
CA SER A 216 23.34 -14.38 46.66
C SER A 216 24.69 -15.10 46.69
N VAL A 217 24.86 -16.15 45.89
CA VAL A 217 26.14 -16.85 45.88
C VAL A 217 27.18 -16.04 45.14
N THR A 218 28.45 -16.27 45.45
CA THR A 218 29.53 -15.57 44.79
C THR A 218 29.68 -16.06 43.35
N PRO A 219 30.23 -15.22 42.47
CA PRO A 219 30.40 -15.64 41.06
C PRO A 219 31.32 -16.83 40.87
N GLY A 220 32.26 -17.04 41.80
CA GLY A 220 33.02 -18.27 41.79
C GLY A 220 32.17 -19.49 42.07
N GLU A 221 31.17 -19.33 42.94
CA GLU A 221 30.25 -20.42 43.21
C GLU A 221 29.35 -20.68 42.01
N ARG A 222 28.97 -19.63 41.28
CA ARG A 222 28.22 -19.82 40.04
C ARG A 222 29.05 -20.55 39.00
N TRP A 223 30.33 -20.19 38.90
CA TRP A 223 31.24 -20.85 37.96
C TRP A 223 31.47 -22.31 38.35
N ALA A 224 31.56 -22.59 39.64
CA ALA A 224 31.73 -23.97 40.12
C ALA A 224 30.48 -24.80 39.87
N LEU A 225 29.32 -24.20 40.16
CA LEU A 225 28.05 -24.88 39.97
C LEU A 225 27.79 -25.14 38.49
N SER A 226 28.41 -24.34 37.61
CA SER A 226 28.36 -24.67 36.18
C SER A 226 29.01 -26.01 35.87
N TYR A 227 30.11 -26.32 36.54
CA TYR A 227 30.70 -27.64 36.35
C TYR A 227 29.96 -28.70 37.14
N LEU A 228 29.06 -28.29 38.02
CA LEU A 228 28.31 -29.27 38.80
C LEU A 228 26.81 -28.99 38.94
N MET A 229 26.17 -28.37 37.92
CA MET A 229 24.71 -28.38 37.74
C MET A 229 24.27 -29.01 36.43
N HIS A 230 25.11 -29.81 35.78
CA HIS A 230 24.69 -30.44 34.55
C HIS A 230 23.82 -31.66 34.84
N SER A 231 23.25 -32.23 33.77
CA SER A 231 22.20 -33.23 33.90
C SER A 231 22.73 -34.55 34.47
N LYS A 232 23.91 -34.97 34.02
CA LYS A 232 24.52 -36.22 34.48
C LYS A 232 25.35 -35.93 35.73
N ARG A 233 24.64 -35.75 36.85
CA ARG A 233 25.11 -35.23 38.13
C ARG A 233 26.34 -35.95 38.69
N PRO A 234 27.43 -35.22 38.96
CA PRO A 234 28.71 -35.87 39.27
C PRO A 234 28.81 -36.26 40.75
N GLU A 235 29.11 -37.53 40.98
CA GLU A 235 29.39 -37.98 42.33
C GLU A 235 30.81 -37.54 42.69
N PRO A 236 31.02 -36.95 43.88
CA PRO A 236 32.37 -36.43 44.23
C PRO A 236 33.45 -37.48 44.30
N GLU A 237 34.37 -37.44 43.33
CA GLU A 237 35.43 -38.43 43.21
C GLU A 237 36.77 -37.71 43.09
N VAL A 238 37.76 -38.20 43.84
CA VAL A 238 39.06 -37.53 43.92
C VAL A 238 39.79 -37.65 42.60
N GLY A 239 40.38 -36.54 42.15
CA GLY A 239 41.22 -36.59 40.97
C GLY A 239 42.47 -37.40 41.22
N GLU A 240 43.00 -38.00 40.15
CA GLU A 240 44.22 -38.79 40.27
C GLU A 240 45.40 -37.87 40.55
N CYS A 241 46.35 -38.37 41.34
CA CYS A 241 47.44 -37.56 41.82
C CYS A 241 48.45 -37.33 40.69
N ILE A 242 48.67 -36.06 40.34
CA ILE A 242 49.48 -35.72 39.20
C ILE A 242 50.80 -35.07 39.59
N THR A 243 51.16 -35.10 40.87
CA THR A 243 52.39 -34.42 41.29
C THR A 243 53.63 -35.18 40.82
N GLU A 244 53.53 -36.50 40.65
CA GLU A 244 54.60 -37.24 40.01
C GLU A 244 54.71 -36.88 38.53
N LYS A 245 53.56 -36.67 37.88
CA LYS A 245 53.53 -36.32 36.46
C LYS A 245 54.16 -34.94 36.22
N VAL A 246 53.79 -33.95 37.03
CA VAL A 246 54.32 -32.61 36.79
C VAL A 246 55.72 -32.47 37.36
N MET A 247 56.10 -33.33 38.32
CA MET A 247 57.50 -33.37 38.74
C MET A 247 58.38 -33.98 37.65
N THR A 248 57.88 -35.01 36.97
CA THR A 248 58.62 -35.60 35.85
C THR A 248 58.69 -34.64 34.67
N SER A 249 57.61 -33.90 34.42
CA SER A 249 57.62 -32.89 33.36
C SER A 249 58.52 -31.72 33.72
N LEU A 250 58.62 -31.39 35.01
CA LEU A 250 59.55 -30.34 35.44
C LEU A 250 60.99 -30.83 35.48
N ASN A 251 61.21 -32.10 35.84
CA ASN A 251 62.55 -32.65 35.93
C ASN A 251 62.72 -33.83 34.99
N VAL B 2 28.87 6.41 67.54
CA VAL B 2 27.53 6.81 67.13
C VAL B 2 26.82 5.57 66.59
N ASN B 3 27.63 4.60 66.13
CA ASN B 3 27.19 3.24 65.79
C ASN B 3 26.14 3.25 64.68
N LEU B 4 26.56 3.69 63.49
CA LEU B 4 25.65 4.02 62.42
C LEU B 4 25.74 3.04 61.26
N LYS B 5 24.67 2.97 60.47
CA LYS B 5 24.59 2.17 59.26
C LYS B 5 24.43 3.09 58.06
N VAL B 6 25.20 2.83 57.00
CA VAL B 6 25.15 3.61 55.78
C VAL B 6 24.68 2.71 54.63
N THR B 7 23.69 3.16 53.89
CA THR B 7 23.28 2.46 52.67
C THR B 7 23.46 3.38 51.47
N ILE B 8 23.71 2.75 50.33
CA ILE B 8 24.00 3.42 49.07
C ILE B 8 23.13 2.79 48.00
N ASP B 9 22.42 3.64 47.24
CA ASP B 9 21.76 3.22 46.01
C ASP B 9 22.48 3.84 44.82
N LEU B 10 22.54 3.10 43.72
CA LEU B 10 23.38 3.46 42.59
C LEU B 10 22.60 3.33 41.30
N SER B 11 22.67 4.37 40.45
CA SER B 11 21.90 4.38 39.22
C SER B 11 22.46 3.39 38.21
N ASN B 12 23.75 3.47 37.94
CA ASN B 12 24.44 2.50 37.11
C ASN B 12 24.66 1.22 37.90
N PRO B 13 24.65 0.06 37.25
CA PRO B 13 25.11 -1.15 37.92
C PRO B 13 26.62 -1.11 38.12
N MET B 14 27.10 -1.93 39.05
CA MET B 14 28.52 -1.97 39.36
C MET B 14 29.08 -3.36 39.07
N MET B 15 30.40 -3.47 39.11
CA MET B 15 31.04 -4.77 39.10
C MET B 15 30.71 -5.48 40.40
N GLU B 16 30.33 -6.76 40.31
CA GLU B 16 30.15 -7.54 41.51
C GLU B 16 31.51 -7.79 42.12
N PRO B 17 31.73 -7.42 43.39
CA PRO B 17 33.08 -7.51 43.96
C PRO B 17 33.49 -8.95 44.21
N GLY B 18 34.66 -9.31 43.69
CA GLY B 18 35.16 -10.67 43.86
C GLY B 18 35.50 -10.98 45.30
N ASP B 19 36.15 -10.04 45.99
CA ASP B 19 36.34 -10.11 47.43
C ASP B 19 35.57 -8.97 48.07
N LEU B 20 35.72 -8.83 49.38
CA LEU B 20 34.82 -7.98 50.15
C LEU B 20 35.07 -6.50 49.88
N LEU B 21 33.99 -5.78 49.53
CA LEU B 21 34.00 -4.34 49.35
C LEU B 21 33.79 -3.69 50.70
N HIS B 22 34.88 -3.36 51.37
CA HIS B 22 34.80 -2.78 52.71
C HIS B 22 34.47 -1.30 52.63
N LEU B 23 33.69 -0.84 53.62
CA LEU B 23 33.34 0.57 53.72
C LEU B 23 34.57 1.42 54.05
N ASP B 24 35.45 0.89 54.90
CA ASP B 24 36.67 1.61 55.27
C ASP B 24 37.62 1.77 54.08
N ALA B 25 37.61 0.82 53.16
CA ALA B 25 38.38 0.96 51.93
C ALA B 25 37.87 2.11 51.08
N LEU B 26 36.55 2.21 50.93
CA LEU B 26 35.93 3.29 50.17
C LEU B 26 36.17 4.64 50.84
N LEU B 27 36.05 4.68 52.16
CA LEU B 27 36.29 5.93 52.89
C LEU B 27 37.77 6.32 52.85
N GLY B 28 38.66 5.33 52.85
CA GLY B 28 40.08 5.62 52.71
C GLY B 28 40.42 6.17 51.34
N ALA B 29 39.82 5.62 50.28
CA ALA B 29 40.04 6.16 48.95
C ALA B 29 39.45 7.55 48.80
N LEU B 30 38.31 7.80 49.45
CA LEU B 30 37.72 9.14 49.42
C LEU B 30 38.56 10.14 50.19
N ARG B 31 39.13 9.74 51.32
CA ARG B 31 40.03 10.61 52.08
C ARG B 31 41.32 10.86 51.32
N VAL B 32 41.81 9.86 50.58
CA VAL B 32 42.98 10.04 49.73
C VAL B 32 42.67 11.03 48.59
N SER B 33 41.48 10.93 48.01
CA SER B 33 41.07 11.87 46.97
C SER B 33 40.92 13.29 47.53
N ARG B 34 40.41 13.39 48.77
CA ARG B 34 40.30 14.69 49.43
C ARG B 34 41.67 15.29 49.71
N ALA B 35 42.63 14.45 50.11
CA ALA B 35 44.00 14.90 50.36
C ALA B 35 44.69 15.30 49.05
N ARG B 36 44.36 14.62 47.96
CA ARG B 36 44.87 15.03 46.66
C ARG B 36 44.25 16.34 46.22
N ALA B 37 43.00 16.59 46.60
CA ALA B 37 42.36 17.87 46.32
C ALA B 37 43.02 19.00 47.09
N GLU B 38 43.39 18.76 48.35
CA GLU B 38 44.03 19.81 49.14
C GLU B 38 45.54 19.88 48.90
N HIS B 39 46.25 18.79 49.19
CA HIS B 39 47.72 18.80 49.24
C HIS B 39 48.36 18.46 47.91
N GLY B 40 47.64 18.62 46.80
CA GLY B 40 48.19 18.32 45.49
C GLY B 40 48.24 16.83 45.21
N ASP B 41 48.59 16.51 43.96
CA ASP B 41 48.65 15.12 43.55
C ASP B 41 49.88 14.41 44.09
N ALA B 42 50.94 15.15 44.45
CA ALA B 42 52.18 14.56 44.94
C ALA B 42 52.07 14.32 46.44
N ILE B 43 51.28 13.31 46.79
CA ILE B 43 51.15 12.87 48.18
C ILE B 43 51.42 11.38 48.25
N ASN B 44 51.80 10.93 49.44
CA ASN B 44 51.78 9.52 49.77
C ASN B 44 50.34 9.17 50.11
N PRO B 45 49.69 8.27 49.38
CA PRO B 45 48.32 7.90 49.72
C PRO B 45 48.21 7.11 51.02
N ARG B 46 49.30 6.49 51.47
CA ARG B 46 49.27 5.73 52.72
C ARG B 46 49.38 6.61 53.96
N ASP B 47 49.71 7.89 53.80
CA ASP B 47 49.69 8.78 54.95
C ASP B 47 48.27 9.06 55.41
N TYR B 48 47.34 9.21 54.46
CA TYR B 48 46.01 9.71 54.77
C TYR B 48 44.91 8.66 54.62
N HIS B 49 45.23 7.45 54.15
CA HIS B 49 44.20 6.46 53.96
C HIS B 49 43.70 5.86 55.27
N TYR B 50 44.40 6.10 56.38
CA TYR B 50 43.93 5.72 57.71
C TYR B 50 43.32 6.89 58.47
N ASP B 51 43.26 8.08 57.87
CA ASP B 51 42.72 9.28 58.51
C ASP B 51 41.20 9.29 58.28
N LEU B 52 40.52 8.39 58.98
CA LEU B 52 39.12 8.19 58.68
C LEU B 52 38.24 8.58 59.86
N PRO B 53 37.00 9.01 59.60
CA PRO B 53 36.02 9.14 60.69
C PRO B 53 35.47 7.78 61.10
N LEU B 54 36.32 6.96 61.71
CA LEU B 54 36.00 5.58 62.04
C LEU B 54 36.80 5.20 63.28
N GLU B 55 36.17 4.46 64.18
CA GLU B 55 36.90 3.90 65.30
C GLU B 55 37.74 2.71 64.83
N ARG B 56 38.66 2.29 65.68
CA ARG B 56 39.57 1.20 65.35
C ARG B 56 39.46 0.11 66.39
N TYR B 57 39.32 -1.13 65.95
CA TYR B 57 39.28 -2.29 66.83
C TYR B 57 40.67 -2.90 66.90
N GLN B 58 41.15 -3.12 68.13
CA GLN B 58 42.48 -3.66 68.36
C GLN B 58 42.36 -5.14 68.71
N ALA B 59 43.01 -5.99 67.93
CA ALA B 59 43.10 -7.40 68.26
C ALA B 59 44.04 -7.58 69.46
N PRO B 60 43.93 -8.71 70.18
CA PRO B 60 44.81 -8.93 71.35
C PRO B 60 46.31 -8.94 71.07
N SER B 61 46.73 -9.27 69.86
CA SER B 61 48.15 -9.19 69.49
C SER B 61 48.28 -8.28 68.27
N GLY B 62 48.36 -6.97 68.53
CA GLY B 62 48.45 -5.99 67.44
C GLY B 62 47.19 -6.00 66.60
N ASP B 63 47.39 -5.89 65.27
CA ASP B 63 46.40 -6.24 64.25
C ASP B 63 45.12 -5.42 64.35
N TRP B 64 45.27 -4.10 64.32
CA TRP B 64 44.12 -3.23 64.38
C TRP B 64 43.42 -3.21 63.04
N VAL B 65 42.08 -3.14 63.07
CA VAL B 65 41.26 -2.98 61.88
C VAL B 65 40.36 -1.77 62.11
N PHE B 66 39.80 -1.27 61.01
CA PHE B 66 38.78 -0.24 61.15
C PHE B 66 37.47 -0.88 61.59
N LYS B 67 36.58 -0.06 62.13
CA LYS B 67 35.31 -0.53 62.65
C LYS B 67 34.24 -0.66 61.57
N ALA B 68 34.60 -0.55 60.30
CA ALA B 68 33.64 -0.64 59.22
C ALA B 68 33.31 -2.10 58.92
N SER B 69 32.50 -2.31 57.90
CA SER B 69 32.13 -3.64 57.44
C SER B 69 32.17 -3.67 55.92
N ALA B 70 32.15 -4.88 55.38
CA ALA B 70 32.02 -5.05 53.94
C ALA B 70 30.59 -4.75 53.53
N PHE B 71 30.42 -4.19 52.34
CA PHE B 71 29.10 -3.84 51.85
C PHE B 71 28.29 -5.09 51.52
N LYS B 72 27.16 -5.24 52.20
CA LYS B 72 26.19 -6.28 51.87
C LYS B 72 25.31 -5.79 50.74
N LEU B 73 24.89 -6.71 49.88
CA LEU B 73 24.14 -6.38 48.68
C LEU B 73 22.74 -6.96 48.78
N LYS B 74 21.73 -6.09 48.68
CA LYS B 74 20.34 -6.52 48.50
C LYS B 74 20.02 -6.33 47.03
N ARG B 75 19.88 -7.44 46.30
CA ARG B 75 19.90 -7.39 44.85
C ARG B 75 18.58 -6.90 44.27
N GLN B 76 18.63 -5.79 43.56
CA GLN B 76 17.47 -5.28 42.84
C GLN B 76 17.32 -5.90 41.46
N LEU B 77 18.40 -6.48 40.92
CA LEU B 77 18.48 -6.98 39.57
C LEU B 77 19.06 -8.39 39.57
N PRO B 78 18.78 -9.19 38.55
CA PRO B 78 19.53 -10.43 38.36
C PRO B 78 20.99 -10.15 38.04
N ASN B 79 21.86 -11.04 38.51
CA ASN B 79 23.29 -10.88 38.29
C ASN B 79 23.63 -11.21 36.85
N GLN B 80 24.25 -10.25 36.16
CA GLN B 80 24.60 -10.43 34.76
C GLN B 80 26.12 -10.38 34.63
N MET B 81 26.61 -10.41 33.39
CA MET B 81 28.04 -10.50 33.16
C MET B 81 28.45 -9.46 32.14
N TRP B 82 29.51 -8.72 32.43
CA TRP B 82 30.07 -7.74 31.50
C TRP B 82 31.27 -8.36 30.80
N MET B 83 31.11 -8.65 29.53
CA MET B 83 32.24 -8.87 28.65
C MET B 83 32.93 -7.55 28.38
N GLN B 84 34.26 -7.56 28.44
CA GLN B 84 35.05 -6.46 27.93
C GLN B 84 36.26 -7.06 27.25
N THR B 85 36.84 -6.31 26.32
CA THR B 85 37.99 -6.78 25.58
C THR B 85 39.08 -5.72 25.61
N GLY B 86 40.31 -6.19 25.53
CA GLY B 86 41.44 -5.32 25.30
C GLY B 86 42.07 -5.68 23.97
N ARG B 87 41.94 -4.83 22.97
CA ARG B 87 42.57 -5.06 21.68
C ARG B 87 43.34 -3.80 21.28
N LEU B 88 44.63 -3.96 21.01
CA LEU B 88 45.37 -2.90 20.36
C LEU B 88 45.04 -2.95 18.88
N SER B 89 44.75 -1.78 18.29
CA SER B 89 44.31 -1.71 16.91
C SER B 89 45.44 -2.09 15.96
N ILE B 90 45.30 -3.26 15.34
CA ILE B 90 46.34 -3.79 14.46
C ILE B 90 46.43 -2.96 13.19
N VAL B 91 45.30 -2.46 12.71
CA VAL B 91 45.25 -1.62 11.51
C VAL B 91 45.95 -0.28 11.76
N GLU B 92 45.63 0.37 12.88
CA GLU B 92 46.26 1.64 13.22
C GLU B 92 47.75 1.47 13.48
N ALA B 93 48.12 0.35 14.12
CA ALA B 93 49.52 0.06 14.35
C ALA B 93 50.27 -0.21 13.05
N ALA B 94 49.62 -0.85 12.09
CA ALA B 94 50.25 -1.09 10.79
C ALA B 94 50.47 0.22 10.04
N ARG B 95 49.49 1.13 10.11
CA ARG B 95 49.66 2.44 9.50
C ARG B 95 50.78 3.23 10.16
N HIS B 96 50.85 3.19 11.49
CA HIS B 96 51.89 3.93 12.21
C HIS B 96 53.27 3.29 12.01
N ARG B 97 53.30 1.96 11.85
CA ARG B 97 54.56 1.28 11.60
C ARG B 97 55.07 1.56 10.19
N GLN B 98 54.15 1.69 9.22
CA GLN B 98 54.54 2.08 7.88
C GLN B 98 55.02 3.52 7.86
N SER B 99 54.33 4.41 8.58
CA SER B 99 54.72 5.81 8.59
C SER B 99 55.92 6.09 9.48
N GLY B 100 56.28 5.15 10.36
CA GLY B 100 57.40 5.30 11.24
C GLY B 100 57.10 5.99 12.55
N TYR B 101 55.84 6.33 12.83
CA TYR B 101 55.50 6.90 14.11
C TYR B 101 55.59 5.85 15.22
N LEU B 102 55.30 4.60 14.89
CA LEU B 102 55.53 3.49 15.80
C LEU B 102 56.81 2.77 15.36
N GLN B 103 57.76 2.65 16.27
CA GLN B 103 59.04 1.98 15.98
C GLN B 103 58.95 0.53 16.42
N LEU B 104 58.32 -0.28 15.57
CA LEU B 104 58.14 -1.70 15.79
C LEU B 104 58.83 -2.45 14.67
N ARG B 105 59.85 -3.25 15.01
CA ARG B 105 60.55 -4.05 14.03
C ARG B 105 59.74 -5.29 13.65
N ALA B 106 58.90 -5.79 14.56
CA ALA B 106 58.14 -7.01 14.31
C ALA B 106 57.08 -6.78 13.26
N GLY B 107 57.02 -7.68 12.28
CA GLY B 107 56.06 -7.53 11.19
C GLY B 107 54.72 -8.18 11.46
N LYS B 108 54.65 -9.05 12.46
CA LYS B 108 53.40 -9.75 12.67
C LYS B 108 52.87 -9.53 14.07
N PRO B 109 51.59 -9.19 14.21
CA PRO B 109 50.98 -9.15 15.54
C PRO B 109 50.69 -10.56 16.05
N ASN B 110 50.26 -10.62 17.30
CA ASN B 110 49.89 -11.88 17.95
C ASN B 110 48.70 -11.61 18.86
N PRO B 111 47.52 -12.12 18.52
CA PRO B 111 46.37 -11.92 19.41
C PRO B 111 46.40 -12.81 20.63
N ALA B 112 47.23 -13.85 20.64
CA ALA B 112 47.35 -14.70 21.82
C ALA B 112 48.10 -14.01 22.95
N GLY B 113 49.16 -13.27 22.63
CA GLY B 113 49.92 -12.57 23.65
C GLY B 113 50.72 -11.44 23.05
N GLY B 114 51.18 -10.56 23.93
CA GLY B 114 52.02 -9.46 23.52
C GLY B 114 51.27 -8.14 23.54
N PRO B 115 51.82 -7.13 22.86
CA PRO B 115 51.15 -5.82 22.80
C PRO B 115 49.83 -5.86 22.05
N PHE B 116 49.69 -6.75 21.07
CA PHE B 116 48.50 -6.84 20.25
C PHE B 116 47.62 -8.02 20.65
N LYS B 117 47.70 -8.43 21.91
CA LYS B 117 46.87 -9.49 22.44
C LYS B 117 45.44 -8.97 22.55
N THR B 118 44.59 -9.38 21.61
CA THR B 118 43.16 -9.25 21.83
C THR B 118 42.78 -10.18 22.97
N SER B 119 42.31 -9.61 24.07
CA SER B 119 42.00 -10.37 25.26
C SER B 119 40.55 -10.14 25.63
N ILE B 120 39.90 -11.19 26.12
CA ILE B 120 38.50 -11.12 26.52
C ILE B 120 38.41 -11.45 28.00
N TYR B 121 37.60 -10.70 28.74
CA TYR B 121 37.47 -10.92 30.17
C TYR B 121 36.07 -10.53 30.62
N HIS B 122 35.51 -11.34 31.50
CA HIS B 122 34.10 -11.27 31.86
C HIS B 122 34.01 -11.04 33.36
N ARG B 123 33.46 -9.88 33.74
CA ARG B 123 33.36 -9.53 35.14
C ARG B 123 31.90 -9.47 35.57
N PRO B 124 31.55 -10.02 36.73
CA PRO B 124 30.15 -10.08 37.14
C PRO B 124 29.59 -8.73 37.53
N ILE B 125 28.30 -8.54 37.27
CA ILE B 125 27.61 -7.26 37.40
C ILE B 125 26.38 -7.45 38.27
N VAL B 126 26.23 -6.57 39.25
CA VAL B 126 25.08 -6.56 40.14
C VAL B 126 24.61 -5.12 40.29
N GLN B 127 23.29 -4.93 40.27
CA GLN B 127 22.65 -3.70 40.70
C GLN B 127 21.91 -4.01 41.98
N ALA B 128 22.25 -3.30 43.05
CA ALA B 128 21.80 -3.71 44.37
C ALA B 128 21.67 -2.50 45.28
N GLU B 129 21.44 -2.79 46.56
CA GLU B 129 21.50 -1.82 47.64
C GLU B 129 22.68 -2.21 48.51
N LEU B 130 23.57 -1.26 48.77
CA LEU B 130 24.79 -1.54 49.53
C LEU B 130 24.62 -1.05 50.96
N THR B 131 24.62 -1.99 51.92
CA THR B 131 24.47 -1.68 53.33
C THR B 131 25.76 -2.01 54.06
N ALA B 132 26.31 -1.04 54.79
CA ALA B 132 27.51 -1.24 55.59
C ALA B 132 27.27 -0.73 57.00
N PHE B 133 27.69 -1.51 57.98
CA PHE B 133 27.55 -1.14 59.37
C PHE B 133 28.92 -0.77 59.94
N CYS B 134 28.97 0.32 60.70
CA CYS B 134 30.27 0.75 61.22
C CYS B 134 30.06 1.48 62.54
N VAL B 135 31.20 1.96 63.07
CA VAL B 135 31.23 2.83 64.28
C VAL B 135 32.02 4.08 63.86
N GLY B 136 31.36 5.21 63.65
CA GLY B 136 32.06 6.44 63.22
C GLY B 136 31.19 7.67 63.37
N ASP B 137 31.80 8.87 63.26
CA ASP B 137 31.01 10.13 63.35
C ASP B 137 30.14 10.25 62.09
N GLN B 138 28.86 10.58 62.26
CA GLN B 138 27.91 10.71 61.12
C GLN B 138 28.34 11.86 60.20
N GLN B 139 28.75 12.99 60.76
CA GLN B 139 29.13 14.18 59.94
C GLN B 139 30.34 13.89 59.05
N GLY B 140 31.38 13.25 59.59
CA GLY B 140 32.59 12.97 58.81
C GLY B 140 32.34 12.05 57.64
N ILE B 141 31.60 10.96 57.86
CA ILE B 141 31.31 9.96 56.79
C ILE B 141 30.46 10.61 55.69
N GLU B 142 29.46 11.41 56.08
CA GLU B 142 28.55 12.02 55.11
C GLU B 142 29.28 12.94 54.13
N ALA B 143 30.30 13.67 54.60
CA ALA B 143 31.06 14.54 53.70
C ALA B 143 31.89 13.73 52.72
N LEU B 144 32.51 12.64 53.20
CA LEU B 144 33.31 11.77 52.34
C LEU B 144 32.44 11.10 51.29
N LEU B 145 31.27 10.58 51.69
CA LEU B 145 30.38 9.94 50.75
C LEU B 145 29.61 10.93 49.89
N SER B 146 29.54 12.19 50.31
CA SER B 146 29.03 13.23 49.43
C SER B 146 30.06 13.62 48.38
N GLU B 147 31.34 13.43 48.66
CA GLU B 147 32.37 13.53 47.65
C GLU B 147 32.49 12.27 46.80
N CYS B 148 31.71 11.23 47.11
CA CYS B 148 31.76 9.97 46.38
C CYS B 148 30.81 10.02 45.18
N ARG B 149 31.35 9.70 44.01
CA ARG B 149 30.55 9.63 42.80
C ARG B 149 30.23 8.21 42.38
N GLN B 150 31.18 7.28 42.52
CA GLN B 150 30.98 5.90 42.10
C GLN B 150 31.43 4.96 43.20
N ILE B 151 30.88 3.75 43.18
CA ILE B 151 31.27 2.71 44.12
C ILE B 151 31.57 1.45 43.33
N GLY B 152 32.36 0.56 43.93
CA GLY B 152 32.74 -0.67 43.27
C GLY B 152 33.98 -0.52 42.42
N GLY B 153 34.25 -1.57 41.63
CA GLY B 153 35.39 -1.55 40.75
C GLY B 153 35.07 -0.97 39.39
N LYS B 154 36.11 -0.89 38.56
CA LYS B 154 36.07 -0.43 37.16
C LYS B 154 35.34 0.91 37.03
N ARG B 155 35.78 1.89 37.81
CA ARG B 155 35.11 3.18 37.80
C ARG B 155 35.56 4.06 36.66
N GLY B 156 36.61 3.67 35.94
CA GLY B 156 37.03 4.43 34.78
C GLY B 156 36.11 4.27 33.58
N VAL B 157 35.35 3.18 33.53
CA VAL B 157 34.42 2.94 32.44
C VAL B 157 32.98 3.30 32.84
N GLY B 158 32.82 4.08 33.90
CA GLY B 158 31.51 4.58 34.28
C GLY B 158 30.66 3.65 35.09
N PHE B 159 31.23 2.58 35.65
CA PHE B 159 30.41 1.59 36.30
C PHE B 159 30.17 1.96 37.76
N GLY B 160 28.98 1.61 38.24
CA GLY B 160 28.63 1.80 39.64
C GLY B 160 28.47 3.23 40.10
N GLN B 161 27.87 4.10 39.28
CA GLN B 161 27.67 5.49 39.64
C GLN B 161 26.64 5.60 40.74
N VAL B 162 27.02 6.27 41.84
CA VAL B 162 26.19 6.33 43.03
C VAL B 162 25.05 7.32 42.81
N ALA B 163 23.82 6.82 42.85
CA ALA B 163 22.66 7.70 42.79
C ALA B 163 22.49 8.48 44.08
N GLY B 164 22.78 7.85 45.21
CA GLY B 164 22.69 8.54 46.49
C GLY B 164 23.03 7.61 47.63
N PHE B 165 22.96 8.16 48.82
CA PHE B 165 23.30 7.41 50.03
C PHE B 165 22.56 8.04 51.20
N LYS B 166 22.28 7.23 52.22
CA LYS B 166 21.86 7.79 53.49
C LYS B 166 22.60 7.11 54.64
N VAL B 167 22.97 7.92 55.62
CA VAL B 167 23.77 7.52 56.77
C VAL B 167 22.89 7.74 58.00
N GLU B 168 22.52 6.66 58.69
CA GLU B 168 21.59 6.80 59.79
C GLU B 168 22.05 6.03 61.00
N PRO B 169 21.83 6.55 62.20
CA PRO B 169 22.18 5.80 63.41
C PRO B 169 21.28 4.59 63.60
N VAL B 170 21.82 3.57 64.26
CA VAL B 170 21.14 2.31 64.50
C VAL B 170 21.63 1.82 65.86
N ALA B 171 20.89 0.88 66.46
CA ALA B 171 21.17 0.42 67.80
C ALA B 171 22.48 -0.38 67.85
N GLU B 172 22.97 -0.57 69.08
CA GLU B 172 24.29 -1.19 69.28
C GLU B 172 24.28 -2.67 68.94
N THR B 173 23.24 -3.39 69.36
CA THR B 173 23.10 -4.81 69.05
C THR B 173 22.47 -5.05 67.68
N ASP B 174 21.94 -4.02 67.04
CA ASP B 174 21.27 -4.18 65.77
C ASP B 174 22.27 -4.29 64.62
N CYS B 175 23.35 -3.52 64.63
CA CYS B 175 24.30 -3.54 63.52
C CYS B 175 25.47 -4.49 63.81
N PRO B 176 25.67 -5.50 62.97
CA PRO B 176 26.97 -6.14 62.92
C PRO B 176 27.99 -5.52 61.95
N TRP B 177 28.94 -4.79 62.53
CA TRP B 177 30.05 -4.27 61.75
C TRP B 177 31.13 -5.32 61.52
N SER B 178 31.00 -6.48 62.16
CA SER B 178 32.01 -7.53 62.11
C SER B 178 32.04 -8.29 60.79
N TRP B 179 31.02 -8.10 59.93
CA TRP B 179 31.02 -8.74 58.62
C TRP B 179 32.07 -8.06 57.77
N ARG B 180 33.32 -8.51 57.90
CA ARG B 180 34.49 -7.70 57.62
C ARG B 180 35.71 -8.59 57.73
N ALA B 181 36.76 -8.25 56.98
CA ALA B 181 38.02 -8.96 57.07
C ALA B 181 38.66 -8.68 58.42
N LEU B 182 38.58 -9.64 59.33
CA LEU B 182 39.04 -9.58 60.70
C LEU B 182 40.31 -10.42 60.87
N PRO B 183 41.18 -10.09 61.83
CA PRO B 183 42.39 -10.89 62.02
C PRO B 183 42.08 -12.26 62.60
N ALA B 184 43.08 -13.13 62.57
CA ALA B 184 42.91 -14.51 63.02
C ALA B 184 42.74 -14.60 64.53
N ASP B 185 43.33 -13.66 65.27
CA ASP B 185 43.22 -13.62 66.72
C ASP B 185 42.09 -12.73 67.20
N ALA B 186 41.03 -12.57 66.40
CA ALA B 186 39.94 -11.68 66.75
C ALA B 186 39.08 -12.28 67.86
N ASP B 187 38.19 -11.46 68.39
CA ASP B 187 37.34 -11.85 69.50
C ASP B 187 36.28 -12.83 68.96
N PRO B 188 36.10 -14.00 69.59
CA PRO B 188 35.09 -14.95 69.10
C PRO B 188 33.65 -14.47 69.17
N ARG B 189 33.35 -13.43 69.97
CA ARG B 189 32.05 -12.79 69.88
C ARG B 189 31.87 -12.14 68.51
N LEU B 190 32.93 -11.53 68.00
CA LEU B 190 32.92 -10.86 66.71
C LEU B 190 32.92 -11.83 65.53
N VAL B 191 33.33 -13.07 65.75
CA VAL B 191 33.48 -14.03 64.66
C VAL B 191 32.18 -14.84 64.58
N THR B 192 31.59 -14.87 63.39
CA THR B 192 30.37 -15.61 63.13
C THR B 192 30.70 -16.85 62.30
N SER B 193 29.64 -17.56 61.88
CA SER B 193 29.84 -18.76 61.07
C SER B 193 30.26 -18.41 59.65
N GLU B 194 29.94 -17.21 59.18
CA GLU B 194 30.34 -16.78 57.85
C GLU B 194 31.81 -16.44 57.74
N HIS B 195 32.48 -16.16 58.87
CA HIS B 195 33.89 -15.79 58.87
C HIS B 195 34.75 -17.05 58.78
N ALA B 196 35.67 -17.06 57.82
CA ALA B 196 36.55 -18.21 57.60
C ALA B 196 37.98 -17.72 57.40
N ARG B 197 38.92 -18.63 57.63
CA ARG B 197 40.34 -18.29 57.51
C ARG B 197 40.74 -18.19 56.04
N CYS B 198 41.51 -17.16 55.71
CA CYS B 198 41.94 -16.92 54.34
C CYS B 198 43.20 -16.06 54.36
N ILE B 199 43.81 -15.93 53.19
CA ILE B 199 44.93 -15.01 53.01
C ILE B 199 44.34 -13.73 52.46
N ALA B 200 44.05 -12.79 53.36
CA ALA B 200 43.34 -11.58 52.98
C ALA B 200 43.88 -10.37 53.72
N ALA B 201 43.77 -9.22 53.10
CA ALA B 201 44.08 -7.96 53.77
C ALA B 201 42.96 -7.59 54.71
N ILE B 202 43.32 -7.09 55.88
CA ILE B 202 42.35 -6.65 56.86
C ILE B 202 42.23 -5.13 56.89
N ARG B 203 42.95 -4.43 56.02
CA ARG B 203 43.13 -3.00 56.19
C ARG B 203 43.62 -2.37 54.89
N GLY B 204 43.44 -1.05 54.81
CA GLY B 204 44.15 -0.20 53.88
C GLY B 204 43.90 -0.50 52.42
N PRO B 205 44.98 -0.73 51.67
CA PRO B 205 44.83 -1.28 50.32
C PRO B 205 44.50 -2.75 50.40
N TYR B 206 43.25 -3.13 50.09
CA TYR B 206 42.86 -4.52 50.25
C TYR B 206 43.34 -5.38 49.09
N TRP B 207 43.86 -4.77 48.03
CA TRP B 207 44.40 -5.48 46.90
C TRP B 207 45.88 -5.79 47.03
N ASP B 208 46.56 -5.15 48.00
CA ASP B 208 48.00 -5.32 48.15
C ASP B 208 48.26 -6.70 48.72
N ARG B 209 48.71 -7.62 47.87
CA ARG B 209 48.96 -9.00 48.27
C ARG B 209 50.13 -9.12 49.23
N THR B 210 51.03 -8.14 49.24
CA THR B 210 52.11 -8.10 50.21
C THR B 210 51.60 -7.80 51.62
N LEU B 211 50.44 -7.17 51.74
CA LEU B 211 49.85 -6.88 53.05
C LEU B 211 48.83 -7.91 53.50
N HIS B 212 48.60 -8.97 52.73
CA HIS B 212 47.62 -9.97 53.14
C HIS B 212 48.13 -10.76 54.33
N VAL B 213 47.22 -11.05 55.26
CA VAL B 213 47.56 -11.80 56.47
C VAL B 213 46.61 -12.99 56.57
N GLU B 214 46.92 -13.88 57.52
CA GLU B 214 45.98 -14.91 57.93
C GLU B 214 44.80 -14.23 58.62
N ALA B 215 43.68 -14.16 57.92
CA ALA B 215 42.55 -13.36 58.33
C ALA B 215 41.31 -14.23 58.48
N LEU B 216 40.37 -13.72 59.27
CA LEU B 216 39.04 -14.30 59.38
C LEU B 216 38.08 -13.36 58.67
N ALA B 217 37.68 -13.74 57.47
CA ALA B 217 36.86 -12.86 56.64
C ALA B 217 35.62 -13.61 56.16
N PRO B 218 34.51 -12.91 55.97
CA PRO B 218 33.32 -13.53 55.40
C PRO B 218 33.41 -13.55 53.87
N THR B 219 32.33 -13.98 53.25
CA THR B 219 32.31 -14.23 51.82
C THR B 219 31.25 -13.37 51.16
N PRO B 220 31.61 -12.55 50.14
CA PRO B 220 30.71 -11.61 49.49
C PRO B 220 29.50 -12.25 48.80
N MET C 1 34.93 18.11 37.36
CA MET C 1 34.59 18.49 35.99
C MET C 1 33.72 17.41 35.37
N GLN C 2 32.53 17.80 34.92
CA GLN C 2 31.60 16.88 34.28
C GLN C 2 31.27 17.38 32.87
N ILE C 3 31.31 16.46 31.91
CA ILE C 3 30.95 16.75 30.53
C ILE C 3 29.81 15.82 30.14
N GLU C 4 28.72 16.38 29.64
CA GLU C 4 27.57 15.63 29.17
C GLU C 4 27.58 15.76 27.65
N VAL C 5 27.70 14.65 26.95
CA VAL C 5 27.66 14.65 25.49
C VAL C 5 26.37 13.99 25.05
N THR C 6 25.49 14.79 24.46
CA THR C 6 24.25 14.31 23.86
C THR C 6 24.49 14.16 22.37
N VAL C 7 24.42 12.92 21.89
CA VAL C 7 24.68 12.60 20.49
C VAL C 7 23.39 12.02 19.90
N ARG C 8 23.32 12.02 18.58
CA ARG C 8 22.23 11.39 17.85
C ARG C 8 22.83 10.48 16.80
N ASN C 9 22.52 9.20 16.89
CA ASN C 9 23.05 8.23 15.93
C ASN C 9 22.43 8.43 14.54
N ILE C 10 23.29 8.74 13.58
CA ILE C 10 22.85 8.94 12.21
C ILE C 10 22.61 7.61 11.52
N THR C 11 23.42 6.60 11.85
CA THR C 11 23.34 5.25 11.33
C THR C 11 23.00 4.32 12.50
N PRO C 12 22.68 3.04 12.27
CA PRO C 12 22.47 2.13 13.40
C PRO C 12 23.70 1.93 14.27
N ILE C 13 23.45 1.60 15.53
CA ILE C 13 24.49 1.28 16.50
C ILE C 13 24.51 -0.23 16.69
N PHE C 14 25.69 -0.83 16.56
CA PHE C 14 25.84 -2.27 16.75
C PHE C 14 27.12 -2.53 17.53
N SER C 15 26.98 -2.67 18.85
CA SER C 15 28.06 -3.13 19.72
C SER C 15 27.80 -4.61 19.98
N ALA C 16 28.60 -5.47 19.35
CA ALA C 16 28.31 -6.90 19.32
C ALA C 16 28.46 -7.53 20.70
N ALA C 17 27.61 -8.51 20.97
CA ALA C 17 27.49 -9.21 22.23
C ALA C 17 27.93 -10.66 22.09
N PRO C 18 28.45 -11.28 23.15
CA PRO C 18 28.79 -12.70 23.08
C PRO C 18 27.55 -13.58 23.22
N GLY C 19 27.80 -14.87 23.29
CA GLY C 19 26.74 -15.83 23.51
C GLY C 19 26.17 -16.36 22.21
N SER C 20 25.62 -17.56 22.27
CA SER C 20 25.02 -18.21 21.11
C SER C 20 23.55 -17.82 21.05
N ASN C 21 23.26 -16.74 20.32
CA ASN C 21 21.90 -16.30 20.11
C ASN C 21 21.42 -16.76 18.74
N TYR C 22 20.12 -17.07 18.65
CA TYR C 22 19.56 -17.60 17.42
C TYR C 22 18.23 -16.93 17.14
N ILE C 23 17.80 -17.03 15.88
CA ILE C 23 16.55 -16.43 15.44
C ILE C 23 16.01 -17.19 14.24
N THR C 24 14.69 -17.38 14.18
CA THR C 24 14.06 -18.04 13.04
C THR C 24 14.00 -17.10 11.83
N ILE C 25 13.31 -17.57 10.78
CA ILE C 25 13.01 -16.72 9.64
C ILE C 25 12.12 -15.55 10.06
N ASP C 26 11.09 -15.84 10.86
CA ASP C 26 10.39 -14.78 11.56
C ASP C 26 11.24 -14.29 12.73
N GLY C 27 10.89 -13.13 13.27
CA GLY C 27 11.75 -12.46 14.23
C GLY C 27 11.81 -13.03 15.64
N THR C 28 11.50 -14.32 15.82
CA THR C 28 11.54 -14.94 17.14
C THR C 28 12.98 -15.22 17.54
N ILE C 29 13.45 -14.50 18.55
CA ILE C 29 14.83 -14.59 19.02
C ILE C 29 14.93 -15.71 20.05
N ASN C 30 15.93 -16.57 19.87
CA ASN C 30 16.21 -17.79 20.64
C ASN C 30 15.02 -18.74 20.64
N PRO C 31 14.70 -19.37 19.50
CA PRO C 31 13.59 -20.30 19.47
C PRO C 31 13.96 -21.60 20.16
N PRO C 32 12.99 -22.35 20.68
CA PRO C 32 13.32 -23.64 21.29
C PRO C 32 13.74 -24.67 20.25
N PRO C 33 14.60 -25.62 20.61
CA PRO C 33 15.19 -26.52 19.61
C PRO C 33 14.17 -27.47 19.01
N GLY C 34 14.37 -27.78 17.73
CA GLY C 34 13.40 -28.54 16.97
C GLY C 34 12.80 -27.68 15.87
N VAL C 35 13.51 -26.62 15.50
CA VAL C 35 13.02 -25.68 14.49
C VAL C 35 14.23 -25.04 13.84
N SER C 36 14.02 -24.42 12.68
CA SER C 36 15.09 -23.78 11.92
C SER C 36 15.55 -22.50 12.61
N ARG C 37 16.71 -22.54 13.25
CA ARG C 37 17.27 -21.37 13.92
C ARG C 37 18.56 -20.96 13.23
N PHE C 38 18.80 -19.65 13.21
CA PHE C 38 19.87 -18.96 12.50
C PHE C 38 20.74 -18.22 13.51
N PRO C 39 22.04 -18.07 13.23
CA PRO C 39 22.90 -17.34 14.16
C PRO C 39 22.58 -15.85 14.18
N LEU C 40 22.51 -15.30 15.39
CA LEU C 40 22.23 -13.90 15.61
C LEU C 40 23.26 -13.35 16.58
N VAL C 41 23.80 -12.17 16.28
CA VAL C 41 24.69 -11.46 17.18
C VAL C 41 24.03 -10.14 17.54
N ARG C 42 23.66 -9.99 18.80
CA ARG C 42 22.83 -8.86 19.21
C ARG C 42 23.69 -7.65 19.55
N THR C 43 23.01 -6.52 19.76
CA THR C 43 23.69 -5.38 20.33
C THR C 43 24.05 -5.62 21.78
N ARG C 44 24.95 -4.78 22.28
CA ARG C 44 25.27 -4.82 23.69
C ARG C 44 24.10 -4.27 24.49
N MET C 45 23.59 -5.10 25.38
CA MET C 45 22.47 -4.76 26.24
C MET C 45 22.85 -5.13 27.65
N MET C 46 22.44 -4.31 28.61
CA MET C 46 22.46 -4.76 30.00
C MET C 46 21.08 -4.55 30.60
N TYR C 47 20.74 -5.38 31.58
CA TYR C 47 19.55 -5.13 32.37
C TYR C 47 19.82 -3.96 33.30
N VAL C 48 18.89 -3.03 33.39
CA VAL C 48 18.98 -1.89 34.29
C VAL C 48 17.70 -1.80 35.10
N ALA C 49 17.78 -1.12 36.24
CA ALA C 49 16.60 -0.88 37.04
C ALA C 49 15.84 0.32 36.51
N ALA C 50 14.53 0.19 36.36
CA ALA C 50 13.71 1.33 35.95
C ALA C 50 12.40 1.33 36.74
N ASP C 51 11.89 2.54 37.00
CA ASP C 51 10.59 2.74 37.63
C ASP C 51 9.76 3.64 36.71
N VAL C 52 9.14 3.03 35.70
CA VAL C 52 8.22 3.71 34.80
C VAL C 52 6.87 3.02 34.92
N GLY C 53 5.83 3.78 35.25
CA GLY C 53 4.51 3.25 35.46
C GLY C 53 4.26 2.69 36.84
N ASP C 54 5.30 2.55 37.65
CA ASP C 54 5.17 2.05 39.02
C ASP C 54 6.30 2.63 39.85
N GLY C 55 6.08 2.70 41.17
CA GLY C 55 7.09 3.20 42.07
C GLY C 55 8.26 2.25 42.24
N VAL C 56 8.01 0.95 42.11
CA VAL C 56 9.07 -0.03 42.24
C VAL C 56 9.88 -0.10 40.95
N ILE C 57 11.04 -0.73 41.03
CA ILE C 57 11.98 -0.82 39.92
C ILE C 57 12.01 -2.26 39.42
N LYS C 58 12.13 -2.42 38.10
CA LYS C 58 12.21 -3.72 37.47
C LYS C 58 13.40 -3.72 36.52
N SER C 59 13.93 -4.92 36.28
CA SER C 59 15.05 -5.14 35.38
C SER C 59 14.54 -5.09 33.94
N VAL C 60 14.91 -4.05 33.22
CA VAL C 60 14.51 -3.88 31.83
C VAL C 60 15.75 -3.96 30.95
N PRO C 61 15.65 -4.49 29.73
CA PRO C 61 16.80 -4.54 28.82
C PRO C 61 17.06 -3.17 28.21
N LEU C 62 18.23 -2.60 28.52
CA LEU C 62 18.66 -1.33 27.95
C LEU C 62 19.84 -1.59 27.04
N GLN C 63 19.72 -1.15 25.79
CA GLN C 63 20.76 -1.40 24.79
C GLN C 63 21.69 -0.20 24.71
N ILE C 64 22.94 -0.40 25.13
CA ILE C 64 23.91 0.67 25.28
C ILE C 64 25.15 0.35 24.47
N VAL C 65 26.06 1.32 24.44
CA VAL C 65 27.44 1.09 24.05
C VAL C 65 28.25 1.07 25.34
N PRO C 66 29.14 0.06 25.55
CA PRO C 66 29.90 0.00 26.81
C PRO C 66 30.82 1.17 27.06
N GLY C 67 31.08 1.46 28.32
CA GLY C 67 31.97 2.56 28.67
C GLY C 67 33.41 2.29 28.28
N ASN C 68 33.79 1.01 28.20
CA ASN C 68 35.10 0.64 27.68
C ASN C 68 35.24 1.02 26.21
N THR C 69 34.18 0.78 25.43
CA THR C 69 34.20 1.10 24.01
C THR C 69 34.27 2.61 23.78
N MET C 70 33.47 3.39 24.52
CA MET C 70 33.50 4.84 24.38
C MET C 70 34.79 5.43 24.96
N ARG C 71 35.36 4.78 25.98
CA ARG C 71 36.64 5.20 26.53
C ARG C 71 37.76 5.02 25.51
N SER C 72 37.78 3.87 24.84
CA SER C 72 38.78 3.65 23.80
C SER C 72 38.51 4.51 22.58
N LEU C 73 37.24 4.85 22.33
CA LEU C 73 36.92 5.75 21.23
C LEU C 73 37.43 7.15 21.50
N LEU C 74 37.26 7.64 22.73
CA LEU C 74 37.82 8.94 23.12
C LEU C 74 39.35 8.92 23.05
N ARG C 75 39.96 7.83 23.54
CA ARG C 75 41.41 7.67 23.48
C ARG C 75 41.91 7.68 22.05
N ARG C 76 41.28 6.91 21.17
CA ARG C 76 41.70 6.81 19.78
C ARG C 76 41.44 8.09 19.00
N THR C 77 40.38 8.85 19.32
CA THR C 77 40.17 10.07 18.57
C THR C 77 41.13 11.17 19.04
N MET C 78 41.52 11.16 20.33
CA MET C 78 42.57 12.08 20.77
C MET C 78 43.91 11.73 20.17
N LEU C 79 44.19 10.43 20.02
CA LEU C 79 45.46 10.02 19.41
C LEU C 79 45.46 10.33 17.92
N LYS C 80 44.39 9.98 17.22
CA LYS C 80 44.34 10.14 15.77
C LYS C 80 44.25 11.61 15.36
N HIS C 81 43.64 12.45 16.19
CA HIS C 81 43.37 13.82 15.77
C HIS C 81 44.23 14.86 16.48
N VAL C 82 44.72 14.59 17.68
CA VAL C 82 45.51 15.60 18.39
C VAL C 82 46.92 15.10 18.65
N ILE C 83 47.05 13.89 19.21
CA ILE C 83 48.32 13.47 19.79
C ILE C 83 49.32 13.08 18.69
N GLU C 84 48.95 12.11 17.84
CA GLU C 84 49.83 11.68 16.76
C GLU C 84 50.12 12.78 15.71
N PRO C 85 49.16 13.62 15.26
CA PRO C 85 49.57 14.74 14.38
C PRO C 85 50.57 15.69 15.01
N ALA C 86 50.42 15.99 16.30
CA ALA C 86 51.40 16.83 16.99
C ALA C 86 52.76 16.15 17.07
N LEU C 87 52.78 14.85 17.34
CA LEU C 87 54.06 14.15 17.47
C LEU C 87 54.75 13.99 16.12
N VAL C 88 53.97 13.82 15.05
CA VAL C 88 54.53 13.81 13.71
C VAL C 88 55.06 15.19 13.34
N GLU C 89 54.38 16.25 13.81
CA GLU C 89 54.85 17.61 13.56
C GLU C 89 56.20 17.87 14.27
N LYS C 90 56.36 17.37 15.51
CA LYS C 90 57.69 17.44 16.10
C LYS C 90 58.63 16.36 15.59
N GLY C 91 58.13 15.40 14.82
CA GLY C 91 58.97 14.34 14.31
C GLY C 91 59.33 13.29 15.32
N ASN C 92 58.57 13.18 16.41
CA ASN C 92 58.83 12.20 17.44
C ASN C 92 58.18 10.86 17.08
N LYS C 93 58.78 9.79 17.61
CA LYS C 93 58.32 8.43 17.34
C LYS C 93 58.05 7.74 18.67
N LEU C 94 57.27 6.68 18.61
CA LEU C 94 56.94 5.88 19.77
C LEU C 94 57.53 4.48 19.64
N SER C 95 57.88 3.91 20.79
CA SER C 95 58.38 2.54 20.86
C SER C 95 57.21 1.57 20.90
N ILE C 96 57.51 0.29 21.10
CA ILE C 96 56.45 -0.71 21.26
C ILE C 96 55.70 -0.49 22.57
N GLY C 97 56.44 -0.24 23.65
CA GLY C 97 55.80 -0.03 24.94
C GLY C 97 55.03 1.26 25.01
N ALA C 98 55.57 2.34 24.43
CA ALA C 98 54.88 3.63 24.45
C ALA C 98 53.63 3.59 23.58
N TYR C 99 53.66 2.85 22.48
CA TYR C 99 52.47 2.71 21.64
C TYR C 99 51.42 1.84 22.32
N ALA C 100 51.82 0.70 22.87
CA ALA C 100 50.88 -0.17 23.56
C ALA C 100 50.35 0.44 24.85
N THR C 101 51.06 1.42 25.40
CA THR C 101 50.62 2.19 26.56
C THR C 101 49.68 3.33 26.19
N ALA C 102 50.03 4.12 25.17
CA ALA C 102 49.19 5.24 24.78
C ALA C 102 47.93 4.81 24.06
N TYR C 103 48.00 3.79 23.21
CA TYR C 103 46.87 3.43 22.36
C TYR C 103 46.02 2.30 22.92
N SER C 104 46.53 1.53 23.87
CA SER C 104 45.74 0.45 24.46
C SER C 104 45.83 0.37 25.97
N GLY C 105 46.67 1.19 26.62
CA GLY C 105 46.84 1.09 28.06
C GLY C 105 47.50 -0.20 28.51
N ASN C 106 48.25 -0.84 27.63
CA ASN C 106 48.80 -2.15 27.90
C ASN C 106 50.17 -2.04 28.56
N ALA C 107 50.48 -3.04 29.38
CA ALA C 107 51.72 -3.07 30.14
C ALA C 107 52.77 -3.96 29.49
N THR C 108 52.82 -3.99 28.17
CA THR C 108 53.72 -4.91 27.48
C THR C 108 55.10 -4.32 27.21
N GLY C 109 55.31 -3.04 27.49
CA GLY C 109 56.67 -2.51 27.48
C GLY C 109 57.50 -3.06 28.62
N ASN C 110 56.99 -2.93 29.84
CA ASN C 110 57.53 -3.63 31.01
C ASN C 110 56.40 -4.47 31.59
N PRO C 111 56.34 -5.76 31.25
CA PRO C 111 55.39 -6.65 31.95
C PRO C 111 55.59 -6.73 33.45
N ASP C 112 56.86 -6.63 33.87
CA ASP C 112 57.21 -6.65 35.31
C ASP C 112 56.69 -5.36 35.95
N GLY C 113 56.39 -5.39 37.25
CA GLY C 113 55.85 -4.16 37.87
C GLY C 113 56.85 -3.02 37.76
N VAL C 114 56.36 -1.84 37.39
CA VAL C 114 57.25 -0.64 37.29
C VAL C 114 56.91 0.26 38.47
N PRO C 115 57.88 0.61 39.35
CA PRO C 115 57.60 1.46 40.51
C PRO C 115 57.65 2.94 40.10
N SER C 116 56.61 3.69 40.46
CA SER C 116 56.55 5.14 40.13
C SER C 116 56.50 5.95 41.42
N SER C 117 57.41 6.93 41.57
CA SER C 117 57.43 7.79 42.78
C SER C 117 56.20 8.69 42.78
N PHE C 118 55.67 9.01 43.97
CA PHE C 118 54.48 9.85 44.06
C PHE C 118 54.65 11.16 43.31
N ASP C 119 55.88 11.68 43.26
CA ASP C 119 56.14 12.91 42.51
C ASP C 119 55.96 12.68 41.01
N GLU C 120 56.50 11.58 40.49
CA GLU C 120 56.32 11.32 39.07
C GLU C 120 54.90 10.84 38.76
N ILE C 121 54.22 10.21 39.73
CA ILE C 121 52.78 9.93 39.59
C ILE C 121 52.01 11.23 39.44
N ALA C 122 52.39 12.26 40.19
CA ALA C 122 51.75 13.57 40.08
C ALA C 122 52.05 14.24 38.73
N THR C 123 53.30 14.13 38.26
CA THR C 123 53.65 14.81 37.01
C THR C 123 53.02 14.13 35.80
N MET C 124 52.93 12.80 35.81
CA MET C 124 52.27 12.10 34.72
C MET C 124 50.75 12.19 34.82
N ARG C 125 50.21 12.37 36.02
CA ARG C 125 48.78 12.63 36.14
C ARG C 125 48.42 14.05 35.74
N ALA C 126 49.40 14.96 35.67
CA ALA C 126 49.20 16.30 35.15
C ALA C 126 49.50 16.38 33.66
N HIS C 127 49.90 15.27 33.04
CA HIS C 127 50.08 15.23 31.60
C HIS C 127 48.72 15.33 30.91
N PRO C 128 48.64 16.02 29.77
CA PRO C 128 47.33 16.18 29.09
C PRO C 128 46.69 14.89 28.62
N PHE C 129 47.46 13.90 28.18
CA PHE C 129 46.89 12.64 27.71
C PHE C 129 47.15 11.50 28.69
N ILE C 130 48.34 11.44 29.29
CA ILE C 130 48.75 10.30 30.09
C ILE C 130 47.92 10.22 31.37
N GLY C 131 47.62 11.38 31.97
CA GLY C 131 46.85 11.38 33.20
C GLY C 131 45.40 11.04 33.01
N LEU C 132 44.90 11.13 31.78
CA LEU C 132 43.49 10.80 31.51
C LEU C 132 43.24 9.31 31.64
N PHE C 133 44.15 8.48 31.13
CA PHE C 133 43.92 7.05 31.17
C PHE C 133 44.89 6.31 32.07
N GLY C 134 46.14 6.75 32.12
CA GLY C 134 47.13 5.98 32.85
C GLY C 134 47.45 4.70 32.12
N GLY C 135 47.38 3.59 32.85
CA GLY C 135 47.73 2.34 32.22
C GLY C 135 49.23 2.17 32.10
N GLY C 136 49.60 1.30 31.17
CA GLY C 136 50.99 0.95 30.98
C GLY C 136 51.49 0.05 32.09
N PRO C 137 52.80 -0.08 32.22
CA PRO C 137 53.37 -0.88 33.31
C PRO C 137 53.11 -0.33 34.70
N ARG C 138 52.96 0.98 34.83
CA ARG C 138 52.71 1.58 36.14
C ARG C 138 51.29 1.37 36.61
N MET C 139 50.35 1.17 35.67
CA MET C 139 48.90 1.11 35.93
C MET C 139 48.41 2.31 36.71
N LEU C 140 48.67 3.49 36.16
CA LEU C 140 48.23 4.74 36.77
C LEU C 140 46.72 4.86 36.68
N GLU C 141 46.09 5.29 37.76
CA GLU C 141 44.66 5.60 37.70
C GLU C 141 44.45 6.89 36.92
N GLY C 142 43.55 6.83 35.97
CA GLY C 142 43.29 7.99 35.14
C GLY C 142 42.45 9.04 35.86
N ARG C 143 42.58 10.28 35.37
CA ARG C 143 41.71 11.34 35.86
C ARG C 143 40.32 11.23 35.27
N LEU C 144 40.16 10.40 34.24
CA LEU C 144 38.99 10.43 33.37
C LEU C 144 38.11 9.20 33.62
N MET C 145 36.82 9.45 33.79
CA MET C 145 35.79 8.42 33.71
C MET C 145 35.02 8.65 32.42
N VAL C 146 34.90 7.61 31.62
CA VAL C 146 34.06 7.64 30.42
C VAL C 146 32.93 6.64 30.65
N ASP C 147 31.73 7.16 30.85
CA ASP C 147 30.59 6.30 31.09
C ASP C 147 30.10 5.68 29.78
N SER C 148 29.18 4.73 29.91
CA SER C 148 28.54 4.09 28.77
C SER C 148 27.70 5.09 27.99
N LEU C 149 27.48 4.83 26.72
CA LEU C 149 26.60 5.64 25.89
C LEU C 149 25.18 5.17 26.15
N TYR C 150 24.41 5.96 26.89
CA TYR C 150 23.07 5.51 27.26
C TYR C 150 22.05 6.12 26.32
N PRO C 151 21.13 5.34 25.75
CA PRO C 151 20.09 5.94 24.92
C PRO C 151 19.09 6.71 25.78
N ILE C 152 18.63 7.84 25.26
CA ILE C 152 17.63 8.61 25.98
C ILE C 152 16.32 7.86 25.82
N HIS C 153 16.00 7.03 26.81
CA HIS C 153 14.97 6.03 26.73
C HIS C 153 14.38 5.85 28.11
N THR C 154 13.12 5.40 28.17
CA THR C 154 12.45 5.22 29.45
C THR C 154 13.08 4.13 30.30
N ASN C 155 13.76 3.17 29.67
CA ASN C 155 14.51 2.17 30.43
C ASN C 155 15.69 2.79 31.15
N ALA C 156 16.28 3.85 30.61
CA ALA C 156 17.47 4.45 31.17
C ALA C 156 17.17 5.53 32.20
N GLU C 157 15.91 5.70 32.61
CA GLU C 157 15.48 6.88 33.35
C GLU C 157 16.13 6.98 34.73
N ARG C 158 16.48 5.83 35.32
CA ARG C 158 17.23 5.84 36.58
C ARG C 158 18.65 6.34 36.35
N ILE C 159 19.29 5.89 35.26
CA ILE C 159 20.62 6.35 34.93
C ILE C 159 20.60 7.82 34.50
N LEU C 160 19.61 8.20 33.70
CA LEU C 160 19.55 9.57 33.19
C LEU C 160 19.17 10.57 34.27
N GLY C 161 18.31 10.18 35.21
CA GLY C 161 17.78 11.14 36.15
C GLY C 161 16.75 12.03 35.48
N ALA C 162 16.58 13.22 36.05
CA ALA C 162 15.65 14.19 35.50
C ALA C 162 16.30 14.95 34.34
N GLY C 163 15.50 15.78 33.68
CA GLY C 163 16.00 16.61 32.61
C GLY C 163 16.06 15.95 31.25
N TYR C 164 15.55 14.74 31.11
CA TYR C 164 15.57 14.03 29.83
C TYR C 164 14.22 13.45 29.46
N GLU C 165 13.12 13.90 30.09
CA GLU C 165 11.81 13.35 29.79
C GLU C 165 11.33 13.76 28.40
N ASN C 166 11.71 14.95 27.95
CA ASN C 166 11.52 15.30 26.55
C ASN C 166 12.53 14.56 25.69
N GLU C 167 12.12 14.23 24.45
CA GLU C 167 12.91 13.45 23.49
C GLU C 167 13.34 12.09 24.05
N MET C 168 12.46 11.48 24.84
CA MET C 168 12.74 10.19 25.48
C MET C 168 12.03 9.12 24.67
N MET C 169 12.81 8.22 24.06
CA MET C 169 12.23 7.15 23.26
C MET C 169 11.61 6.10 24.16
N SER C 170 10.73 5.27 23.62
CA SER C 170 10.10 4.22 24.41
C SER C 170 9.89 2.99 23.54
N GLY C 171 9.69 1.86 24.20
CA GLY C 171 9.48 0.60 23.52
C GLY C 171 10.79 -0.05 23.13
N PRO C 172 10.77 -0.82 22.04
CA PRO C 172 12.03 -1.43 21.56
C PRO C 172 12.85 -0.48 20.71
N ILE C 173 14.13 -0.40 21.04
CA ILE C 173 15.09 0.40 20.28
C ILE C 173 15.92 -0.45 19.34
N THR C 174 15.63 -1.75 19.26
CA THR C 174 16.44 -2.67 18.46
C THR C 174 15.67 -3.18 17.26
N GLN C 175 16.44 -3.70 16.30
CA GLN C 175 15.90 -4.34 15.13
C GLN C 175 16.87 -5.38 14.63
N VAL C 176 16.36 -6.54 14.24
CA VAL C 176 17.17 -7.58 13.63
C VAL C 176 17.37 -7.24 12.16
N VAL C 177 18.63 -7.05 11.75
CA VAL C 177 18.99 -6.76 10.37
C VAL C 177 19.61 -8.01 9.79
N TRP C 178 19.14 -8.42 8.61
CA TRP C 178 19.53 -9.67 8.00
C TRP C 178 20.62 -9.44 6.96
N ALA C 179 21.68 -10.23 7.04
CA ALA C 179 22.79 -10.11 6.11
C ALA C 179 23.15 -11.49 5.59
N ARG C 180 23.40 -11.58 4.29
CA ARG C 180 23.78 -12.85 3.69
C ARG C 180 25.04 -12.68 2.85
N ARG C 181 25.82 -13.75 2.80
CA ARG C 181 26.97 -13.83 1.92
C ARG C 181 26.62 -14.75 0.76
N MET C 182 26.49 -14.16 -0.42
CA MET C 182 26.30 -14.90 -1.66
C MET C 182 27.60 -15.54 -2.10
N ASP C 183 27.49 -16.73 -2.68
CA ASP C 183 28.63 -17.35 -3.34
C ASP C 183 28.73 -16.76 -4.74
N PRO C 184 29.81 -16.04 -5.07
CA PRO C 184 29.85 -15.36 -6.37
C PRO C 184 30.09 -16.28 -7.54
N ILE C 185 30.54 -17.50 -7.29
CA ILE C 185 30.70 -18.46 -8.36
C ILE C 185 29.34 -18.93 -8.87
N LEU C 186 28.34 -18.95 -7.98
CA LEU C 186 26.97 -19.25 -8.39
C LEU C 186 26.37 -18.14 -9.24
N ASN C 187 26.86 -16.91 -9.10
CA ASN C 187 26.41 -15.79 -9.92
C ASN C 187 27.25 -15.58 -11.17
N LEU C 188 28.22 -16.47 -11.43
CA LEU C 188 28.90 -16.44 -12.72
C LEU C 188 27.95 -16.92 -13.80
N GLY C 189 27.85 -16.16 -14.90
CA GLY C 189 26.81 -16.42 -15.86
C GLY C 189 27.23 -16.51 -17.32
N SER C 190 28.47 -16.12 -17.63
CA SER C 190 28.89 -16.05 -19.01
C SER C 190 30.40 -16.28 -19.08
N SER C 191 30.89 -16.47 -20.32
CA SER C 191 32.32 -16.66 -20.53
C SER C 191 33.09 -15.38 -20.22
N GLU C 192 32.52 -14.22 -20.55
CA GLU C 192 33.15 -12.95 -20.24
C GLU C 192 33.11 -12.67 -18.74
N ASP C 193 32.17 -13.29 -18.03
CA ASP C 193 32.13 -13.17 -16.59
C ASP C 193 33.27 -13.95 -15.93
N VAL C 194 33.69 -15.04 -16.56
CA VAL C 194 34.57 -16.01 -15.91
C VAL C 194 35.99 -15.96 -16.46
N GLU C 195 36.24 -15.22 -17.55
CA GLU C 195 37.56 -15.25 -18.16
C GLU C 195 38.59 -14.42 -17.40
N VAL C 196 38.19 -13.73 -16.32
CA VAL C 196 39.16 -13.14 -15.40
C VAL C 196 39.67 -14.15 -14.39
N ILE C 197 39.17 -15.38 -14.42
CA ILE C 197 39.54 -16.43 -13.48
C ILE C 197 40.52 -17.37 -14.17
N ASN C 198 41.58 -17.75 -13.45
CA ASN C 198 42.49 -18.80 -13.92
C ASN C 198 41.73 -20.11 -14.06
N GLY C 199 41.88 -20.74 -15.22
CA GLY C 199 41.06 -21.86 -15.60
C GLY C 199 39.76 -21.48 -16.26
N GLY C 200 39.05 -20.48 -15.73
CA GLY C 200 37.82 -20.04 -16.32
C GLY C 200 36.68 -20.99 -16.04
N ALA C 201 36.13 -21.58 -17.11
CA ALA C 201 34.95 -22.42 -17.00
C ALA C 201 35.24 -23.71 -16.26
N VAL C 202 36.44 -24.30 -16.44
CA VAL C 202 36.76 -25.56 -15.78
C VAL C 202 36.94 -25.36 -14.28
N ALA C 203 37.58 -24.26 -13.87
CA ALA C 203 37.73 -23.97 -12.45
C ALA C 203 36.40 -23.57 -11.82
N ALA C 204 35.56 -22.85 -12.57
CA ALA C 204 34.23 -22.51 -12.09
C ALA C 204 33.38 -23.75 -11.88
N ASN C 205 33.40 -24.67 -12.84
CA ASN C 205 32.63 -25.92 -12.71
C ASN C 205 33.20 -26.81 -11.61
N GLY C 206 34.52 -26.75 -11.39
CA GLY C 206 35.09 -27.45 -10.26
C GLY C 206 34.61 -26.90 -8.93
N TRP C 207 34.48 -25.57 -8.84
CA TRP C 207 33.90 -24.95 -7.65
C TRP C 207 32.44 -25.36 -7.46
N ILE C 208 31.68 -25.39 -8.55
CA ILE C 208 30.26 -25.78 -8.46
C ILE C 208 30.14 -27.23 -7.99
N GLN C 209 30.95 -28.13 -8.55
CA GLN C 209 30.89 -29.54 -8.19
C GLN C 209 31.37 -29.77 -6.76
N ASP C 210 32.37 -29.00 -6.32
CA ASP C 210 32.80 -29.06 -4.92
C ASP C 210 31.70 -28.57 -3.99
N LEU C 211 30.97 -27.53 -4.38
CA LEU C 211 29.88 -27.01 -3.56
C LEU C 211 28.72 -28.01 -3.47
N LEU C 212 28.39 -28.67 -4.58
CA LEU C 212 27.33 -29.67 -4.54
C LEU C 212 27.76 -30.91 -3.76
N ALA C 213 29.04 -31.28 -3.84
CA ALA C 213 29.54 -32.39 -3.04
C ALA C 213 29.48 -32.06 -1.55
N ASN C 214 29.83 -30.83 -1.18
CA ASN C 214 29.74 -30.42 0.22
C ASN C 214 28.29 -30.33 0.68
N SER C 215 27.39 -29.93 -0.22
CA SER C 215 25.97 -29.86 0.13
C SER C 215 25.38 -31.25 0.36
N LYS C 216 25.71 -32.22 -0.50
CA LYS C 216 25.26 -33.59 -0.30
C LYS C 216 25.90 -34.20 0.95
N ALA C 217 27.16 -33.84 1.24
CA ALA C 217 27.81 -34.32 2.45
C ALA C 217 27.13 -33.76 3.70
N ALA C 218 26.74 -32.49 3.68
CA ALA C 218 26.04 -31.90 4.81
C ALA C 218 24.64 -32.49 4.96
N ALA C 219 23.97 -32.76 3.85
CA ALA C 219 22.63 -33.36 3.90
C ALA C 219 22.68 -34.78 4.46
N SER C 220 23.72 -35.56 4.08
CA SER C 220 23.87 -36.88 4.64
C SER C 220 24.35 -36.83 6.09
N LYS C 221 25.08 -35.77 6.46
CA LYS C 221 25.54 -35.61 7.84
C LYS C 221 24.36 -35.29 8.77
N LYS C 222 23.42 -34.46 8.30
CA LYS C 222 22.29 -34.07 9.14
C LYS C 222 21.36 -35.25 9.44
N LYS C 223 21.19 -36.15 8.48
CA LYS C 223 20.37 -37.34 8.72
C LYS C 223 21.25 -38.51 9.15
N ASN C 239 34.62 -30.76 6.81
CA ASN C 239 33.96 -29.73 7.60
C ASN C 239 34.12 -28.37 6.96
N GLY C 240 34.43 -28.36 5.66
CA GLY C 240 34.63 -27.13 4.92
C GLY C 240 33.37 -26.31 4.76
N ARG C 241 33.40 -25.06 5.21
CA ARG C 241 32.25 -24.18 5.11
C ARG C 241 32.29 -23.43 3.79
N GLY C 242 31.16 -23.40 3.10
CA GLY C 242 31.04 -22.67 1.86
C GLY C 242 30.86 -21.18 2.09
N LEU C 243 30.79 -20.45 0.98
CA LEU C 243 30.62 -19.01 1.04
C LEU C 243 29.17 -18.57 1.19
N LYS C 244 28.22 -19.47 0.96
CA LYS C 244 26.83 -19.14 1.19
C LYS C 244 26.53 -19.08 2.68
N ALA C 245 26.20 -17.90 3.17
CA ALA C 245 25.81 -17.76 4.57
C ALA C 245 24.61 -16.84 4.64
N PHE C 246 23.80 -17.02 5.68
CA PHE C 246 22.66 -16.17 5.94
C PHE C 246 22.52 -16.03 7.43
N ASN C 247 22.69 -14.83 7.95
CA ASN C 247 22.72 -14.62 9.39
C ASN C 247 22.04 -13.30 9.70
N ALA C 248 21.96 -13.02 11.00
CA ALA C 248 21.24 -11.86 11.49
C ALA C 248 22.09 -11.14 12.53
N HIS C 249 21.89 -9.84 12.65
CA HIS C 249 22.50 -9.08 13.72
C HIS C 249 21.51 -8.03 14.20
N GLU C 250 21.27 -8.00 15.50
CA GLU C 250 20.41 -6.99 16.09
C GLU C 250 21.19 -5.68 16.21
N VAL C 251 20.62 -4.60 15.68
CA VAL C 251 21.20 -3.28 15.80
C VAL C 251 20.27 -2.42 16.65
N VAL C 252 20.82 -1.32 17.15
CA VAL C 252 20.01 -0.27 17.74
C VAL C 252 19.63 0.69 16.64
N ILE C 253 18.35 1.01 16.55
CA ILE C 253 17.76 1.74 15.42
C ILE C 253 18.33 3.14 15.30
N PRO C 254 18.50 3.67 14.09
CA PRO C 254 19.11 4.99 13.94
C PRO C 254 18.15 6.10 14.32
N GLY C 255 18.71 7.30 14.45
CA GLY C 255 17.94 8.50 14.67
C GLY C 255 17.64 8.85 16.11
N LEU C 256 17.95 7.97 17.05
CA LEU C 256 17.63 8.24 18.45
C LEU C 256 18.76 8.99 19.14
N LYS C 257 18.52 9.37 20.38
CA LYS C 257 19.40 10.26 21.12
C LYS C 257 20.03 9.54 22.30
N TRP C 258 21.30 9.86 22.56
CA TRP C 258 22.08 9.22 23.60
C TRP C 258 22.76 10.29 24.44
N VAL C 259 22.95 9.97 25.72
CA VAL C 259 23.76 10.77 26.63
C VAL C 259 25.06 10.01 26.86
N TRP C 260 26.08 10.75 27.25
CA TRP C 260 27.43 10.21 27.42
C TRP C 260 28.14 11.04 28.48
N ARG C 261 28.51 10.40 29.59
CA ARG C 261 29.08 11.12 30.71
C ARG C 261 30.59 10.95 30.74
N ILE C 262 31.31 12.06 30.83
CA ILE C 262 32.76 12.09 30.86
C ILE C 262 33.14 12.96 32.06
N SER C 263 33.58 12.33 33.14
CA SER C 263 33.88 13.06 34.37
C SER C 263 35.38 13.05 34.62
N LEU C 264 35.97 14.24 34.73
CA LEU C 264 37.39 14.38 34.96
C LEU C 264 37.64 14.64 36.44
N ASP C 265 38.37 13.73 37.08
CA ASP C 265 38.58 13.73 38.54
C ASP C 265 39.72 14.69 38.85
N ARG C 266 39.36 15.93 39.21
CA ARG C 266 40.25 17.06 39.51
C ARG C 266 41.29 17.28 38.41
N PRO C 267 40.87 17.66 37.21
CA PRO C 267 41.82 17.70 36.09
C PRO C 267 42.62 18.98 36.06
N THR C 268 43.58 19.02 35.15
CA THR C 268 44.12 20.30 34.73
C THR C 268 43.25 20.86 33.60
N ASP C 269 43.56 22.09 33.18
CA ASP C 269 42.77 22.70 32.12
C ASP C 269 43.09 22.09 30.76
N ALA C 270 44.33 21.61 30.59
CA ALA C 270 44.74 21.03 29.32
C ALA C 270 44.09 19.68 29.06
N GLN C 271 43.78 18.93 30.13
CA GLN C 271 43.10 17.64 29.96
C GLN C 271 41.66 17.84 29.51
N VAL C 272 40.98 18.84 30.08
CA VAL C 272 39.63 19.20 29.64
C VAL C 272 39.68 19.72 28.21
N GLY C 273 40.71 20.49 27.87
CA GLY C 273 40.89 20.93 26.49
C GLY C 273 41.14 19.79 25.52
N LEU C 274 41.81 18.74 25.97
CA LEU C 274 42.03 17.57 25.12
C LEU C 274 40.75 16.80 24.88
N VAL C 275 39.93 16.65 25.92
CA VAL C 275 38.62 16.01 25.75
C VAL C 275 37.71 16.87 24.87
N LEU C 276 37.82 18.20 24.99
CA LEU C 276 37.05 19.09 24.15
C LEU C 276 37.49 19.02 22.69
N LEU C 277 38.79 18.87 22.45
CA LEU C 277 39.29 18.68 21.09
C LEU C 277 38.85 17.34 20.52
N ALA C 278 38.76 16.33 21.39
CA ALA C 278 38.20 15.03 20.99
C ALA C 278 36.75 15.17 20.55
N LEU C 279 35.95 15.91 21.31
CA LEU C 279 34.56 16.10 20.95
C LEU C 279 34.43 16.98 19.71
N ASN C 280 35.41 17.85 19.48
CA ASN C 280 35.42 18.65 18.25
C ASN C 280 35.72 17.79 17.02
N LYS C 281 36.68 16.88 17.11
CA LYS C 281 37.09 16.08 15.97
C LYS C 281 36.39 14.73 15.89
N MET C 282 35.49 14.42 16.82
CA MET C 282 34.92 13.10 16.95
C MET C 282 33.83 12.80 15.91
N THR C 283 33.35 13.81 15.17
CA THR C 283 32.28 13.62 14.20
C THR C 283 32.72 12.74 13.02
N ASN C 284 34.02 12.60 12.79
CA ASN C 284 34.50 11.68 11.77
C ASN C 284 34.52 10.24 12.28
N GLU C 285 34.54 10.04 13.59
CA GLU C 285 34.71 8.72 14.15
C GLU C 285 33.40 7.94 14.17
N ARG C 286 33.50 6.66 14.49
CA ARG C 286 32.37 5.75 14.55
C ARG C 286 32.31 5.11 15.93
N ILE C 287 31.09 4.88 16.40
CA ILE C 287 30.85 4.30 17.72
C ILE C 287 30.63 2.81 17.55
N ALA C 288 31.39 2.02 18.30
CA ALA C 288 31.13 0.61 18.60
C ALA C 288 31.19 -0.31 17.39
N GLY C 289 31.76 0.11 16.28
CA GLY C 289 32.01 -0.81 15.18
C GLY C 289 30.81 -0.99 14.27
N GLY C 290 30.71 -2.21 13.73
CA GLY C 290 29.84 -2.46 12.59
C GLY C 290 30.35 -1.70 11.38
N HIS C 291 31.67 -1.80 11.17
CA HIS C 291 32.39 -0.81 10.36
C HIS C 291 32.02 -0.89 8.88
N SER C 292 31.85 -2.10 8.36
CA SER C 292 31.59 -2.25 6.93
C SER C 292 30.20 -1.74 6.56
N LYS C 293 29.25 -1.86 7.48
CA LYS C 293 27.89 -1.38 7.25
C LYS C 293 27.68 0.06 7.69
N ASP C 294 28.77 0.81 7.91
CA ASP C 294 28.77 2.21 8.36
C ASP C 294 28.05 2.40 9.69
N TYR C 295 28.05 1.38 10.54
CA TYR C 295 27.31 1.48 11.80
C TYR C 295 28.06 2.39 12.78
N GLY C 296 27.29 3.12 13.57
CA GLY C 296 27.84 3.96 14.61
C GLY C 296 28.10 5.40 14.24
N ARG C 297 27.78 5.81 13.01
CA ARG C 297 27.96 7.21 12.64
C ARG C 297 26.91 8.06 13.34
N PHE C 298 27.36 9.19 13.89
CA PHE C 298 26.52 10.02 14.74
C PHE C 298 26.90 11.47 14.54
N VAL C 299 26.04 12.36 15.03
CA VAL C 299 26.37 13.76 15.18
C VAL C 299 26.24 14.11 16.66
N ILE C 300 27.01 15.09 17.09
CA ILE C 300 26.94 15.55 18.48
C ILE C 300 25.94 16.69 18.54
N ASP C 301 24.88 16.50 19.33
CA ASP C 301 23.82 17.48 19.43
C ASP C 301 24.01 18.47 20.57
N GLY C 302 24.70 18.06 21.63
CA GLY C 302 24.93 18.97 22.75
C GLY C 302 26.08 18.52 23.61
N VAL C 303 26.75 19.50 24.21
CA VAL C 303 27.83 19.27 25.17
C VAL C 303 27.61 20.22 26.33
N SER C 304 27.20 19.71 27.47
CA SER C 304 27.07 20.54 28.66
C SER C 304 28.35 20.39 29.48
N LEU C 305 29.06 21.50 29.65
CA LEU C 305 30.33 21.54 30.37
C LEU C 305 30.03 22.03 31.79
N ASN C 306 30.03 21.08 32.74
CA ASN C 306 29.52 21.28 34.11
C ASN C 306 28.09 21.81 34.10
N GLY C 307 27.26 21.27 33.21
CA GLY C 307 25.89 21.71 33.07
C GLY C 307 25.69 22.93 32.20
N GLU C 308 26.76 23.53 31.69
CA GLU C 308 26.67 24.70 30.83
C GLU C 308 26.81 24.24 29.38
N GLN C 309 25.78 24.52 28.57
CA GLN C 309 25.73 24.04 27.19
C GLN C 309 26.74 24.81 26.35
N VAL C 310 27.74 24.10 25.82
CA VAL C 310 28.86 24.74 25.14
C VAL C 310 28.96 24.34 23.67
N TRP C 311 28.21 23.32 23.24
CA TRP C 311 28.30 22.84 21.88
C TRP C 311 27.58 23.79 20.91
N SER C 312 28.29 24.19 19.87
CA SER C 312 27.70 24.86 18.72
C SER C 312 27.68 23.90 17.54
N GLN C 313 27.21 24.38 16.40
CA GLN C 313 27.20 23.52 15.22
C GLN C 313 28.61 23.33 14.66
N SER C 314 29.43 24.37 14.74
CA SER C 314 30.82 24.29 14.27
C SER C 314 31.73 24.10 15.48
N GLY C 315 31.83 22.85 15.94
CA GLY C 315 32.74 22.54 17.04
C GLY C 315 32.20 23.05 18.37
N ILE C 316 33.09 23.63 19.16
CA ILE C 316 32.76 24.19 20.47
C ILE C 316 33.17 25.65 20.49
N THR C 317 32.23 26.53 20.78
CA THR C 317 32.51 27.94 21.02
C THR C 317 32.55 28.21 22.52
N GLY C 318 33.52 29.01 22.94
CA GLY C 318 33.69 29.22 24.36
C GLY C 318 34.57 28.13 24.98
N GLY C 319 34.68 28.17 26.30
CA GLY C 319 35.62 27.31 27.00
C GLY C 319 37.06 27.60 26.65
N GLU C 320 37.43 28.88 26.59
CA GLU C 320 38.67 29.30 25.94
C GLU C 320 39.91 28.94 26.76
N GLN C 321 39.78 28.86 28.09
CA GLN C 321 40.93 28.52 28.92
C GLN C 321 41.38 27.08 28.69
N TYR C 322 40.43 26.17 28.45
CA TYR C 322 40.77 24.78 28.17
C TYR C 322 41.45 24.63 26.81
N PHE C 323 40.95 25.36 25.81
CA PHE C 323 41.54 25.33 24.48
C PHE C 323 42.95 25.93 24.48
N ASP C 324 43.14 27.04 25.22
CA ASP C 324 44.46 27.65 25.31
C ASP C 324 45.43 26.75 26.08
N ALA C 325 44.96 26.10 27.15
CA ALA C 325 45.83 25.23 27.92
C ALA C 325 46.22 23.99 27.14
N VAL C 326 45.28 23.42 26.37
CA VAL C 326 45.64 22.26 25.57
C VAL C 326 46.48 22.68 24.36
N ALA C 327 46.37 23.93 23.92
CA ALA C 327 47.27 24.42 22.87
C ALA C 327 48.70 24.50 23.39
N GLU C 328 48.89 25.10 24.57
CA GLU C 328 50.22 25.18 25.16
C GLU C 328 50.73 23.80 25.58
N ALA C 329 49.81 22.85 25.79
CA ALA C 329 50.22 21.48 26.06
C ALA C 329 50.73 20.79 24.79
N ILE C 330 50.05 20.98 23.66
CA ILE C 330 50.41 20.20 22.47
C ILE C 330 51.57 20.83 21.70
N ASP C 331 51.80 22.15 21.85
CA ASP C 331 53.09 22.66 21.39
C ASP C 331 54.21 22.28 22.35
N GLY C 332 53.89 21.96 23.61
CA GLY C 332 54.87 21.44 24.52
C GLY C 332 54.93 19.94 24.62
N LEU C 333 54.30 19.22 23.70
CA LEU C 333 54.18 17.77 23.80
C LEU C 333 55.27 17.08 22.98
N SER C 334 55.98 16.16 23.62
CA SER C 334 56.97 15.32 22.97
C SER C 334 56.74 13.87 23.40
N SER C 335 57.41 12.95 22.70
CA SER C 335 57.17 11.53 22.95
C SER C 335 57.90 11.02 24.18
N LYS C 336 58.90 11.77 24.68
CA LYS C 336 59.71 11.28 25.79
C LYS C 336 58.90 11.15 27.08
N GLU C 337 57.83 11.94 27.21
CA GLU C 337 56.87 11.74 28.29
C GLU C 337 56.20 10.38 28.17
N PHE C 338 55.85 9.97 26.95
CA PHE C 338 55.24 8.66 26.74
C PHE C 338 56.24 7.53 26.96
N GLU C 339 57.49 7.71 26.53
CA GLU C 339 58.51 6.69 26.77
C GLU C 339 58.82 6.53 28.25
N GLN C 340 58.94 7.63 28.99
CA GLN C 340 59.19 7.53 30.42
C GLN C 340 57.95 7.15 31.20
N PHE C 341 56.75 7.31 30.62
CA PHE C 341 55.56 6.77 31.24
C PHE C 341 55.48 5.26 31.03
N ALA C 342 55.93 4.78 29.88
CA ALA C 342 55.93 3.35 29.62
C ALA C 342 57.14 2.68 30.27
N GLN C 343 58.35 3.03 29.84
CA GLN C 343 59.52 2.28 30.29
C GLN C 343 59.96 2.70 31.68
N SER C 344 60.44 3.93 31.83
CA SER C 344 60.97 4.40 33.11
C SER C 344 61.01 5.92 33.17
N MET D 1 35.35 9.98 3.75
CA MET D 1 35.70 11.11 2.94
C MET D 1 34.33 11.82 2.83
N GLN D 2 33.32 11.11 3.36
CA GLN D 2 31.94 11.58 3.52
C GLN D 2 31.30 11.91 2.18
N ILE D 3 31.12 10.87 1.36
CA ILE D 3 30.37 10.99 0.13
C ILE D 3 28.88 10.81 0.43
N GLU D 4 28.08 11.81 0.09
CA GLU D 4 26.63 11.75 0.25
C GLU D 4 26.00 11.84 -1.13
N VAL D 5 25.55 10.72 -1.67
CA VAL D 5 24.95 10.71 -3.00
C VAL D 5 23.45 10.56 -2.83
N THR D 6 22.69 11.19 -3.72
CA THR D 6 21.25 11.12 -3.74
C THR D 6 20.81 10.59 -5.09
N VAL D 7 19.98 9.55 -5.07
CA VAL D 7 19.52 8.86 -6.26
C VAL D 7 18.01 9.04 -6.35
N ARG D 8 17.45 8.77 -7.53
CA ARG D 8 16.01 8.69 -7.68
C ARG D 8 15.66 7.38 -8.36
N ASN D 9 14.97 6.49 -7.66
CA ASN D 9 14.53 5.26 -8.29
C ASN D 9 13.34 5.56 -9.19
N ILE D 10 13.47 5.21 -10.47
CA ILE D 10 12.40 5.42 -11.44
C ILE D 10 11.54 4.18 -11.58
N THR D 11 11.87 3.13 -10.84
CA THR D 11 11.21 1.84 -10.85
C THR D 11 11.20 1.40 -9.40
N PRO D 12 10.16 0.64 -8.96
CA PRO D 12 10.09 0.21 -7.55
C PRO D 12 11.31 -0.48 -6.96
N ILE D 13 11.45 -0.39 -5.65
CA ILE D 13 12.57 -0.95 -4.92
C ILE D 13 12.06 -2.17 -4.18
N PHE D 14 12.68 -3.32 -4.40
CA PHE D 14 12.29 -4.55 -3.72
C PHE D 14 13.54 -5.16 -3.09
N SER D 15 13.86 -4.73 -1.88
CA SER D 15 14.85 -5.39 -1.04
C SER D 15 14.06 -6.32 -0.14
N ALA D 16 14.01 -7.60 -0.49
CA ALA D 16 13.05 -8.51 0.15
C ALA D 16 13.45 -8.80 1.59
N ALA D 17 12.54 -8.48 2.51
CA ALA D 17 12.76 -8.75 3.92
C ALA D 17 12.42 -10.21 4.20
N PRO D 18 13.33 -10.98 4.78
CA PRO D 18 12.99 -12.37 5.13
C PRO D 18 11.99 -12.42 6.27
N GLY D 19 11.01 -13.31 6.12
CA GLY D 19 9.98 -13.44 7.12
C GLY D 19 8.90 -14.38 6.60
N SER D 20 7.89 -14.57 7.44
CA SER D 20 6.70 -15.33 7.08
C SER D 20 5.53 -14.36 7.16
N ASN D 21 5.34 -13.59 6.10
CA ASN D 21 4.32 -12.56 6.05
C ASN D 21 3.21 -12.96 5.10
N TYR D 22 1.99 -12.59 5.47
CA TYR D 22 0.81 -12.88 4.66
C TYR D 22 0.01 -11.60 4.47
N ILE D 23 -0.99 -11.68 3.60
CA ILE D 23 -1.84 -10.53 3.28
C ILE D 23 -3.19 -11.06 2.82
N THR D 24 -4.25 -10.35 3.20
CA THR D 24 -5.56 -10.68 2.65
C THR D 24 -5.68 -10.23 1.21
N ILE D 25 -6.82 -10.57 0.59
CA ILE D 25 -7.09 -10.13 -0.76
C ILE D 25 -7.31 -8.63 -0.82
N ASP D 26 -7.77 -8.03 0.28
CA ASP D 26 -8.02 -6.59 0.33
C ASP D 26 -6.74 -5.78 0.44
N GLY D 27 -5.77 -6.27 1.20
CA GLY D 27 -4.50 -5.56 1.34
C GLY D 27 -4.10 -5.29 2.78
N THR D 28 -4.71 -6.00 3.72
CA THR D 28 -4.37 -5.87 5.13
C THR D 28 -3.14 -6.72 5.41
N ILE D 29 -2.13 -6.11 6.03
CA ILE D 29 -0.85 -6.79 6.22
C ILE D 29 -0.94 -7.70 7.44
N ASN D 30 -0.56 -8.97 7.25
CA ASN D 30 -0.51 -10.03 8.26
C ASN D 30 -1.85 -10.19 9.00
N PRO D 31 -2.86 -10.77 8.36
CA PRO D 31 -4.19 -10.83 8.97
C PRO D 31 -4.26 -11.86 10.09
N PRO D 32 -5.27 -11.78 10.94
CA PRO D 32 -5.52 -12.85 11.92
C PRO D 32 -5.86 -14.16 11.22
N PRO D 33 -5.51 -15.30 11.83
CA PRO D 33 -5.69 -16.59 11.15
C PRO D 33 -7.15 -16.97 11.00
N GLY D 34 -7.42 -17.78 9.98
CA GLY D 34 -8.76 -18.20 9.62
C GLY D 34 -9.26 -17.63 8.31
N VAL D 35 -8.86 -16.41 7.98
CA VAL D 35 -9.23 -15.77 6.73
C VAL D 35 -8.24 -16.23 5.66
N SER D 36 -8.65 -16.12 4.39
CA SER D 36 -7.79 -16.54 3.29
C SER D 36 -6.63 -15.56 3.12
N ARG D 37 -5.42 -16.04 3.38
CA ARG D 37 -4.22 -15.23 3.34
C ARG D 37 -3.30 -15.73 2.23
N PHE D 38 -2.67 -14.80 1.54
CA PHE D 38 -1.72 -15.03 0.48
C PHE D 38 -0.32 -14.68 0.94
N PRO D 39 0.72 -15.33 0.42
CA PRO D 39 2.08 -15.01 0.83
C PRO D 39 2.50 -13.63 0.38
N LEU D 40 3.20 -12.93 1.27
CA LEU D 40 3.67 -11.59 1.01
C LEU D 40 5.15 -11.52 1.37
N VAL D 41 5.94 -10.98 0.45
CA VAL D 41 7.36 -10.75 0.70
C VAL D 41 7.52 -9.24 0.82
N ARG D 42 7.61 -8.76 2.05
CA ARG D 42 7.72 -7.33 2.30
C ARG D 42 9.09 -6.81 1.89
N THR D 43 9.14 -5.52 1.55
CA THR D 43 10.42 -4.89 1.30
C THR D 43 11.15 -4.68 2.63
N ARG D 44 12.45 -4.39 2.53
CA ARG D 44 13.27 -4.23 3.72
C ARG D 44 12.89 -2.95 4.46
N MET D 45 12.34 -3.13 5.65
CA MET D 45 11.95 -2.03 6.50
C MET D 45 12.97 -1.95 7.63
N MET D 46 13.40 -0.74 7.97
CA MET D 46 14.09 -0.50 9.21
C MET D 46 13.17 0.23 10.16
N TYR D 47 13.45 0.14 11.46
CA TYR D 47 12.80 1.02 12.41
C TYR D 47 13.69 2.22 12.64
N VAL D 48 13.09 3.38 12.89
CA VAL D 48 13.84 4.61 13.08
C VAL D 48 13.10 5.46 14.10
N ALA D 49 13.85 6.03 15.04
CA ALA D 49 13.30 7.04 15.92
C ALA D 49 13.04 8.31 15.12
N ALA D 50 11.79 8.75 15.09
CA ALA D 50 11.39 9.90 14.31
C ALA D 50 10.47 10.79 15.12
N ASP D 51 10.31 12.02 14.64
CA ASP D 51 9.55 13.05 15.34
C ASP D 51 8.15 13.02 14.73
N VAL D 52 7.23 12.37 15.44
CA VAL D 52 5.81 12.42 15.12
C VAL D 52 5.12 13.27 16.18
N GLY D 53 4.36 14.26 15.74
CA GLY D 53 3.80 15.24 16.67
C GLY D 53 4.87 16.22 17.08
N ASP D 54 4.93 16.53 18.38
CA ASP D 54 5.91 17.46 18.93
C ASP D 54 6.63 16.76 20.09
N GLY D 55 7.83 16.26 19.83
CA GLY D 55 8.63 15.60 20.85
C GLY D 55 8.08 14.28 21.34
N VAL D 56 7.33 13.55 20.50
CA VAL D 56 6.69 12.31 20.88
C VAL D 56 7.41 11.22 20.10
N ILE D 57 8.75 11.37 20.00
CA ILE D 57 9.69 10.56 19.21
C ILE D 57 9.42 9.07 19.34
N LYS D 58 9.23 8.41 18.20
CA LYS D 58 8.73 7.04 18.19
C LYS D 58 9.49 6.22 17.16
N SER D 59 9.54 4.91 17.39
CA SER D 59 10.15 3.97 16.46
C SER D 59 9.14 3.66 15.36
N VAL D 60 9.31 4.29 14.20
CA VAL D 60 8.40 4.09 13.08
C VAL D 60 9.10 3.32 11.97
N PRO D 61 8.36 2.57 11.16
CA PRO D 61 8.94 1.94 9.97
C PRO D 61 9.43 2.96 8.95
N LEU D 62 10.53 2.61 8.29
CA LEU D 62 11.03 3.30 7.12
C LEU D 62 11.66 2.26 6.22
N GLN D 63 11.08 2.04 5.05
CA GLN D 63 11.55 1.00 4.15
C GLN D 63 12.73 1.44 3.31
N ILE D 64 13.82 0.66 3.39
CA ILE D 64 15.14 1.03 2.93
C ILE D 64 15.72 -0.10 2.09
N VAL D 65 16.92 0.12 1.58
CA VAL D 65 17.79 -0.93 1.06
C VAL D 65 18.92 -1.10 2.05
N PRO D 66 19.28 -2.33 2.42
CA PRO D 66 20.37 -2.54 3.40
C PRO D 66 21.71 -2.04 2.89
N GLY D 67 22.54 -1.58 3.83
CA GLY D 67 23.88 -1.13 3.51
C GLY D 67 24.79 -2.23 3.05
N ASN D 68 24.52 -3.48 3.46
CA ASN D 68 25.24 -4.62 2.92
C ASN D 68 24.93 -4.82 1.44
N THR D 69 23.65 -4.67 1.06
CA THR D 69 23.25 -4.78 -0.34
C THR D 69 23.84 -3.65 -1.18
N MET D 70 23.80 -2.42 -0.67
CA MET D 70 24.37 -1.30 -1.40
C MET D 70 25.90 -1.37 -1.46
N ARG D 71 26.51 -1.93 -0.42
CA ARG D 71 27.95 -2.14 -0.40
C ARG D 71 28.37 -3.16 -1.44
N SER D 72 27.62 -4.26 -1.54
CA SER D 72 27.94 -5.26 -2.56
C SER D 72 27.62 -4.76 -3.96
N LEU D 73 26.61 -3.89 -4.08
CA LEU D 73 26.32 -3.27 -5.37
C LEU D 73 27.46 -2.36 -5.82
N LEU D 74 28.00 -1.55 -4.89
CA LEU D 74 29.16 -0.71 -5.20
C LEU D 74 30.39 -1.56 -5.53
N ARG D 75 30.57 -2.66 -4.79
CA ARG D 75 31.70 -3.56 -5.01
C ARG D 75 31.62 -4.21 -6.38
N ARG D 76 30.46 -4.73 -6.75
CA ARG D 76 30.32 -5.40 -8.04
C ARG D 76 30.33 -4.40 -9.19
N THR D 77 29.91 -3.16 -8.94
CA THR D 77 30.02 -2.13 -9.97
C THR D 77 31.47 -1.79 -10.26
N MET D 78 32.27 -1.53 -9.22
CA MET D 78 33.67 -1.22 -9.46
C MET D 78 34.46 -2.46 -9.88
N LEU D 79 33.93 -3.66 -9.60
CA LEU D 79 34.59 -4.87 -10.06
C LEU D 79 34.33 -5.09 -11.55
N LYS D 80 33.06 -5.14 -11.95
CA LYS D 80 32.71 -5.47 -13.33
C LYS D 80 33.05 -4.32 -14.28
N HIS D 81 33.18 -3.10 -13.76
CA HIS D 81 33.38 -1.96 -14.64
C HIS D 81 34.78 -1.35 -14.57
N VAL D 82 35.47 -1.46 -13.45
CA VAL D 82 36.78 -0.84 -13.32
C VAL D 82 37.87 -1.89 -13.11
N ILE D 83 37.66 -2.80 -12.16
CA ILE D 83 38.74 -3.71 -11.74
C ILE D 83 38.95 -4.79 -12.80
N GLU D 84 37.89 -5.50 -13.17
CA GLU D 84 38.02 -6.57 -14.16
C GLU D 84 38.31 -6.12 -15.59
N PRO D 85 37.77 -5.00 -16.14
CA PRO D 85 38.28 -4.56 -17.46
C PRO D 85 39.75 -4.20 -17.46
N ALA D 86 40.25 -3.54 -16.41
CA ALA D 86 41.68 -3.24 -16.33
C ALA D 86 42.51 -4.47 -16.00
N LEU D 87 41.89 -5.53 -15.50
CA LEU D 87 42.61 -6.75 -15.17
C LEU D 87 42.61 -7.75 -16.32
N VAL D 88 41.64 -7.66 -17.23
CA VAL D 88 41.64 -8.44 -18.46
C VAL D 88 42.41 -7.74 -19.59
N GLU D 89 42.43 -6.40 -19.63
CA GLU D 89 43.15 -5.71 -20.69
C GLU D 89 44.67 -5.88 -20.57
N LYS D 90 45.17 -6.31 -19.42
CA LYS D 90 46.51 -6.83 -19.30
C LYS D 90 46.44 -8.33 -18.99
N GLY D 91 47.62 -8.96 -18.88
CA GLY D 91 47.67 -10.40 -18.78
C GLY D 91 47.35 -10.98 -17.42
N ASN D 92 46.88 -10.17 -16.46
CA ASN D 92 46.63 -10.65 -15.12
C ASN D 92 45.38 -11.52 -15.07
N LYS D 93 45.39 -12.49 -14.16
CA LYS D 93 44.26 -13.39 -13.97
C LYS D 93 44.23 -13.83 -12.52
N LEU D 94 43.02 -14.12 -12.05
CA LEU D 94 42.77 -14.43 -10.64
C LEU D 94 42.51 -15.92 -10.48
N SER D 95 42.84 -16.46 -9.31
CA SER D 95 42.36 -17.80 -9.00
C SER D 95 40.89 -17.75 -8.61
N ILE D 96 40.27 -18.92 -8.52
CA ILE D 96 38.85 -18.98 -8.18
C ILE D 96 38.63 -18.55 -6.72
N GLY D 97 39.60 -18.83 -5.85
CA GLY D 97 39.55 -18.29 -4.51
C GLY D 97 39.83 -16.81 -4.47
N ALA D 98 40.61 -16.30 -5.41
CA ALA D 98 40.88 -14.86 -5.47
C ALA D 98 39.67 -14.09 -5.99
N TYR D 99 38.97 -14.67 -6.97
CA TYR D 99 37.69 -14.10 -7.41
C TYR D 99 36.66 -14.12 -6.29
N ALA D 100 36.61 -15.24 -5.55
CA ALA D 100 35.72 -15.37 -4.41
C ALA D 100 36.05 -14.37 -3.30
N THR D 101 37.33 -14.11 -3.07
CA THR D 101 37.76 -13.11 -2.09
C THR D 101 37.45 -11.70 -2.56
N ALA D 102 37.62 -11.42 -3.86
CA ALA D 102 37.33 -10.09 -4.38
C ALA D 102 35.84 -9.79 -4.41
N TYR D 103 34.98 -10.79 -4.50
CA TYR D 103 33.54 -10.54 -4.58
C TYR D 103 32.80 -10.78 -3.27
N SER D 104 33.04 -11.90 -2.59
CA SER D 104 32.33 -12.19 -1.35
C SER D 104 33.13 -11.82 -0.11
N GLY D 105 34.28 -11.19 -0.26
CA GLY D 105 35.11 -10.87 0.88
C GLY D 105 36.09 -11.98 1.25
N ASN D 106 35.60 -13.21 1.34
CA ASN D 106 36.40 -14.34 1.76
C ASN D 106 36.45 -15.38 0.64
N ALA D 107 37.49 -16.21 0.66
CA ALA D 107 37.62 -17.29 -0.29
C ALA D 107 36.80 -18.51 0.09
N THR D 108 36.36 -18.60 1.34
CA THR D 108 35.63 -19.74 1.87
C THR D 108 35.01 -19.31 3.17
N GLY D 109 34.51 -20.29 3.93
CA GLY D 109 34.22 -20.06 5.34
C GLY D 109 35.50 -20.21 6.15
N ASN D 110 35.40 -20.88 7.30
CA ASN D 110 36.49 -21.41 8.12
C ASN D 110 37.80 -20.61 8.14
N PRO D 111 37.77 -19.34 8.54
CA PRO D 111 38.94 -18.49 8.38
C PRO D 111 40.05 -18.86 9.34
N ASP D 112 41.26 -18.38 9.05
CA ASP D 112 42.38 -18.64 9.94
C ASP D 112 42.44 -17.55 11.01
N GLY D 113 42.59 -17.97 12.27
CA GLY D 113 42.74 -17.01 13.34
C GLY D 113 44.11 -16.37 13.42
N VAL D 114 45.07 -16.88 12.65
CA VAL D 114 46.38 -16.23 12.52
C VAL D 114 46.20 -14.89 11.83
N PRO D 115 46.76 -13.80 12.35
CA PRO D 115 46.56 -12.50 11.69
C PRO D 115 47.49 -12.31 10.50
N SER D 116 47.42 -11.14 9.88
CA SER D 116 48.23 -10.81 8.73
C SER D 116 49.34 -9.86 9.15
N SER D 117 50.35 -9.75 8.28
CA SER D 117 51.53 -8.94 8.59
C SER D 117 51.20 -7.46 8.55
N PHE D 118 51.98 -6.68 9.31
CA PHE D 118 51.78 -5.23 9.35
C PHE D 118 52.08 -4.58 8.01
N ASP D 119 53.16 -5.01 7.35
CA ASP D 119 53.45 -4.55 6.00
C ASP D 119 52.37 -5.00 5.03
N GLU D 120 51.86 -6.22 5.22
CA GLU D 120 50.76 -6.72 4.41
C GLU D 120 49.51 -5.88 4.60
N ILE D 121 49.16 -5.58 5.85
CA ILE D 121 47.94 -4.81 6.15
C ILE D 121 48.06 -3.39 5.61
N ALA D 122 49.25 -2.78 5.74
CA ALA D 122 49.46 -1.43 5.21
C ALA D 122 49.39 -1.41 3.69
N THR D 123 49.95 -2.42 3.02
CA THR D 123 49.89 -2.46 1.56
C THR D 123 48.48 -2.74 1.07
N MET D 124 47.71 -3.53 1.82
CA MET D 124 46.37 -3.89 1.35
C MET D 124 45.39 -2.77 1.59
N ARG D 125 45.56 -2.01 2.67
CA ARG D 125 44.76 -0.81 2.84
C ARG D 125 45.27 0.34 1.99
N ALA D 126 46.48 0.24 1.44
CA ALA D 126 46.90 1.17 0.40
C ALA D 126 46.40 0.76 -0.98
N HIS D 127 45.87 -0.45 -1.13
CA HIS D 127 45.37 -0.90 -2.43
C HIS D 127 44.09 -0.16 -2.78
N PRO D 128 43.82 0.09 -4.08
CA PRO D 128 42.57 0.75 -4.46
C PRO D 128 41.32 -0.03 -4.11
N PHE D 129 41.32 -1.35 -4.26
CA PHE D 129 40.12 -2.14 -4.04
C PHE D 129 40.14 -2.92 -2.72
N ILE D 130 41.29 -3.47 -2.34
CA ILE D 130 41.36 -4.30 -1.15
C ILE D 130 41.16 -3.47 0.11
N GLY D 131 41.64 -2.23 0.11
CA GLY D 131 41.46 -1.38 1.27
C GLY D 131 40.05 -0.87 1.43
N LEU D 132 39.27 -0.87 0.35
CA LEU D 132 37.84 -0.57 0.49
C LEU D 132 37.10 -1.76 1.08
N PHE D 133 37.31 -2.94 0.53
CA PHE D 133 36.63 -4.16 0.94
C PHE D 133 37.68 -5.11 1.49
N GLY D 134 38.02 -4.94 2.75
CA GLY D 134 39.03 -5.81 3.32
C GLY D 134 38.41 -7.05 3.88
N GLY D 135 38.37 -8.12 3.10
CA GLY D 135 37.84 -9.36 3.61
C GLY D 135 38.95 -10.35 3.88
N GLY D 136 39.11 -11.31 2.98
CA GLY D 136 40.20 -12.25 3.05
C GLY D 136 39.98 -13.30 4.13
N PRO D 137 40.89 -14.27 4.20
CA PRO D 137 40.82 -15.22 5.32
C PRO D 137 41.21 -14.60 6.64
N ARG D 138 42.30 -13.83 6.66
CA ARG D 138 42.65 -13.00 7.81
C ARG D 138 41.94 -11.66 7.62
N MET D 139 41.00 -11.36 8.52
CA MET D 139 40.00 -10.34 8.27
C MET D 139 40.57 -8.93 8.37
N LEU D 140 40.82 -8.31 7.22
CA LEU D 140 41.25 -6.92 7.19
C LEU D 140 40.10 -6.02 7.60
N GLU D 141 40.43 -4.81 8.06
CA GLU D 141 39.42 -3.77 8.23
C GLU D 141 39.45 -2.92 6.97
N GLY D 142 38.48 -3.14 6.08
CA GLY D 142 38.35 -2.30 4.91
C GLY D 142 37.92 -0.90 5.31
N ARG D 143 38.51 0.09 4.65
CA ARG D 143 38.34 1.47 5.05
C ARG D 143 37.10 2.12 4.46
N LEU D 144 36.29 1.36 3.73
CA LEU D 144 35.05 1.86 3.16
C LEU D 144 33.89 1.47 4.07
N MET D 145 33.10 2.46 4.47
CA MET D 145 31.88 2.26 5.25
C MET D 145 30.71 2.67 4.37
N VAL D 146 29.75 1.76 4.17
CA VAL D 146 28.63 1.98 3.27
C VAL D 146 27.35 2.02 4.09
N ASP D 147 26.63 3.13 3.97
CA ASP D 147 25.37 3.28 4.66
C ASP D 147 24.24 2.61 3.90
N SER D 148 23.13 2.42 4.59
CA SER D 148 21.92 1.96 3.95
C SER D 148 21.33 3.08 3.07
N LEU D 149 20.61 2.67 2.04
CA LEU D 149 19.91 3.61 1.17
C LEU D 149 18.63 4.07 1.86
N TYR D 150 18.61 5.33 2.30
CA TYR D 150 17.46 5.82 3.04
C TYR D 150 16.59 6.69 2.14
N PRO D 151 15.28 6.48 2.09
CA PRO D 151 14.43 7.43 1.38
C PRO D 151 14.37 8.76 2.11
N ILE D 152 14.44 9.85 1.34
CA ILE D 152 14.37 11.18 1.94
C ILE D 152 12.93 11.41 2.35
N HIS D 153 12.67 11.18 3.64
CA HIS D 153 11.35 11.04 4.19
C HIS D 153 11.34 11.77 5.52
N THR D 154 10.15 12.14 6.01
CA THR D 154 10.05 12.78 7.30
C THR D 154 10.48 11.85 8.43
N ASN D 155 10.22 10.54 8.28
CA ASN D 155 10.62 9.55 9.27
C ASN D 155 12.13 9.38 9.40
N ALA D 156 12.90 9.87 8.43
CA ALA D 156 14.35 9.90 8.53
C ALA D 156 14.87 11.30 8.82
N GLU D 157 14.01 12.19 9.35
CA GLU D 157 14.36 13.60 9.52
C GLU D 157 15.50 13.78 10.53
N ARG D 158 15.53 12.95 11.57
CA ARG D 158 16.64 13.01 12.53
C ARG D 158 17.93 12.50 11.91
N ILE D 159 17.83 11.58 10.95
CA ILE D 159 19.01 11.03 10.32
C ILE D 159 19.63 12.03 9.35
N LEU D 160 18.80 12.64 8.51
CA LEU D 160 19.32 13.48 7.44
C LEU D 160 19.81 14.82 7.97
N GLY D 161 19.18 15.33 9.04
CA GLY D 161 19.64 16.54 9.66
C GLY D 161 19.08 17.80 9.03
N ALA D 162 19.86 18.43 8.16
CA ALA D 162 19.47 19.68 7.53
C ALA D 162 19.83 19.61 6.05
N GLY D 163 19.18 20.49 5.27
CA GLY D 163 19.41 20.54 3.84
C GLY D 163 18.51 19.62 3.03
N TYR D 164 17.64 18.85 3.66
CA TYR D 164 16.73 17.96 2.95
C TYR D 164 15.27 18.26 3.23
N GLU D 165 14.94 19.42 3.80
CA GLU D 165 13.56 19.70 4.17
C GLU D 165 12.68 19.95 2.95
N ASN D 166 13.27 20.27 1.81
CA ASN D 166 12.57 20.24 0.54
C ASN D 166 12.84 18.92 -0.16
N GLU D 167 11.94 18.56 -1.07
CA GLU D 167 11.88 17.27 -1.76
C GLU D 167 11.83 16.09 -0.79
N MET D 168 11.11 16.26 0.32
CA MET D 168 10.95 15.24 1.36
C MET D 168 9.56 14.61 1.23
N MET D 169 9.50 13.29 1.21
CA MET D 169 8.22 12.62 1.19
C MET D 169 7.65 12.50 2.60
N SER D 170 6.37 12.11 2.66
CA SER D 170 5.66 11.89 3.91
C SER D 170 4.57 10.87 3.66
N GLY D 171 4.04 10.32 4.74
CA GLY D 171 2.95 9.38 4.66
C GLY D 171 3.38 8.01 4.19
N PRO D 172 2.49 7.31 3.48
CA PRO D 172 2.83 5.96 3.01
C PRO D 172 3.87 6.00 1.90
N ILE D 173 4.71 4.97 1.86
CA ILE D 173 5.90 5.01 1.03
C ILE D 173 6.00 3.72 0.22
N THR D 174 5.15 2.74 0.53
CA THR D 174 5.23 1.42 -0.09
C THR D 174 3.94 1.06 -0.81
N GLN D 175 3.97 -0.12 -1.43
CA GLN D 175 2.87 -0.60 -2.25
C GLN D 175 2.97 -2.11 -2.39
N VAL D 176 1.86 -2.80 -2.17
CA VAL D 176 1.77 -4.23 -2.42
C VAL D 176 1.48 -4.46 -3.90
N VAL D 177 2.34 -5.26 -4.55
CA VAL D 177 2.18 -5.63 -5.95
C VAL D 177 1.97 -7.13 -6.02
N TRP D 178 0.95 -7.57 -6.74
CA TRP D 178 0.57 -8.97 -6.80
C TRP D 178 1.05 -9.62 -8.09
N ALA D 179 1.23 -10.93 -8.03
CA ALA D 179 1.67 -11.73 -9.17
C ALA D 179 0.86 -13.03 -9.21
N ARG D 180 0.48 -13.45 -10.42
CA ARG D 180 -0.44 -14.57 -10.58
C ARG D 180 0.25 -15.91 -10.69
N ARG D 181 1.25 -16.05 -11.56
CA ARG D 181 1.91 -17.32 -11.92
C ARG D 181 0.84 -18.32 -12.42
N MET D 182 0.39 -18.03 -13.64
CA MET D 182 -0.62 -18.86 -14.28
C MET D 182 0.00 -20.11 -14.92
N ASP D 183 -0.74 -21.21 -14.83
CA ASP D 183 -0.33 -22.48 -15.43
C ASP D 183 -0.38 -22.36 -16.95
N PRO D 184 0.68 -22.80 -17.66
CA PRO D 184 0.75 -22.52 -19.10
C PRO D 184 -0.19 -23.34 -19.95
N ILE D 185 -0.49 -24.59 -19.58
CA ILE D 185 -1.26 -25.42 -20.49
C ILE D 185 -2.76 -25.18 -20.32
N LEU D 186 -3.15 -24.42 -19.29
CA LEU D 186 -4.53 -23.94 -19.23
C LEU D 186 -4.82 -22.93 -20.34
N ASN D 187 -3.77 -22.27 -20.84
CA ASN D 187 -3.89 -21.35 -21.97
C ASN D 187 -3.92 -22.09 -23.30
N LEU D 188 -3.59 -23.39 -23.32
CA LEU D 188 -3.67 -24.18 -24.54
C LEU D 188 -5.11 -24.34 -24.98
N GLY D 189 -5.38 -24.04 -26.25
CA GLY D 189 -6.74 -24.02 -26.73
C GLY D 189 -7.00 -24.71 -28.06
N SER D 190 -5.94 -25.10 -28.77
CA SER D 190 -6.10 -25.64 -30.11
C SER D 190 -5.02 -26.66 -30.39
N SER D 191 -5.23 -27.44 -31.45
CA SER D 191 -4.24 -28.42 -31.88
C SER D 191 -3.00 -27.73 -32.45
N GLU D 192 -3.18 -26.55 -33.05
CA GLU D 192 -2.03 -25.78 -33.53
C GLU D 192 -1.19 -25.24 -32.38
N ASP D 193 -1.82 -25.04 -31.22
CA ASP D 193 -1.09 -24.54 -30.06
C ASP D 193 -0.28 -25.65 -29.39
N VAL D 194 -0.65 -26.91 -29.60
CA VAL D 194 -0.12 -28.02 -28.81
C VAL D 194 0.87 -28.87 -29.61
N GLU D 195 1.21 -28.44 -30.82
CA GLU D 195 2.01 -29.28 -31.71
C GLU D 195 3.47 -29.37 -31.26
N VAL D 196 3.90 -28.47 -30.39
CA VAL D 196 5.28 -28.49 -29.92
C VAL D 196 5.45 -29.48 -28.77
N ILE D 197 4.35 -29.78 -28.07
CA ILE D 197 4.41 -30.73 -26.96
C ILE D 197 4.54 -32.15 -27.49
N ASN D 198 5.45 -32.92 -26.89
CA ASN D 198 5.60 -34.35 -27.16
C ASN D 198 4.29 -35.10 -26.89
N GLY D 199 3.68 -35.62 -27.95
CA GLY D 199 2.40 -36.27 -27.86
C GLY D 199 1.22 -35.38 -28.16
N GLY D 200 1.39 -34.07 -28.07
CA GLY D 200 0.31 -33.15 -28.37
C GLY D 200 -0.74 -33.16 -27.28
N ALA D 201 -1.95 -33.60 -27.64
CA ALA D 201 -3.08 -33.51 -26.72
C ALA D 201 -2.98 -34.53 -25.59
N VAL D 202 -2.24 -35.62 -25.81
CA VAL D 202 -2.19 -36.71 -24.84
C VAL D 202 -1.45 -36.27 -23.57
N ALA D 203 -0.28 -35.65 -23.73
CA ALA D 203 0.51 -35.22 -22.58
C ALA D 203 -0.15 -34.05 -21.87
N ALA D 204 -0.77 -33.14 -22.64
CA ALA D 204 -1.48 -32.00 -22.06
C ALA D 204 -2.67 -32.47 -21.25
N ASN D 205 -3.45 -33.42 -21.79
CA ASN D 205 -4.60 -33.95 -21.05
C ASN D 205 -4.16 -34.76 -19.84
N GLY D 206 -3.00 -35.44 -19.94
CA GLY D 206 -2.47 -36.14 -18.79
C GLY D 206 -2.06 -35.21 -17.67
N TRP D 207 -1.45 -34.06 -18.02
CA TRP D 207 -1.12 -33.07 -17.00
C TRP D 207 -2.40 -32.46 -16.43
N ILE D 208 -3.44 -32.33 -17.25
CA ILE D 208 -4.73 -31.83 -16.75
C ILE D 208 -5.34 -32.79 -15.72
N GLN D 209 -5.33 -34.10 -16.01
CA GLN D 209 -5.83 -35.07 -15.02
C GLN D 209 -4.95 -35.11 -13.78
N ASP D 210 -3.64 -34.90 -13.93
CA ASP D 210 -2.76 -34.78 -12.76
C ASP D 210 -3.11 -33.54 -11.94
N LEU D 211 -3.46 -32.44 -12.61
CA LEU D 211 -3.87 -31.22 -11.92
C LEU D 211 -5.19 -31.43 -11.19
N LEU D 212 -6.12 -32.15 -11.81
CA LEU D 212 -7.40 -32.44 -11.16
C LEU D 212 -7.22 -33.34 -9.94
N ALA D 213 -6.34 -34.34 -10.05
CA ALA D 213 -6.04 -35.21 -8.91
C ALA D 213 -5.35 -34.43 -7.80
N ASN D 214 -4.45 -33.51 -8.15
CA ASN D 214 -3.78 -32.68 -7.15
C ASN D 214 -4.74 -31.71 -6.48
N SER D 215 -5.69 -31.16 -7.24
CA SER D 215 -6.70 -30.28 -6.66
C SER D 215 -7.64 -31.04 -5.74
N LYS D 216 -7.99 -32.28 -6.11
CA LYS D 216 -8.79 -33.13 -5.22
C LYS D 216 -8.03 -33.49 -3.96
N ALA D 217 -6.73 -33.76 -4.08
CA ALA D 217 -5.90 -34.05 -2.91
C ALA D 217 -5.77 -32.84 -2.01
N ALA D 218 -5.65 -31.64 -2.59
CA ALA D 218 -5.59 -30.41 -1.80
C ALA D 218 -6.92 -30.11 -1.12
N ALA D 219 -8.04 -30.42 -1.78
CA ALA D 219 -9.35 -30.24 -1.16
C ALA D 219 -9.57 -31.25 -0.04
N SER D 220 -9.03 -32.46 -0.20
CA SER D 220 -9.10 -33.45 0.88
C SER D 220 -8.20 -33.05 2.05
N LYS D 221 -7.06 -32.43 1.75
CA LYS D 221 -6.17 -31.97 2.82
C LYS D 221 -6.78 -30.80 3.58
N LYS D 222 -7.41 -29.87 2.87
CA LYS D 222 -8.09 -28.76 3.55
C LYS D 222 -9.34 -29.25 4.27
N LYS D 223 -10.08 -30.18 3.66
CA LYS D 223 -11.28 -30.72 4.26
C LYS D 223 -11.45 -32.20 3.93
N GLY D 240 5.13 -32.48 -4.58
CA GLY D 240 3.99 -32.20 -5.42
C GLY D 240 3.41 -30.81 -5.20
N ARG D 241 3.65 -29.92 -6.15
CA ARG D 241 3.13 -28.56 -6.07
C ARG D 241 2.95 -28.04 -7.49
N GLY D 242 1.76 -27.51 -7.77
CA GLY D 242 1.40 -27.11 -9.12
C GLY D 242 2.05 -25.81 -9.54
N LEU D 243 1.72 -25.39 -10.75
CA LEU D 243 2.29 -24.19 -11.34
C LEU D 243 1.40 -22.96 -11.15
N LYS D 244 0.36 -23.05 -10.34
CA LYS D 244 -0.44 -21.88 -10.02
C LYS D 244 -0.05 -21.38 -8.64
N ALA D 245 0.43 -20.14 -8.57
CA ALA D 245 0.92 -19.59 -7.30
C ALA D 245 0.65 -18.09 -7.28
N PHE D 246 -0.52 -17.71 -6.75
CA PHE D 246 -0.91 -16.32 -6.62
C PHE D 246 -0.34 -15.77 -5.33
N ASN D 247 0.34 -14.63 -5.42
CA ASN D 247 1.10 -14.15 -4.29
C ASN D 247 1.26 -12.64 -4.41
N ALA D 248 1.87 -12.05 -3.38
CA ALA D 248 2.08 -10.62 -3.31
C ALA D 248 3.49 -10.35 -2.83
N HIS D 249 3.95 -9.13 -3.09
CA HIS D 249 5.20 -8.66 -2.55
C HIS D 249 5.12 -7.15 -2.38
N GLU D 250 5.58 -6.66 -1.24
CA GLU D 250 5.58 -5.23 -0.98
C GLU D 250 6.87 -4.62 -1.53
N VAL D 251 6.72 -3.58 -2.33
CA VAL D 251 7.84 -2.83 -2.88
C VAL D 251 7.75 -1.41 -2.35
N VAL D 252 8.85 -0.68 -2.50
CA VAL D 252 8.86 0.75 -2.24
C VAL D 252 8.43 1.45 -3.52
N ILE D 253 7.67 2.54 -3.38
CA ILE D 253 7.09 3.18 -4.57
C ILE D 253 8.20 3.88 -5.35
N PRO D 254 8.09 3.99 -6.68
CA PRO D 254 9.14 4.68 -7.43
C PRO D 254 8.96 6.19 -7.39
N GLY D 255 9.95 6.88 -7.95
CA GLY D 255 9.98 8.33 -7.90
C GLY D 255 10.53 8.91 -6.62
N LEU D 256 10.92 8.07 -5.67
CA LEU D 256 11.47 8.54 -4.41
C LEU D 256 12.87 9.08 -4.59
N LYS D 257 13.22 10.05 -3.76
CA LYS D 257 14.59 10.53 -3.65
C LYS D 257 15.23 9.81 -2.47
N TRP D 258 16.32 9.11 -2.72
CA TRP D 258 17.03 8.37 -1.69
C TRP D 258 18.40 8.99 -1.48
N VAL D 259 18.96 8.74 -0.30
CA VAL D 259 20.28 9.20 0.08
C VAL D 259 21.12 7.96 0.41
N TRP D 260 22.43 8.10 0.25
CA TRP D 260 23.39 7.02 0.39
C TRP D 260 24.70 7.63 0.86
N ARG D 261 25.18 7.20 2.02
CA ARG D 261 26.33 7.83 2.65
C ARG D 261 27.52 6.89 2.64
N ILE D 262 28.30 6.98 1.59
CA ILE D 262 29.63 6.37 1.54
C ILE D 262 30.54 7.16 2.45
N SER D 263 31.43 6.49 3.16
CA SER D 263 32.45 7.17 3.92
C SER D 263 33.73 6.36 3.87
N LEU D 264 34.87 7.03 4.05
CA LEU D 264 36.18 6.44 3.90
C LEU D 264 37.08 7.02 4.98
N ASP D 265 37.61 6.16 5.86
CA ASP D 265 38.43 6.65 6.96
C ASP D 265 39.88 6.80 6.49
N ARG D 266 40.27 8.07 6.27
CA ARG D 266 41.58 8.48 5.77
C ARG D 266 41.95 7.74 4.48
N PRO D 267 41.24 7.97 3.38
CA PRO D 267 41.45 7.14 2.19
C PRO D 267 42.71 7.53 1.44
N THR D 268 43.21 6.58 0.66
CA THR D 268 44.13 6.93 -0.41
C THR D 268 43.33 7.64 -1.49
N ASP D 269 44.03 8.47 -2.27
CA ASP D 269 43.42 9.22 -3.37
C ASP D 269 42.78 8.29 -4.39
N ALA D 270 43.43 7.14 -4.64
CA ALA D 270 42.95 6.19 -5.63
C ALA D 270 41.69 5.46 -5.17
N GLN D 271 41.53 5.26 -3.85
CA GLN D 271 40.39 4.50 -3.36
C GLN D 271 39.09 5.27 -3.51
N VAL D 272 39.09 6.54 -3.11
CA VAL D 272 37.93 7.39 -3.31
C VAL D 272 37.75 7.70 -4.81
N GLY D 273 38.84 7.70 -5.57
CA GLY D 273 38.70 7.71 -7.03
C GLY D 273 37.97 6.49 -7.58
N LEU D 274 38.21 5.32 -6.97
CA LEU D 274 37.51 4.10 -7.39
C LEU D 274 36.04 4.15 -7.00
N VAL D 275 35.74 4.72 -5.84
CA VAL D 275 34.34 4.92 -5.44
C VAL D 275 33.64 5.88 -6.39
N LEU D 276 34.34 6.95 -6.81
CA LEU D 276 33.79 7.89 -7.77
C LEU D 276 33.57 7.24 -9.14
N LEU D 277 34.48 6.33 -9.53
CA LEU D 277 34.31 5.62 -10.79
C LEU D 277 33.16 4.63 -10.73
N ALA D 278 32.92 4.03 -9.56
CA ALA D 278 31.77 3.14 -9.42
C ALA D 278 30.46 3.92 -9.41
N LEU D 279 30.47 5.11 -8.79
CA LEU D 279 29.27 5.95 -8.81
C LEU D 279 29.01 6.51 -10.21
N ASN D 280 30.07 6.73 -10.99
CA ASN D 280 29.88 7.16 -12.37
C ASN D 280 29.41 6.02 -13.26
N LYS D 281 29.68 4.77 -12.88
CA LYS D 281 29.21 3.60 -13.59
C LYS D 281 28.02 2.93 -12.90
N MET D 282 27.28 3.69 -12.08
CA MET D 282 26.07 3.17 -11.46
C MET D 282 24.88 3.15 -12.43
N THR D 283 25.04 3.76 -13.61
CA THR D 283 24.02 3.73 -14.64
C THR D 283 23.81 2.30 -15.13
N ASN D 284 22.54 1.93 -15.31
CA ASN D 284 22.09 0.60 -15.75
C ASN D 284 22.52 -0.51 -14.80
N GLU D 285 22.49 -0.22 -13.49
CA GLU D 285 22.62 -1.22 -12.45
C GLU D 285 21.34 -1.24 -11.62
N ARG D 286 21.01 -2.42 -11.09
CA ARG D 286 19.81 -2.63 -10.30
C ARG D 286 20.19 -2.68 -8.84
N ILE D 287 19.39 -2.04 -7.98
CA ILE D 287 19.81 -1.75 -6.61
C ILE D 287 19.79 -3.01 -5.75
N ALA D 288 18.62 -3.63 -5.55
CA ALA D 288 18.54 -4.78 -4.66
C ALA D 288 18.07 -6.04 -5.38
N GLY D 289 16.86 -6.05 -5.91
CA GLY D 289 16.26 -7.30 -6.30
C GLY D 289 15.10 -7.06 -7.24
N GLY D 290 14.40 -8.15 -7.54
CA GLY D 290 13.38 -8.12 -8.57
C GLY D 290 13.97 -7.86 -9.93
N HIS D 291 14.83 -8.76 -10.40
CA HIS D 291 15.50 -8.57 -11.68
C HIS D 291 14.52 -8.65 -12.84
N SER D 292 13.61 -9.62 -12.80
CA SER D 292 12.68 -9.81 -13.91
C SER D 292 11.69 -8.66 -14.02
N LYS D 293 11.31 -8.07 -12.89
CA LYS D 293 10.38 -6.95 -12.86
C LYS D 293 11.07 -5.60 -12.98
N ASP D 294 12.35 -5.59 -13.35
CA ASP D 294 13.21 -4.40 -13.54
C ASP D 294 13.41 -3.59 -12.27
N TYR D 295 13.06 -4.13 -11.10
CA TYR D 295 13.06 -3.38 -9.86
C TYR D 295 14.47 -3.01 -9.43
N GLY D 296 14.62 -1.80 -8.91
CA GLY D 296 15.90 -1.28 -8.50
C GLY D 296 16.56 -0.33 -9.48
N ARG D 297 15.88 0.00 -10.58
CA ARG D 297 16.43 0.98 -11.50
C ARG D 297 16.37 2.38 -10.90
N PHE D 298 17.44 3.14 -11.11
CA PHE D 298 17.60 4.40 -10.39
C PHE D 298 18.43 5.37 -11.21
N VAL D 299 18.24 6.66 -10.93
CA VAL D 299 19.03 7.75 -11.51
C VAL D 299 19.62 8.56 -10.37
N ILE D 300 20.94 8.72 -10.38
CA ILE D 300 21.64 9.56 -9.41
C ILE D 300 21.48 11.00 -9.87
N ASP D 301 20.89 11.84 -9.03
CA ASP D 301 20.84 13.27 -9.32
C ASP D 301 21.69 14.10 -8.35
N GLY D 302 22.47 13.46 -7.48
CA GLY D 302 23.41 14.23 -6.69
C GLY D 302 24.55 13.43 -6.10
N VAL D 303 25.74 14.01 -6.07
CA VAL D 303 26.90 13.47 -5.35
C VAL D 303 27.53 14.65 -4.64
N SER D 304 27.72 14.55 -3.33
CA SER D 304 28.45 15.56 -2.60
C SER D 304 29.68 14.95 -1.97
N LEU D 305 30.83 15.56 -2.23
CA LEU D 305 32.16 15.08 -1.85
C LEU D 305 32.69 16.03 -0.78
N ASN D 306 32.52 15.65 0.48
CA ASN D 306 32.67 16.54 1.65
C ASN D 306 31.82 17.80 1.50
N GLY D 307 30.59 17.60 1.02
CA GLY D 307 29.59 18.64 0.99
C GLY D 307 29.52 19.49 -0.26
N GLU D 308 30.41 19.31 -1.23
CA GLU D 308 30.38 20.09 -2.45
C GLU D 308 29.77 19.27 -3.58
N GLN D 309 28.86 19.89 -4.33
CA GLN D 309 28.04 19.16 -5.30
C GLN D 309 28.87 18.86 -6.53
N VAL D 310 29.16 17.58 -6.75
CA VAL D 310 30.05 17.12 -7.81
C VAL D 310 29.34 16.13 -8.73
N TRP D 311 28.06 16.34 -9.00
CA TRP D 311 27.35 15.48 -9.96
C TRP D 311 26.57 16.35 -10.93
N SER D 312 26.99 16.34 -12.19
CA SER D 312 26.17 16.85 -13.28
C SER D 312 25.44 15.68 -13.94
N GLN D 313 24.66 15.98 -14.98
CA GLN D 313 23.93 14.91 -15.66
C GLN D 313 24.86 14.07 -16.54
N SER D 314 25.90 14.70 -17.10
CA SER D 314 26.86 13.98 -17.94
C SER D 314 27.69 13.02 -17.11
N GLY D 315 28.13 13.46 -15.93
CA GLY D 315 28.95 12.63 -15.07
C GLY D 315 29.31 13.33 -13.78
N ILE D 316 30.52 13.09 -13.28
CA ILE D 316 30.94 13.71 -12.03
C ILE D 316 31.34 15.17 -12.28
N THR D 317 32.22 15.40 -13.26
CA THR D 317 32.73 16.71 -13.66
C THR D 317 33.33 17.48 -12.49
N GLY D 318 34.09 16.77 -11.67
CA GLY D 318 34.76 17.36 -10.53
C GLY D 318 35.57 16.30 -9.81
N GLY D 319 36.31 16.74 -8.80
CA GLY D 319 37.16 15.84 -8.06
C GLY D 319 38.23 15.18 -8.90
N GLU D 320 38.98 15.97 -9.66
CA GLU D 320 39.78 15.43 -10.76
C GLU D 320 40.94 14.60 -10.26
N GLN D 321 41.55 15.00 -9.13
CA GLN D 321 42.75 14.34 -8.62
C GLN D 321 42.48 12.90 -8.20
N TYR D 322 41.26 12.65 -7.69
CA TYR D 322 40.85 11.30 -7.37
C TYR D 322 40.78 10.43 -8.62
N PHE D 323 40.31 11.01 -9.72
CA PHE D 323 40.19 10.29 -10.97
C PHE D 323 41.55 10.01 -11.59
N ASP D 324 42.49 10.96 -11.54
CA ASP D 324 43.83 10.69 -12.06
C ASP D 324 44.56 9.67 -11.19
N ALA D 325 44.36 9.72 -9.87
CA ALA D 325 44.99 8.75 -8.99
C ALA D 325 44.45 7.34 -9.22
N VAL D 326 43.14 7.20 -9.42
CA VAL D 326 42.61 5.87 -9.68
C VAL D 326 42.95 5.41 -11.09
N ALA D 327 43.14 6.34 -12.04
CA ALA D 327 43.60 5.94 -13.37
C ALA D 327 45.03 5.40 -13.31
N GLU D 328 45.90 6.10 -12.56
CA GLU D 328 47.27 5.64 -12.40
C GLU D 328 47.36 4.37 -11.56
N ALA D 329 46.37 4.11 -10.71
CA ALA D 329 46.43 2.93 -9.86
C ALA D 329 45.75 1.70 -10.47
N ILE D 330 44.79 1.88 -11.37
CA ILE D 330 44.31 0.74 -12.14
C ILE D 330 45.20 0.50 -13.36
N ASP D 331 46.02 1.50 -13.74
CA ASP D 331 47.11 1.22 -14.66
C ASP D 331 48.11 0.27 -14.01
N GLY D 332 48.41 0.49 -12.73
CA GLY D 332 49.30 -0.37 -11.98
C GLY D 332 48.63 -1.52 -11.27
N LEU D 333 47.36 -1.76 -11.55
CA LEU D 333 46.64 -2.88 -10.96
C LEU D 333 47.16 -4.21 -11.50
N SER D 334 47.31 -5.17 -10.61
CA SER D 334 47.77 -6.50 -10.99
C SER D 334 47.09 -7.53 -10.09
N SER D 335 47.29 -8.80 -10.42
CA SER D 335 46.64 -9.89 -9.71
C SER D 335 47.44 -10.38 -8.52
N LYS D 336 48.67 -9.89 -8.33
CA LYS D 336 49.53 -10.38 -7.25
C LYS D 336 48.97 -10.02 -5.89
N GLU D 337 48.49 -8.79 -5.73
CA GLU D 337 47.88 -8.37 -4.47
C GLU D 337 46.61 -9.13 -4.18
N PHE D 338 45.79 -9.40 -5.20
CA PHE D 338 44.57 -10.19 -5.02
C PHE D 338 44.90 -11.62 -4.60
N GLU D 339 45.95 -12.20 -5.21
CA GLU D 339 46.32 -13.57 -4.88
C GLU D 339 46.90 -13.67 -3.47
N GLN D 340 47.74 -12.72 -3.07
CA GLN D 340 48.29 -12.78 -1.71
C GLN D 340 47.27 -12.31 -0.68
N PHE D 341 46.20 -11.63 -1.10
CA PHE D 341 45.09 -11.37 -0.19
C PHE D 341 44.27 -12.63 0.04
N ALA D 342 44.03 -13.39 -1.04
CA ALA D 342 43.20 -14.57 -0.93
C ALA D 342 43.92 -15.75 -0.29
N GLN D 343 45.24 -15.70 -0.21
CA GLN D 343 46.01 -16.86 0.25
C GLN D 343 45.85 -17.03 1.76
N SER D 344 45.34 -18.19 2.16
CA SER D 344 45.13 -18.50 3.56
C SER D 344 46.44 -18.98 4.18
N ALA D 345 46.75 -18.50 5.38
CA ALA D 345 47.91 -19.00 6.10
C ALA D 345 47.71 -20.43 6.55
N LYS D 346 46.46 -20.80 6.89
CA LYS D 346 46.15 -22.19 7.20
C LYS D 346 46.24 -23.06 5.96
N GLU D 347 45.69 -22.60 4.85
CA GLU D 347 45.71 -23.36 3.61
C GLU D 347 46.83 -22.88 2.69
N MET E 1 21.56 -2.87 -22.97
CA MET E 1 20.50 -2.33 -23.81
C MET E 1 19.27 -1.87 -23.02
N GLN E 2 18.86 -0.64 -23.32
CA GLN E 2 17.65 -0.04 -22.77
C GLN E 2 16.68 0.20 -23.92
N ILE E 3 15.43 -0.24 -23.75
CA ILE E 3 14.44 -0.20 -24.81
C ILE E 3 13.24 0.59 -24.30
N GLU E 4 12.88 1.63 -25.02
CA GLU E 4 11.75 2.50 -24.68
C GLU E 4 10.63 2.25 -25.68
N VAL E 5 9.69 1.39 -25.31
CA VAL E 5 8.55 1.07 -26.15
C VAL E 5 7.42 2.05 -25.80
N THR E 6 7.30 3.11 -26.57
CA THR E 6 6.15 3.99 -26.47
C THR E 6 5.00 3.36 -27.24
N VAL E 7 3.94 3.00 -26.52
CA VAL E 7 2.75 2.40 -27.11
C VAL E 7 1.59 3.34 -26.89
N ARG E 8 0.51 3.14 -27.63
CA ARG E 8 -0.76 3.81 -27.37
C ARG E 8 -1.85 2.75 -27.38
N ASN E 9 -2.57 2.65 -26.27
CA ASN E 9 -3.70 1.73 -26.24
C ASN E 9 -4.84 2.31 -27.05
N ILE E 10 -5.43 1.46 -27.89
CA ILE E 10 -6.53 1.87 -28.73
C ILE E 10 -7.85 1.68 -27.99
N THR E 11 -7.91 0.71 -27.10
CA THR E 11 -9.08 0.31 -26.33
C THR E 11 -8.77 0.47 -24.84
N PRO E 12 -9.79 0.52 -23.97
CA PRO E 12 -9.53 0.72 -22.54
C PRO E 12 -8.72 -0.41 -21.90
N ILE E 13 -7.64 -0.03 -21.24
CA ILE E 13 -6.75 -0.97 -20.58
C ILE E 13 -7.36 -1.40 -19.25
N PHE E 14 -7.42 -2.70 -19.02
CA PHE E 14 -8.01 -3.24 -17.78
C PHE E 14 -7.11 -4.36 -17.28
N SER E 15 -6.20 -4.03 -16.36
CA SER E 15 -5.42 -5.04 -15.66
C SER E 15 -5.92 -5.08 -14.22
N ALA E 16 -6.75 -6.08 -13.91
CA ALA E 16 -7.53 -6.08 -12.68
C ALA E 16 -6.66 -6.20 -11.44
N ALA E 17 -6.97 -5.38 -10.45
CA ALA E 17 -6.25 -5.35 -9.20
C ALA E 17 -6.98 -6.16 -8.15
N PRO E 18 -6.25 -6.88 -7.29
CA PRO E 18 -6.90 -7.61 -6.21
C PRO E 18 -7.49 -6.66 -5.17
N GLY E 19 -8.57 -7.12 -4.54
CA GLY E 19 -9.25 -6.33 -3.54
C GLY E 19 -10.75 -6.36 -3.73
N SER E 20 -11.48 -6.49 -2.62
CA SER E 20 -12.94 -6.41 -2.64
C SER E 20 -13.37 -4.95 -2.59
N ASN E 21 -13.19 -4.30 -3.74
CA ASN E 21 -13.59 -2.91 -3.87
C ASN E 21 -15.03 -2.83 -4.35
N TYR E 22 -15.66 -1.68 -4.13
CA TYR E 22 -17.09 -1.55 -4.37
C TYR E 22 -17.41 -0.18 -4.95
N ILE E 23 -18.60 -0.06 -5.53
CA ILE E 23 -19.03 1.15 -6.23
C ILE E 23 -20.54 1.30 -6.04
N THR E 24 -21.00 2.55 -5.97
CA THR E 24 -22.42 2.85 -5.87
C THR E 24 -23.04 2.99 -7.25
N ILE E 25 -24.29 3.47 -7.27
CA ILE E 25 -24.92 3.93 -8.51
C ILE E 25 -24.11 5.07 -9.13
N ASP E 26 -23.67 6.00 -8.29
CA ASP E 26 -22.72 7.02 -8.73
C ASP E 26 -21.29 6.50 -8.62
N GLY E 27 -20.35 7.42 -8.77
CA GLY E 27 -18.95 7.04 -8.90
C GLY E 27 -18.18 6.94 -7.59
N THR E 28 -18.88 6.88 -6.45
CA THR E 28 -18.18 6.77 -5.18
C THR E 28 -17.64 5.37 -4.98
N ILE E 29 -16.33 5.27 -4.78
CA ILE E 29 -15.65 3.98 -4.68
C ILE E 29 -15.46 3.63 -3.22
N ASN E 30 -15.79 2.37 -2.87
CA ASN E 30 -15.76 1.86 -1.51
C ASN E 30 -16.57 2.71 -0.52
N PRO E 31 -17.89 2.67 -0.60
CA PRO E 31 -18.72 3.59 0.16
C PRO E 31 -18.87 3.13 1.60
N PRO E 32 -19.41 3.98 2.47
CA PRO E 32 -19.85 3.52 3.79
C PRO E 32 -20.98 2.50 3.64
N PRO E 33 -21.07 1.53 4.56
CA PRO E 33 -22.11 0.49 4.44
C PRO E 33 -23.51 1.05 4.63
N GLY E 34 -24.48 0.36 4.02
CA GLY E 34 -25.86 0.78 4.02
C GLY E 34 -26.34 1.36 2.71
N VAL E 35 -25.42 1.75 1.83
CA VAL E 35 -25.78 2.28 0.51
C VAL E 35 -25.69 1.11 -0.47
N SER E 36 -26.39 1.25 -1.61
CA SER E 36 -26.37 0.26 -2.68
C SER E 36 -24.96 0.05 -3.22
N ARG E 37 -24.39 -1.13 -2.97
CA ARG E 37 -22.96 -1.37 -3.08
C ARG E 37 -22.69 -2.49 -4.09
N PHE E 38 -22.40 -2.10 -5.33
CA PHE E 38 -22.04 -3.03 -6.39
C PHE E 38 -20.55 -3.34 -6.35
N PRO E 39 -20.16 -4.59 -6.66
CA PRO E 39 -18.73 -4.92 -6.66
C PRO E 39 -17.97 -4.27 -7.80
N LEU E 40 -16.81 -3.72 -7.48
CA LEU E 40 -15.93 -3.07 -8.44
C LEU E 40 -14.57 -3.74 -8.40
N VAL E 41 -14.06 -4.13 -9.55
CA VAL E 41 -12.66 -4.53 -9.69
C VAL E 41 -11.93 -3.41 -10.41
N ARG E 42 -10.85 -2.93 -9.81
CA ARG E 42 -10.17 -1.78 -10.36
C ARG E 42 -8.95 -2.22 -11.16
N THR E 43 -8.44 -1.29 -11.97
CA THR E 43 -7.18 -1.53 -12.65
C THR E 43 -6.02 -1.55 -11.67
N ARG E 44 -4.91 -2.14 -12.11
CA ARG E 44 -3.71 -2.15 -11.30
C ARG E 44 -3.18 -0.73 -11.17
N MET E 45 -3.10 -0.25 -9.94
CA MET E 45 -2.67 1.10 -9.64
C MET E 45 -1.31 1.02 -8.96
N MET E 46 -0.43 1.95 -9.34
CA MET E 46 0.91 2.03 -8.80
C MET E 46 1.03 3.40 -8.16
N TYR E 47 1.34 3.44 -6.86
CA TYR E 47 1.65 4.72 -6.24
C TYR E 47 3.01 5.18 -6.73
N VAL E 48 3.08 6.44 -7.16
CA VAL E 48 4.33 7.04 -7.61
C VAL E 48 4.50 8.37 -6.90
N ALA E 49 5.75 8.78 -6.73
CA ALA E 49 6.03 10.07 -6.05
C ALA E 49 6.15 11.17 -7.11
N ALA E 50 5.26 12.16 -7.04
CA ALA E 50 5.25 13.30 -7.98
C ALA E 50 4.96 14.58 -7.22
N ASP E 51 5.33 15.74 -7.76
CA ASP E 51 5.05 17.02 -7.05
C ASP E 51 3.54 17.28 -7.12
N VAL E 52 2.91 17.54 -5.96
CA VAL E 52 1.44 17.82 -5.93
C VAL E 52 1.21 19.33 -5.95
N GLY E 53 2.08 20.08 -5.26
CA GLY E 53 1.97 21.55 -5.21
C GLY E 53 3.09 22.22 -5.98
N ASP E 54 3.94 21.38 -6.61
CA ASP E 54 5.14 21.69 -7.46
C ASP E 54 6.38 21.90 -6.59
N GLY E 55 6.23 21.93 -5.26
CA GLY E 55 7.36 22.05 -4.32
C GLY E 55 7.34 20.92 -3.31
N VAL E 56 6.24 20.17 -3.27
CA VAL E 56 6.05 19.04 -2.32
C VAL E 56 5.73 17.78 -3.12
N ILE E 57 6.44 16.67 -2.85
CA ILE E 57 6.20 15.40 -3.59
C ILE E 57 5.43 14.43 -2.70
N LYS E 58 4.30 13.91 -3.20
CA LYS E 58 3.42 13.00 -2.42
C LYS E 58 3.18 11.74 -3.25
N SER E 59 2.66 10.69 -2.60
CA SER E 59 2.37 9.42 -3.32
C SER E 59 1.00 9.55 -3.99
N VAL E 60 0.98 9.54 -5.32
CA VAL E 60 -0.29 9.68 -6.10
C VAL E 60 -0.48 8.39 -6.90
N PRO E 61 -1.65 7.71 -6.81
CA PRO E 61 -1.86 6.48 -7.56
C PRO E 61 -1.85 6.75 -9.06
N LEU E 62 -1.14 5.90 -9.81
CA LEU E 62 -1.05 6.00 -11.29
C LEU E 62 -1.48 4.63 -11.85
N GLN E 63 -2.41 4.60 -12.80
CA GLN E 63 -2.85 3.30 -13.37
C GLN E 63 -1.70 2.71 -14.19
N ILE E 64 -1.42 1.43 -13.99
CA ILE E 64 -0.37 0.78 -14.77
C ILE E 64 -0.82 -0.63 -15.16
N VAL E 65 -0.08 -1.19 -16.12
CA VAL E 65 -0.06 -2.63 -16.35
C VAL E 65 1.19 -3.14 -15.66
N PRO E 66 1.13 -4.23 -14.89
CA PRO E 66 2.33 -4.71 -14.18
C PRO E 66 3.41 -5.20 -15.13
N GLY E 67 4.65 -5.12 -14.66
CA GLY E 67 5.77 -5.63 -15.43
C GLY E 67 5.77 -7.14 -15.54
N ASN E 68 5.10 -7.81 -14.61
CA ASN E 68 4.89 -9.26 -14.74
C ASN E 68 3.96 -9.56 -15.91
N THR E 69 2.87 -8.79 -16.04
CA THR E 69 1.93 -8.98 -17.14
C THR E 69 2.55 -8.64 -18.48
N MET E 70 3.24 -7.49 -18.55
CA MET E 70 3.92 -7.08 -19.78
C MET E 70 5.07 -8.02 -20.13
N ARG E 71 5.74 -8.56 -19.11
CA ARG E 71 6.84 -9.49 -19.32
C ARG E 71 6.34 -10.81 -19.89
N SER E 72 5.27 -11.37 -19.33
CA SER E 72 4.74 -12.60 -19.87
C SER E 72 4.05 -12.38 -21.21
N LEU E 73 3.51 -11.18 -21.44
CA LEU E 73 2.99 -10.84 -22.76
C LEU E 73 4.11 -10.84 -23.80
N LEU E 74 5.25 -10.24 -23.46
CA LEU E 74 6.42 -10.23 -24.34
C LEU E 74 6.94 -11.64 -24.57
N ARG E 75 6.97 -12.45 -23.52
CA ARG E 75 7.42 -13.83 -23.62
C ARG E 75 6.50 -14.65 -24.51
N ARG E 76 5.19 -14.42 -24.40
CA ARG E 76 4.26 -15.19 -25.22
C ARG E 76 4.24 -14.74 -26.68
N THR E 77 4.39 -13.44 -26.97
CA THR E 77 4.45 -13.06 -28.38
C THR E 77 5.82 -13.34 -28.97
N MET E 78 6.80 -13.61 -28.10
CA MET E 78 8.13 -13.97 -28.58
C MET E 78 8.23 -15.47 -28.78
N LEU E 79 7.54 -16.24 -27.96
CA LEU E 79 7.58 -17.69 -27.98
C LEU E 79 6.63 -18.26 -29.00
N LYS E 80 5.35 -17.86 -28.91
CA LYS E 80 4.29 -18.34 -29.79
C LYS E 80 4.53 -17.96 -31.25
N HIS E 81 5.11 -16.80 -31.50
CA HIS E 81 5.27 -16.30 -32.86
C HIS E 81 6.63 -16.62 -33.48
N VAL E 82 7.67 -16.80 -32.67
CA VAL E 82 9.01 -17.04 -33.21
C VAL E 82 9.51 -18.42 -32.81
N ILE E 83 9.44 -18.74 -31.52
CA ILE E 83 10.11 -19.93 -31.00
C ILE E 83 9.39 -21.21 -31.43
N GLU E 84 8.07 -21.27 -31.19
CA GLU E 84 7.29 -22.43 -31.61
C GLU E 84 7.26 -22.66 -33.13
N PRO E 85 7.10 -21.65 -34.02
CA PRO E 85 7.26 -21.96 -35.45
C PRO E 85 8.65 -22.43 -35.84
N ALA E 86 9.69 -21.94 -35.17
CA ALA E 86 11.03 -22.43 -35.46
C ALA E 86 11.24 -23.86 -34.96
N LEU E 87 10.55 -24.23 -33.88
CA LEU E 87 10.67 -25.61 -33.38
C LEU E 87 9.90 -26.58 -34.26
N VAL E 88 8.69 -26.21 -34.71
CA VAL E 88 7.92 -27.14 -35.53
C VAL E 88 8.40 -27.12 -36.97
N GLU E 89 9.10 -26.05 -37.38
CA GLU E 89 9.59 -25.98 -38.74
C GLU E 89 10.81 -26.87 -38.92
N LYS E 90 11.62 -27.03 -37.87
CA LYS E 90 12.72 -27.97 -37.86
C LYS E 90 12.33 -29.31 -37.25
N GLY E 91 11.07 -29.47 -36.86
CA GLY E 91 10.59 -30.73 -36.29
C GLY E 91 10.92 -30.94 -34.83
N ASN E 92 11.50 -29.96 -34.16
CA ASN E 92 11.83 -30.11 -32.74
C ASN E 92 10.57 -30.04 -31.90
N LYS E 93 10.48 -30.95 -30.92
CA LYS E 93 9.32 -31.05 -30.04
C LYS E 93 9.80 -31.02 -28.60
N LEU E 94 9.17 -30.18 -27.78
CA LEU E 94 9.47 -30.12 -26.37
C LEU E 94 8.61 -31.11 -25.60
N SER E 95 9.06 -31.46 -24.40
CA SER E 95 8.21 -32.17 -23.46
C SER E 95 7.24 -31.17 -22.82
N ILE E 96 6.29 -31.70 -22.05
CA ILE E 96 5.32 -30.82 -21.38
C ILE E 96 6.01 -30.04 -20.26
N GLY E 97 7.05 -30.62 -19.66
CA GLY E 97 7.85 -29.89 -18.68
C GLY E 97 8.64 -28.76 -19.30
N ALA E 98 9.25 -29.01 -20.47
CA ALA E 98 9.95 -27.94 -21.17
C ALA E 98 8.98 -26.92 -21.75
N TYR E 99 7.77 -27.35 -22.10
CA TYR E 99 6.74 -26.43 -22.56
C TYR E 99 6.34 -25.47 -21.45
N ALA E 100 6.12 -26.01 -20.25
CA ALA E 100 5.77 -25.20 -19.09
C ALA E 100 6.93 -24.31 -18.66
N THR E 101 8.16 -24.81 -18.79
CA THR E 101 9.34 -24.01 -18.48
C THR E 101 9.55 -22.91 -19.52
N ALA E 102 9.04 -23.12 -20.73
CA ALA E 102 9.06 -22.05 -21.72
C ALA E 102 8.05 -20.96 -21.39
N TYR E 103 6.77 -21.31 -21.22
CA TYR E 103 5.79 -20.25 -20.98
C TYR E 103 5.74 -19.75 -19.53
N SER E 104 5.84 -20.63 -18.55
CA SER E 104 6.07 -20.16 -17.18
C SER E 104 7.58 -20.11 -16.96
N GLY E 105 8.00 -20.01 -15.70
CA GLY E 105 9.42 -20.04 -15.45
C GLY E 105 9.99 -21.42 -15.24
N ASN E 106 9.15 -22.40 -14.91
CA ASN E 106 9.60 -23.75 -14.62
C ASN E 106 8.40 -24.68 -14.83
N ALA E 107 8.63 -25.98 -14.63
CA ALA E 107 7.62 -27.01 -14.81
C ALA E 107 6.92 -27.38 -13.52
N THR E 108 7.62 -27.29 -12.39
CA THR E 108 7.06 -27.65 -11.09
C THR E 108 7.15 -26.43 -10.19
N GLY E 109 6.13 -26.26 -9.33
CA GLY E 109 6.15 -25.17 -8.38
C GLY E 109 7.19 -25.34 -7.27
N ASN E 110 7.76 -26.53 -7.13
CA ASN E 110 8.92 -26.76 -6.28
C ASN E 110 10.19 -26.63 -7.10
N PRO E 111 10.99 -25.59 -6.90
CA PRO E 111 12.32 -25.57 -7.52
C PRO E 111 13.34 -26.29 -6.66
N ASP E 112 14.29 -26.99 -7.27
CA ASP E 112 15.29 -27.69 -6.48
C ASP E 112 16.31 -26.68 -5.99
N GLY E 113 16.62 -26.74 -4.69
CA GLY E 113 17.58 -25.83 -4.10
C GLY E 113 19.01 -26.23 -4.38
N VAL E 114 19.38 -26.22 -5.64
CA VAL E 114 20.64 -26.76 -6.14
C VAL E 114 21.18 -25.78 -7.18
N PRO E 115 22.41 -25.32 -7.07
CA PRO E 115 22.99 -24.56 -8.17
C PRO E 115 23.36 -25.45 -9.33
N SER E 116 23.04 -24.98 -10.54
CA SER E 116 23.43 -25.68 -11.75
C SER E 116 24.88 -25.39 -12.07
N SER E 117 25.49 -26.30 -12.83
CA SER E 117 26.89 -26.15 -13.20
C SER E 117 27.08 -24.98 -14.15
N PHE E 118 28.31 -24.46 -14.18
CA PHE E 118 28.55 -23.19 -14.87
C PHE E 118 28.44 -23.32 -16.38
N ASP E 119 28.74 -24.50 -16.93
CA ASP E 119 28.57 -24.71 -18.37
C ASP E 119 27.10 -24.64 -18.76
N GLU E 120 26.22 -25.19 -17.91
CA GLU E 120 24.79 -25.07 -18.11
C GLU E 120 24.33 -23.63 -18.04
N ILE E 121 24.85 -22.85 -17.08
CA ILE E 121 24.49 -21.45 -16.95
C ILE E 121 24.96 -20.64 -18.16
N ALA E 122 26.18 -20.92 -18.64
CA ALA E 122 26.70 -20.21 -19.79
C ALA E 122 25.94 -20.52 -21.06
N THR E 123 25.56 -21.80 -21.25
CA THR E 123 24.77 -22.17 -22.42
C THR E 123 23.35 -21.63 -22.32
N MET E 124 22.80 -21.53 -21.11
CA MET E 124 21.44 -21.05 -20.94
C MET E 124 21.37 -19.53 -21.09
N ARG E 125 22.37 -18.80 -20.59
CA ARG E 125 22.37 -17.36 -20.74
C ARG E 125 22.92 -16.90 -22.08
N ALA E 126 23.61 -17.77 -22.82
CA ALA E 126 23.93 -17.49 -24.20
C ALA E 126 22.81 -17.88 -25.15
N HIS E 127 21.87 -18.69 -24.68
CA HIS E 127 20.66 -18.98 -25.43
C HIS E 127 19.85 -17.71 -25.57
N PRO E 128 19.21 -17.46 -26.72
CA PRO E 128 18.35 -16.27 -26.85
C PRO E 128 17.17 -16.25 -25.88
N PHE E 129 16.26 -17.22 -25.98
CA PHE E 129 15.03 -17.16 -25.19
C PHE E 129 15.31 -17.45 -23.71
N ILE E 130 16.07 -18.51 -23.43
CA ILE E 130 16.36 -18.89 -22.04
C ILE E 130 17.26 -17.86 -21.38
N GLY E 131 18.15 -17.23 -22.15
CA GLY E 131 18.91 -16.12 -21.63
C GLY E 131 18.06 -14.91 -21.31
N LEU E 132 17.00 -14.68 -22.09
CA LEU E 132 16.08 -13.60 -21.76
C LEU E 132 15.30 -13.90 -20.49
N PHE E 133 14.72 -15.09 -20.39
CA PHE E 133 13.87 -15.46 -19.25
C PHE E 133 14.50 -16.65 -18.55
N GLY E 134 14.98 -16.43 -17.33
CA GLY E 134 15.60 -17.48 -16.57
C GLY E 134 14.61 -18.42 -15.90
N GLY E 135 14.87 -18.78 -14.65
CA GLY E 135 14.01 -19.69 -13.95
C GLY E 135 14.47 -21.12 -14.07
N GLY E 136 13.52 -22.03 -14.28
CA GLY E 136 13.84 -23.44 -14.29
C GLY E 136 13.86 -24.01 -12.89
N PRO E 137 14.11 -25.32 -12.77
CA PRO E 137 14.14 -25.94 -11.43
C PRO E 137 15.29 -25.46 -10.56
N ARG E 138 16.40 -25.03 -11.17
CA ARG E 138 17.55 -24.53 -10.43
C ARG E 138 17.65 -23.01 -10.47
N MET E 139 16.58 -22.36 -10.95
CA MET E 139 16.31 -20.93 -10.74
C MET E 139 17.37 -20.03 -11.36
N LEU E 140 17.49 -20.10 -12.67
CA LEU E 140 18.40 -19.23 -13.41
C LEU E 140 17.87 -17.80 -13.43
N GLU E 141 18.78 -16.83 -13.43
CA GLU E 141 18.45 -15.45 -13.67
C GLU E 141 18.52 -15.12 -15.16
N GLY E 142 17.46 -14.47 -15.67
CA GLY E 142 17.44 -14.04 -17.04
C GLY E 142 18.16 -12.72 -17.25
N ARG E 143 18.39 -12.38 -18.52
CA ARG E 143 19.01 -11.11 -18.86
C ARG E 143 18.02 -10.00 -19.11
N LEU E 144 16.72 -10.30 -19.11
CA LEU E 144 15.70 -9.33 -19.45
C LEU E 144 15.05 -8.78 -18.18
N MET E 145 15.02 -7.46 -18.07
CA MET E 145 14.39 -6.75 -16.96
C MET E 145 13.25 -5.93 -17.52
N VAL E 146 12.01 -6.39 -17.28
CA VAL E 146 10.82 -5.79 -17.87
C VAL E 146 10.11 -4.95 -16.82
N ASP E 147 9.99 -3.66 -17.09
CA ASP E 147 9.31 -2.75 -16.18
C ASP E 147 7.83 -2.68 -16.52
N SER E 148 7.06 -2.13 -15.59
CA SER E 148 5.64 -1.94 -15.75
C SER E 148 5.35 -0.88 -16.82
N LEU E 149 4.19 -1.00 -17.45
CA LEU E 149 3.74 -0.08 -18.49
C LEU E 149 3.19 1.17 -17.84
N TYR E 150 3.95 2.28 -17.91
CA TYR E 150 3.54 3.52 -17.26
C TYR E 150 2.91 4.44 -18.28
N PRO E 151 1.72 4.98 -18.05
CA PRO E 151 1.21 6.02 -18.95
C PRO E 151 2.01 7.30 -18.81
N ILE E 152 2.20 7.98 -19.95
CA ILE E 152 2.97 9.22 -19.92
C ILE E 152 2.05 10.29 -19.34
N HIS E 153 2.18 10.50 -18.05
CA HIS E 153 1.27 11.30 -17.26
C HIS E 153 2.09 12.22 -16.37
N THR E 154 1.47 13.30 -15.89
CA THR E 154 2.14 14.21 -14.97
C THR E 154 2.40 13.56 -13.61
N ASN E 155 1.70 12.46 -13.30
CA ASN E 155 2.00 11.70 -12.09
C ASN E 155 3.34 11.00 -12.20
N ALA E 156 3.77 10.67 -13.43
CA ALA E 156 5.03 10.00 -13.66
C ALA E 156 6.13 10.95 -14.12
N GLU E 157 6.12 12.20 -13.65
CA GLU E 157 7.17 13.14 -14.01
C GLU E 157 8.52 12.74 -13.44
N ARG E 158 8.55 12.26 -12.21
CA ARG E 158 9.81 11.78 -11.62
C ARG E 158 10.17 10.41 -12.17
N ILE E 159 9.19 9.69 -12.73
CA ILE E 159 9.45 8.38 -13.32
C ILE E 159 10.12 8.53 -14.67
N LEU E 160 9.68 9.49 -15.47
CA LEU E 160 10.17 9.66 -16.84
C LEU E 160 11.20 10.78 -16.83
N GLY E 161 12.44 10.45 -17.15
CA GLY E 161 13.56 11.37 -17.02
C GLY E 161 13.52 12.58 -17.93
N ALA E 162 13.43 12.34 -19.24
CA ALA E 162 13.43 13.42 -20.22
C ALA E 162 12.75 12.93 -21.49
N GLY E 163 12.58 13.83 -22.45
CA GLY E 163 12.05 13.50 -23.74
C GLY E 163 10.55 13.62 -23.88
N TYR E 164 9.81 13.77 -22.79
CA TYR E 164 8.36 13.85 -22.82
C TYR E 164 7.84 15.14 -22.21
N GLU E 165 8.61 16.23 -22.23
CA GLU E 165 8.27 17.41 -21.45
C GLU E 165 7.07 18.17 -22.03
N ASN E 166 6.69 17.88 -23.27
CA ASN E 166 5.51 18.48 -23.87
C ASN E 166 4.39 17.49 -24.11
N GLU E 167 4.64 16.19 -23.95
CA GLU E 167 3.69 15.15 -24.31
C GLU E 167 3.08 14.45 -23.09
N MET E 168 2.82 15.19 -22.02
CA MET E 168 2.30 14.61 -20.79
C MET E 168 0.79 14.82 -20.72
N MET E 169 0.05 13.74 -20.56
CA MET E 169 -1.38 13.87 -20.28
C MET E 169 -1.56 14.27 -18.83
N SER E 170 -2.63 15.02 -18.55
CA SER E 170 -2.93 15.45 -17.20
C SER E 170 -4.39 15.12 -16.86
N GLY E 171 -4.64 14.87 -15.59
CA GLY E 171 -5.98 14.61 -15.12
C GLY E 171 -6.25 13.14 -14.87
N PRO E 172 -7.50 12.79 -14.60
CA PRO E 172 -7.84 11.38 -14.34
C PRO E 172 -7.84 10.56 -15.62
N ILE E 173 -7.29 9.34 -15.52
CA ILE E 173 -7.10 8.49 -16.68
C ILE E 173 -7.97 7.24 -16.61
N THR E 174 -8.99 7.23 -15.76
CA THR E 174 -9.80 6.05 -15.55
C THR E 174 -11.28 6.34 -15.68
N GLN E 175 -12.04 5.30 -15.98
CA GLN E 175 -13.50 5.35 -15.98
C GLN E 175 -14.05 4.03 -15.45
N VAL E 176 -15.02 4.13 -14.56
CA VAL E 176 -15.82 2.97 -14.17
C VAL E 176 -16.73 2.58 -15.32
N VAL E 177 -16.57 1.37 -15.82
CA VAL E 177 -17.38 0.84 -16.93
C VAL E 177 -18.27 -0.25 -16.37
N TRP E 178 -19.56 -0.15 -16.64
CA TRP E 178 -20.58 -1.00 -16.05
C TRP E 178 -20.89 -2.18 -16.95
N ALA E 179 -21.12 -3.34 -16.33
CA ALA E 179 -21.44 -4.56 -17.07
C ALA E 179 -22.57 -5.28 -16.35
N ARG E 180 -23.30 -6.10 -17.09
CA ARG E 180 -24.34 -6.91 -16.50
C ARG E 180 -24.55 -8.16 -17.33
N ARG E 181 -25.27 -9.10 -16.73
CA ARG E 181 -25.61 -10.37 -17.35
C ARG E 181 -27.06 -10.65 -16.98
N MET E 182 -27.99 -10.45 -17.93
CA MET E 182 -29.35 -10.85 -17.65
C MET E 182 -29.50 -12.35 -17.78
N ASP E 183 -30.53 -12.88 -17.13
CA ASP E 183 -30.94 -14.25 -17.33
C ASP E 183 -31.66 -14.29 -18.68
N PRO E 184 -31.16 -15.10 -19.63
CA PRO E 184 -31.76 -15.10 -20.98
C PRO E 184 -33.14 -15.71 -21.03
N ILE E 185 -33.45 -16.59 -20.07
CA ILE E 185 -34.76 -17.22 -20.00
C ILE E 185 -35.82 -16.22 -19.52
N LEU E 186 -35.40 -15.13 -18.88
CA LEU E 186 -36.29 -14.00 -18.66
C LEU E 186 -36.61 -13.24 -19.95
N ASN E 187 -35.77 -13.36 -20.98
CA ASN E 187 -35.92 -12.59 -22.22
C ASN E 187 -36.34 -13.46 -23.40
N LEU E 188 -37.12 -14.51 -23.17
CA LEU E 188 -37.58 -15.36 -24.27
C LEU E 188 -38.62 -14.67 -25.13
N GLY E 189 -39.80 -14.43 -24.55
CA GLY E 189 -40.83 -13.70 -25.26
C GLY E 189 -41.81 -14.52 -26.08
N SER E 190 -41.31 -15.49 -26.86
CA SER E 190 -42.15 -16.16 -27.83
C SER E 190 -42.03 -17.67 -27.68
N SER E 191 -43.12 -18.36 -28.02
CA SER E 191 -43.14 -19.82 -28.02
C SER E 191 -42.28 -20.43 -29.12
N GLU E 192 -41.88 -19.64 -30.12
CA GLU E 192 -40.89 -20.09 -31.08
C GLU E 192 -39.47 -19.91 -30.58
N ASP E 193 -39.29 -19.26 -29.42
CA ASP E 193 -37.96 -19.21 -28.81
C ASP E 193 -37.72 -20.36 -27.86
N VAL E 194 -38.77 -21.12 -27.51
CA VAL E 194 -38.60 -22.31 -26.68
C VAL E 194 -38.75 -23.60 -27.47
N GLU E 195 -38.64 -23.54 -28.79
CA GLU E 195 -38.67 -24.76 -29.59
C GLU E 195 -37.29 -25.39 -29.71
N VAL E 196 -36.28 -24.81 -29.06
CA VAL E 196 -34.93 -25.36 -29.14
C VAL E 196 -34.47 -25.96 -27.81
N ILE E 197 -35.14 -25.61 -26.70
CA ILE E 197 -34.84 -26.22 -25.41
C ILE E 197 -35.77 -27.42 -25.18
N ASN E 198 -35.19 -28.51 -24.66
CA ASN E 198 -35.95 -29.70 -24.35
C ASN E 198 -36.91 -29.45 -23.18
N GLY E 199 -38.05 -30.11 -23.23
CA GLY E 199 -39.11 -29.86 -22.25
C GLY E 199 -40.06 -28.77 -22.71
N GLY E 200 -39.55 -27.82 -23.48
CA GLY E 200 -40.37 -26.76 -24.01
C GLY E 200 -40.59 -25.65 -22.98
N ALA E 201 -41.68 -24.90 -23.23
CA ALA E 201 -41.96 -23.66 -22.51
C ALA E 201 -42.15 -23.90 -21.02
N VAL E 202 -42.85 -24.99 -20.66
CA VAL E 202 -43.09 -25.34 -19.27
C VAL E 202 -41.77 -25.59 -18.54
N ALA E 203 -40.80 -26.20 -19.23
CA ALA E 203 -39.47 -26.37 -18.66
C ALA E 203 -38.81 -25.03 -18.39
N ALA E 204 -38.94 -24.10 -19.35
CA ALA E 204 -38.47 -22.73 -19.14
C ALA E 204 -39.23 -22.07 -17.99
N ASN E 205 -40.53 -22.39 -17.88
CA ASN E 205 -41.37 -21.91 -16.79
C ASN E 205 -40.80 -22.33 -15.45
N GLY E 206 -40.30 -23.57 -15.37
CA GLY E 206 -39.72 -24.06 -14.13
C GLY E 206 -38.52 -23.25 -13.71
N TRP E 207 -37.70 -22.84 -14.70
CA TRP E 207 -36.54 -22.00 -14.42
C TRP E 207 -36.97 -20.66 -13.83
N ILE E 208 -38.06 -20.09 -14.38
CA ILE E 208 -38.57 -18.82 -13.88
C ILE E 208 -39.04 -18.98 -12.45
N GLN E 209 -39.62 -20.15 -12.13
CA GLN E 209 -40.08 -20.42 -10.77
C GLN E 209 -38.91 -20.41 -9.79
N ASP E 210 -37.77 -20.98 -10.22
CA ASP E 210 -36.57 -20.95 -9.39
C ASP E 210 -36.11 -19.53 -9.16
N LEU E 211 -36.18 -18.70 -10.20
CA LEU E 211 -35.86 -17.27 -10.07
C LEU E 211 -36.84 -16.60 -9.12
N LEU E 212 -38.12 -16.97 -9.20
CA LEU E 212 -39.09 -16.44 -8.26
C LEU E 212 -38.79 -16.91 -6.85
N ALA E 213 -38.35 -18.17 -6.72
CA ALA E 213 -37.87 -18.66 -5.44
C ALA E 213 -36.63 -17.88 -5.00
N ASN E 214 -35.74 -17.59 -5.96
CA ASN E 214 -34.58 -16.78 -5.63
C ASN E 214 -34.94 -15.31 -5.48
N SER E 215 -36.16 -14.92 -5.82
CA SER E 215 -36.62 -13.58 -5.49
C SER E 215 -37.13 -13.50 -4.06
N LYS E 216 -37.37 -14.65 -3.42
CA LYS E 216 -37.90 -14.61 -2.05
C LYS E 216 -36.78 -14.79 -1.02
N ALA E 217 -35.93 -15.80 -1.20
CA ALA E 217 -34.87 -16.09 -0.24
C ALA E 217 -33.73 -15.09 -0.36
N ASN E 239 -24.02 -22.70 -2.28
CA ASN E 239 -24.94 -21.60 -2.54
C ASN E 239 -25.07 -21.32 -4.04
N GLY E 240 -26.21 -21.70 -4.61
CA GLY E 240 -26.45 -21.41 -6.01
C GLY E 240 -26.72 -19.94 -6.24
N ARG E 241 -26.30 -19.45 -7.41
CA ARG E 241 -26.45 -18.06 -7.77
C ARG E 241 -27.04 -17.96 -9.17
N GLY E 242 -28.03 -17.08 -9.34
CA GLY E 242 -28.63 -16.87 -10.62
C GLY E 242 -27.73 -16.12 -11.58
N LEU E 243 -28.14 -16.12 -12.85
CA LEU E 243 -27.35 -15.48 -13.88
C LEU E 243 -27.43 -13.96 -13.86
N LYS E 244 -28.52 -13.40 -13.33
CA LYS E 244 -28.74 -11.96 -13.32
C LYS E 244 -27.73 -11.27 -12.41
N ALA E 245 -26.74 -10.63 -13.02
CA ALA E 245 -25.67 -9.97 -12.29
C ALA E 245 -25.49 -8.56 -12.83
N PHE E 246 -25.05 -7.66 -11.95
CA PHE E 246 -24.78 -6.28 -12.33
C PHE E 246 -23.56 -5.82 -11.54
N ASN E 247 -22.55 -5.32 -12.24
CA ASN E 247 -21.25 -5.09 -11.64
C ASN E 247 -20.52 -4.02 -12.45
N ALA E 248 -19.30 -3.70 -12.04
CA ALA E 248 -18.53 -2.66 -12.70
C ALA E 248 -17.06 -3.00 -12.61
N HIS E 249 -16.31 -2.46 -13.55
CA HIS E 249 -14.86 -2.57 -13.53
C HIS E 249 -14.26 -1.22 -13.91
N GLU E 250 -13.30 -0.77 -13.12
CA GLU E 250 -12.56 0.43 -13.49
C GLU E 250 -11.56 0.09 -14.58
N VAL E 251 -11.50 0.92 -15.62
CA VAL E 251 -10.56 0.73 -16.70
C VAL E 251 -9.76 2.01 -16.89
N VAL E 252 -8.55 1.87 -17.44
CA VAL E 252 -7.83 3.02 -17.94
C VAL E 252 -8.51 3.48 -19.22
N ILE E 253 -8.53 4.79 -19.45
CA ILE E 253 -9.22 5.33 -20.66
C ILE E 253 -8.41 4.98 -21.92
N PRO E 254 -9.07 4.62 -23.05
CA PRO E 254 -8.37 4.32 -24.31
C PRO E 254 -7.79 5.60 -24.93
N GLY E 255 -6.76 5.45 -25.75
CA GLY E 255 -6.09 6.61 -26.41
C GLY E 255 -4.95 7.15 -25.57
N LEU E 256 -4.71 6.54 -24.41
CA LEU E 256 -3.61 6.94 -23.51
C LEU E 256 -2.28 6.52 -24.15
N LYS E 257 -1.22 7.31 -23.95
CA LYS E 257 0.11 6.95 -24.48
C LYS E 257 0.94 6.41 -23.31
N TRP E 258 1.46 5.19 -23.43
CA TRP E 258 2.24 4.55 -22.33
C TRP E 258 3.71 4.43 -22.72
N VAL E 259 4.57 4.31 -21.70
CA VAL E 259 6.04 4.11 -21.91
C VAL E 259 6.41 2.77 -21.25
N TRP E 260 7.09 1.89 -21.99
CA TRP E 260 7.48 0.58 -21.50
C TRP E 260 8.99 0.53 -21.46
N ARG E 261 9.55 0.13 -20.34
CA ARG E 261 11.00 0.01 -20.19
C ARG E 261 11.37 -1.46 -20.26
N ILE E 262 12.08 -1.84 -21.33
CA ILE E 262 12.58 -3.21 -21.49
C ILE E 262 14.10 -3.11 -21.46
N SER E 263 14.70 -3.54 -20.36
CA SER E 263 16.11 -3.35 -20.13
C SER E 263 16.81 -4.70 -20.25
N LEU E 264 18.10 -4.67 -20.57
CA LEU E 264 18.85 -5.88 -20.89
C LEU E 264 20.18 -5.87 -20.15
N ASP E 265 20.49 -6.98 -19.49
CA ASP E 265 21.69 -7.08 -18.67
C ASP E 265 22.75 -7.85 -19.45
N ARG E 266 23.69 -7.09 -20.03
CA ARG E 266 24.79 -7.59 -20.85
C ARG E 266 24.36 -8.58 -21.95
N PRO E 267 23.54 -8.16 -22.89
CA PRO E 267 22.87 -9.12 -23.76
C PRO E 267 23.73 -9.58 -24.93
N THR E 268 23.46 -10.79 -25.38
CA THR E 268 23.93 -11.21 -26.70
C THR E 268 23.05 -10.55 -27.77
N ASP E 269 23.55 -10.56 -29.01
CA ASP E 269 22.81 -9.90 -30.08
C ASP E 269 21.55 -10.67 -30.45
N ALA E 270 21.55 -11.99 -30.24
CA ALA E 270 20.37 -12.80 -30.51
C ALA E 270 19.24 -12.49 -29.52
N GLN E 271 19.59 -12.15 -28.28
CA GLN E 271 18.58 -11.83 -27.28
C GLN E 271 17.87 -10.51 -27.62
N VAL E 272 18.64 -9.49 -27.98
CA VAL E 272 18.07 -8.21 -28.40
C VAL E 272 17.28 -8.40 -29.70
N GLY E 273 17.76 -9.26 -30.59
CA GLY E 273 17.00 -9.55 -31.80
C GLY E 273 15.70 -10.25 -31.52
N LEU E 274 15.66 -11.11 -30.51
CA LEU E 274 14.41 -11.77 -30.13
C LEU E 274 13.42 -10.78 -29.53
N VAL E 275 13.92 -9.84 -28.73
CA VAL E 275 13.06 -8.78 -28.19
C VAL E 275 12.52 -7.89 -29.31
N LEU E 276 13.36 -7.56 -30.29
CA LEU E 276 12.90 -6.75 -31.41
C LEU E 276 11.95 -7.53 -32.32
N LEU E 277 12.10 -8.85 -32.40
CA LEU E 277 11.12 -9.66 -33.14
C LEU E 277 9.78 -9.69 -32.42
N ALA E 278 9.81 -9.72 -31.09
CA ALA E 278 8.57 -9.66 -30.32
C ALA E 278 7.88 -8.31 -30.47
N LEU E 279 8.64 -7.21 -30.43
CA LEU E 279 8.04 -5.89 -30.62
C LEU E 279 7.66 -5.63 -32.08
N ASN E 280 8.25 -6.36 -33.03
CA ASN E 280 7.95 -6.13 -34.44
C ASN E 280 6.55 -6.64 -34.77
N LYS E 281 6.21 -7.84 -34.31
CA LYS E 281 4.89 -8.45 -34.51
C LYS E 281 4.05 -8.41 -33.24
N MET E 282 4.25 -7.33 -32.48
CA MET E 282 3.51 -6.97 -31.28
C MET E 282 2.07 -6.54 -31.54
N THR E 283 1.68 -6.36 -32.81
CA THR E 283 0.43 -5.68 -33.14
C THR E 283 -0.79 -6.52 -32.79
N ASN E 284 -0.79 -7.79 -33.16
CA ASN E 284 -1.96 -8.65 -32.94
C ASN E 284 -1.84 -9.40 -31.61
N GLU E 285 -1.71 -8.64 -30.54
CA GLU E 285 -1.69 -9.17 -29.19
C GLU E 285 -2.45 -8.22 -28.27
N ARG E 286 -2.98 -8.76 -27.19
CA ARG E 286 -3.75 -8.00 -26.23
C ARG E 286 -2.97 -7.86 -24.92
N ILE E 287 -2.84 -6.63 -24.44
CA ILE E 287 -2.30 -6.39 -23.11
C ILE E 287 -3.30 -6.97 -22.11
N ALA E 288 -2.84 -7.93 -21.30
CA ALA E 288 -3.71 -8.96 -20.74
C ALA E 288 -4.72 -8.40 -19.76
N GLY E 289 -5.97 -8.84 -19.91
CA GLY E 289 -7.07 -8.39 -19.09
C GLY E 289 -8.26 -7.88 -19.88
N GLY E 290 -9.42 -8.47 -19.65
CA GLY E 290 -10.62 -8.08 -20.38
C GLY E 290 -10.59 -8.54 -21.82
N HIS E 291 -10.47 -9.84 -22.02
CA HIS E 291 -10.27 -10.37 -23.38
C HIS E 291 -11.53 -10.22 -24.22
N SER E 292 -12.70 -10.50 -23.65
CA SER E 292 -13.95 -10.47 -24.41
C SER E 292 -14.36 -9.08 -24.84
N LYS E 293 -13.90 -8.04 -24.15
CA LYS E 293 -14.24 -6.66 -24.49
C LYS E 293 -13.16 -5.99 -25.32
N ASP E 294 -12.20 -6.77 -25.82
CA ASP E 294 -11.15 -6.33 -26.76
C ASP E 294 -10.28 -5.25 -26.08
N TYR E 295 -10.10 -5.40 -24.77
CA TYR E 295 -9.56 -4.32 -23.93
C TYR E 295 -8.06 -4.12 -24.16
N GLY E 296 -7.34 -5.17 -24.50
CA GLY E 296 -5.89 -5.06 -24.56
C GLY E 296 -5.31 -4.54 -25.86
N ARG E 297 -6.16 -4.07 -26.76
CA ARG E 297 -5.69 -3.65 -28.07
C ARG E 297 -4.89 -2.36 -27.98
N PHE E 298 -3.71 -2.36 -28.61
CA PHE E 298 -2.80 -1.24 -28.54
C PHE E 298 -1.99 -1.19 -29.83
N VAL E 299 -1.47 0.00 -30.12
CA VAL E 299 -0.52 0.19 -31.20
C VAL E 299 0.74 0.82 -30.60
N ILE E 300 1.86 0.64 -31.30
CA ILE E 300 3.15 1.12 -30.85
C ILE E 300 3.48 2.39 -31.61
N ASP E 301 3.72 3.49 -30.89
CA ASP E 301 4.12 4.73 -31.51
C ASP E 301 5.63 4.86 -31.65
N GLY E 302 6.41 4.10 -30.89
CA GLY E 302 7.85 4.20 -31.00
C GLY E 302 8.55 3.13 -30.21
N VAL E 303 9.79 2.86 -30.62
CA VAL E 303 10.70 1.97 -29.90
C VAL E 303 12.07 2.63 -29.96
N SER E 304 12.65 2.92 -28.79
CA SER E 304 13.99 3.47 -28.72
C SER E 304 14.96 2.40 -28.26
N LEU E 305 16.07 2.27 -28.97
CA LEU E 305 17.08 1.23 -28.75
C LEU E 305 18.33 1.92 -28.20
N ASN E 306 18.40 2.06 -26.88
CA ASN E 306 19.40 2.87 -26.17
C ASN E 306 19.41 4.31 -26.68
N GLY E 307 18.23 4.88 -26.90
CA GLY E 307 18.09 6.29 -27.18
C GLY E 307 17.78 6.67 -28.62
N GLU E 308 18.04 5.79 -29.59
CA GLU E 308 17.80 6.11 -30.98
C GLU E 308 16.45 5.52 -31.41
N GLN E 309 15.69 6.29 -32.18
CA GLN E 309 14.35 5.88 -32.60
C GLN E 309 14.45 4.89 -33.75
N VAL E 310 14.05 3.64 -33.50
CA VAL E 310 14.20 2.56 -34.46
C VAL E 310 12.85 2.03 -34.95
N TRP E 311 11.77 2.77 -34.68
CA TRP E 311 10.43 2.33 -35.05
C TRP E 311 9.94 3.06 -36.28
N SER E 312 9.28 2.31 -37.16
CA SER E 312 8.60 2.85 -38.33
C SER E 312 7.17 2.33 -38.35
N GLN E 313 6.41 2.75 -39.36
CA GLN E 313 5.02 2.31 -39.48
C GLN E 313 4.91 0.84 -39.87
N SER E 314 5.95 0.28 -40.50
CA SER E 314 5.97 -1.14 -40.83
C SER E 314 6.59 -1.97 -39.71
N GLY E 315 6.97 -1.36 -38.60
CA GLY E 315 7.61 -2.08 -37.51
C GLY E 315 8.94 -1.48 -37.11
N ILE E 316 9.93 -2.33 -36.89
CA ILE E 316 11.22 -1.89 -36.39
C ILE E 316 12.21 -1.82 -37.55
N THR E 317 12.70 -0.61 -37.83
CA THR E 317 13.74 -0.38 -38.83
C THR E 317 15.08 -0.20 -38.13
N GLY E 318 16.13 -0.67 -38.79
CA GLY E 318 17.41 -0.65 -38.11
C GLY E 318 17.52 -1.80 -37.13
N GLY E 319 18.62 -1.79 -36.38
CA GLY E 319 18.94 -2.93 -35.54
C GLY E 319 19.20 -4.17 -36.35
N GLU E 320 19.91 -4.02 -37.48
CA GLU E 320 19.98 -5.09 -38.47
C GLU E 320 20.80 -6.27 -37.97
N GLN E 321 21.89 -5.99 -37.25
CA GLN E 321 22.74 -7.06 -36.73
C GLN E 321 22.02 -7.90 -35.69
N TYR E 322 21.08 -7.30 -34.96
CA TYR E 322 20.27 -8.04 -34.00
C TYR E 322 19.32 -8.98 -34.71
N PHE E 323 18.74 -8.53 -35.82
CA PHE E 323 17.84 -9.37 -36.60
C PHE E 323 18.57 -10.52 -37.28
N ASP E 324 19.77 -10.27 -37.81
CA ASP E 324 20.55 -11.35 -38.39
C ASP E 324 21.03 -12.33 -37.33
N ALA E 325 21.38 -11.82 -36.15
CA ALA E 325 21.81 -12.71 -35.06
C ALA E 325 20.68 -13.58 -34.56
N VAL E 326 19.47 -13.02 -34.43
CA VAL E 326 18.36 -13.85 -33.98
C VAL E 326 17.89 -14.78 -35.09
N ALA E 327 18.06 -14.39 -36.36
CA ALA E 327 17.74 -15.29 -37.47
C ALA E 327 18.71 -16.46 -37.52
N GLU E 328 20.00 -16.21 -37.23
CA GLU E 328 20.94 -17.30 -37.08
C GLU E 328 20.74 -18.07 -35.79
N ALA E 329 20.03 -17.49 -34.82
CA ALA E 329 19.74 -18.19 -33.58
C ALA E 329 18.58 -19.17 -33.72
N ILE E 330 17.55 -18.82 -34.51
CA ILE E 330 16.41 -19.74 -34.62
C ILE E 330 16.77 -20.90 -35.53
N ASP E 331 17.74 -20.72 -36.41
CA ASP E 331 18.33 -21.84 -37.13
C ASP E 331 19.35 -22.52 -36.22
N GLY E 332 19.11 -23.79 -35.92
CA GLY E 332 19.86 -24.43 -34.86
C GLY E 332 19.21 -24.35 -33.50
N LEU E 333 18.06 -23.67 -33.39
CA LEU E 333 17.24 -23.77 -32.20
C LEU E 333 16.74 -25.21 -32.06
N SER E 334 16.90 -25.78 -30.87
CA SER E 334 16.68 -27.21 -30.72
C SER E 334 15.89 -27.47 -29.46
N SER E 335 15.36 -28.70 -29.36
CA SER E 335 14.57 -29.08 -28.21
C SER E 335 15.46 -29.38 -27.01
N LYS E 336 16.67 -29.93 -27.25
CA LYS E 336 17.47 -30.52 -26.19
C LYS E 336 17.95 -29.50 -25.18
N GLU E 337 18.15 -28.25 -25.62
CA GLU E 337 18.51 -27.18 -24.70
C GLU E 337 17.36 -26.84 -23.75
N PHE E 338 16.12 -26.85 -24.26
CA PHE E 338 14.96 -26.65 -23.40
C PHE E 338 14.76 -27.83 -22.45
N GLU E 339 15.05 -29.05 -22.93
CA GLU E 339 14.99 -30.23 -22.06
C GLU E 339 16.01 -30.16 -20.92
N GLN E 340 17.25 -29.76 -21.20
CA GLN E 340 18.23 -29.71 -20.11
C GLN E 340 18.03 -28.49 -19.23
N PHE E 341 17.40 -27.44 -19.76
CA PHE E 341 16.99 -26.33 -18.90
C PHE E 341 15.87 -26.74 -17.96
N ALA E 342 14.92 -27.53 -18.44
CA ALA E 342 13.75 -27.89 -17.65
C ALA E 342 13.96 -29.11 -16.76
N GLN E 343 15.02 -29.88 -16.97
CA GLN E 343 15.25 -31.10 -16.22
C GLN E 343 15.71 -30.76 -14.81
N SER E 344 15.01 -31.28 -13.81
CA SER E 344 15.35 -31.06 -12.41
C SER E 344 16.49 -31.97 -11.99
N ALA E 345 17.34 -31.45 -11.11
CA ALA E 345 18.48 -32.21 -10.60
C ALA E 345 18.03 -33.26 -9.59
N MET F 1 -7.16 -11.72 -36.92
CA MET F 1 -8.26 -11.39 -37.83
C MET F 1 -9.02 -10.18 -37.27
N GLN F 2 -9.03 -9.09 -38.02
CA GLN F 2 -9.61 -7.83 -37.59
C GLN F 2 -10.78 -7.46 -38.51
N ILE F 3 -11.93 -7.15 -37.93
CA ILE F 3 -13.11 -6.73 -38.67
C ILE F 3 -13.50 -5.35 -38.18
N GLU F 4 -13.68 -4.42 -39.11
CA GLU F 4 -14.06 -3.04 -38.80
C GLU F 4 -15.40 -2.73 -39.46
N VAL F 5 -16.45 -2.69 -38.65
CA VAL F 5 -17.82 -2.49 -39.12
C VAL F 5 -18.16 -1.01 -38.95
N THR F 6 -18.15 -0.27 -40.04
CA THR F 6 -18.51 1.14 -40.04
C THR F 6 -19.99 1.27 -40.36
N VAL F 7 -20.77 1.81 -39.41
CA VAL F 7 -22.22 1.83 -39.51
C VAL F 7 -22.74 3.25 -39.40
N ARG F 8 -23.97 3.46 -39.87
CA ARG F 8 -24.69 4.72 -39.67
C ARG F 8 -26.02 4.41 -39.00
N ASN F 9 -26.26 5.03 -37.85
CA ASN F 9 -27.50 4.81 -37.12
C ASN F 9 -28.63 5.54 -37.83
N ILE F 10 -29.82 4.94 -37.82
CA ILE F 10 -30.98 5.59 -38.41
C ILE F 10 -31.74 6.37 -37.35
N THR F 11 -32.01 5.74 -36.24
CA THR F 11 -32.67 6.37 -35.10
C THR F 11 -31.64 6.87 -34.11
N PRO F 12 -32.04 7.71 -33.13
CA PRO F 12 -31.13 8.03 -32.03
C PRO F 12 -30.71 6.79 -31.24
N ILE F 13 -29.48 6.83 -30.73
CA ILE F 13 -28.92 5.72 -29.97
C ILE F 13 -29.01 6.05 -28.49
N PHE F 14 -29.60 5.14 -27.72
CA PHE F 14 -29.73 5.33 -26.28
C PHE F 14 -29.32 4.05 -25.58
N SER F 15 -28.10 4.00 -25.09
CA SER F 15 -27.62 2.90 -24.25
C SER F 15 -27.39 3.49 -22.87
N ALA F 16 -28.30 3.21 -21.94
CA ALA F 16 -28.39 3.94 -20.68
C ALA F 16 -27.19 3.75 -19.77
N ALA F 17 -26.53 4.85 -19.41
CA ALA F 17 -25.47 4.79 -18.43
C ALA F 17 -26.07 4.64 -17.04
N PRO F 18 -25.57 3.71 -16.22
CA PRO F 18 -25.99 3.67 -14.82
C PRO F 18 -25.51 4.92 -14.09
N GLY F 19 -26.35 5.42 -13.20
CA GLY F 19 -26.10 6.68 -12.54
C GLY F 19 -27.34 7.55 -12.53
N SER F 20 -27.78 7.94 -11.34
CA SER F 20 -29.00 8.73 -11.18
C SER F 20 -28.66 10.18 -11.49
N ASN F 21 -28.67 10.52 -12.77
CA ASN F 21 -28.33 11.88 -13.15
C ASN F 21 -29.57 12.76 -13.06
N TYR F 22 -29.38 14.07 -13.14
CA TYR F 22 -30.51 14.99 -13.01
C TYR F 22 -30.35 16.12 -14.00
N ILE F 23 -31.48 16.74 -14.32
CA ILE F 23 -31.58 17.70 -15.41
C ILE F 23 -32.61 18.76 -15.04
N THR F 24 -32.32 20.01 -15.40
CA THR F 24 -33.27 21.09 -15.20
C THR F 24 -34.16 21.21 -16.44
N ILE F 25 -34.91 22.32 -16.50
CA ILE F 25 -35.79 22.57 -17.65
C ILE F 25 -34.97 22.85 -18.90
N ASP F 26 -33.93 23.68 -18.78
CA ASP F 26 -33.05 24.01 -19.90
C ASP F 26 -31.61 23.70 -19.51
N GLY F 27 -31.10 22.56 -19.97
CA GLY F 27 -29.72 22.18 -19.79
C GLY F 27 -29.39 21.91 -18.33
N THR F 28 -28.11 22.16 -17.98
CA THR F 28 -27.54 22.07 -16.64
C THR F 28 -27.74 20.66 -16.05
N ILE F 29 -27.02 19.71 -16.67
CA ILE F 29 -27.01 18.33 -16.20
C ILE F 29 -26.40 18.27 -14.80
N ASN F 30 -27.13 17.62 -13.89
CA ASN F 30 -26.82 17.57 -12.46
C ASN F 30 -26.61 18.96 -11.83
N PRO F 31 -27.69 19.72 -11.62
CA PRO F 31 -27.56 21.05 -11.05
C PRO F 31 -27.29 20.98 -9.55
N PRO F 32 -26.96 22.10 -8.92
CA PRO F 32 -27.06 22.18 -7.45
C PRO F 32 -28.49 21.95 -7.01
N PRO F 33 -28.70 21.31 -5.85
CA PRO F 33 -30.05 20.91 -5.46
C PRO F 33 -30.94 22.10 -5.12
N GLY F 34 -32.24 21.92 -5.36
CA GLY F 34 -33.22 22.95 -5.12
C GLY F 34 -33.72 23.69 -6.33
N VAL F 35 -33.34 23.26 -7.55
CA VAL F 35 -33.74 23.94 -8.77
C VAL F 35 -34.68 22.97 -9.47
N SER F 36 -35.37 22.14 -8.67
CA SER F 36 -36.37 21.16 -9.12
C SER F 36 -35.80 20.18 -10.14
N ARG F 37 -34.85 19.37 -9.68
CA ARG F 37 -34.14 18.45 -10.54
C ARG F 37 -35.05 17.32 -11.03
N PHE F 38 -35.01 17.07 -12.30
CA PHE F 38 -35.70 15.99 -12.98
C PHE F 38 -34.77 14.81 -13.16
N PRO F 39 -35.29 13.58 -13.08
CA PRO F 39 -34.43 12.40 -13.28
C PRO F 39 -33.92 12.31 -14.71
N LEU F 40 -32.71 11.77 -14.84
CA LEU F 40 -32.00 11.73 -16.12
C LEU F 40 -31.13 10.49 -16.15
N VAL F 41 -31.38 9.64 -17.14
CA VAL F 41 -30.56 8.47 -17.41
C VAL F 41 -29.80 8.76 -18.70
N ARG F 42 -28.53 9.12 -18.56
CA ARG F 42 -27.71 9.49 -19.70
C ARG F 42 -27.30 8.26 -20.50
N THR F 43 -26.88 8.49 -21.75
CA THR F 43 -26.36 7.41 -22.57
C THR F 43 -24.99 6.98 -22.05
N ARG F 44 -24.59 5.76 -22.41
CA ARG F 44 -23.33 5.21 -21.91
C ARG F 44 -22.14 5.97 -22.47
N MET F 45 -21.28 6.40 -21.57
CA MET F 45 -20.22 7.35 -21.84
C MET F 45 -18.88 6.67 -21.65
N MET F 46 -17.86 7.15 -22.37
CA MET F 46 -16.49 6.68 -22.24
C MET F 46 -15.54 7.87 -22.29
N TYR F 47 -14.69 7.98 -21.29
CA TYR F 47 -13.69 9.03 -21.27
C TYR F 47 -12.52 8.61 -22.15
N VAL F 48 -11.98 9.54 -22.92
CA VAL F 48 -10.90 9.24 -23.86
C VAL F 48 -9.87 10.36 -23.81
N ALA F 49 -8.60 9.98 -23.69
CA ALA F 49 -7.53 10.93 -23.90
C ALA F 49 -7.52 11.38 -25.35
N ALA F 50 -7.72 12.68 -25.57
CA ALA F 50 -7.83 13.21 -26.92
C ALA F 50 -7.05 14.51 -27.04
N ASP F 51 -6.65 14.81 -28.27
CA ASP F 51 -5.86 15.99 -28.63
C ASP F 51 -6.81 17.18 -28.61
N VAL F 52 -6.75 17.95 -27.51
CA VAL F 52 -7.67 19.08 -27.39
C VAL F 52 -7.11 20.32 -28.06
N GLY F 53 -5.98 20.82 -27.56
CA GLY F 53 -5.25 21.88 -28.22
C GLY F 53 -3.87 21.39 -28.60
N ASP F 54 -3.08 22.29 -29.17
CA ASP F 54 -1.78 21.91 -29.70
C ASP F 54 -0.80 21.55 -28.59
N GLY F 55 -0.61 20.25 -28.39
CA GLY F 55 0.30 19.75 -27.38
C GLY F 55 -0.34 19.31 -26.08
N VAL F 56 -1.66 19.31 -25.98
CA VAL F 56 -2.35 18.91 -24.76
C VAL F 56 -3.36 17.81 -25.06
N ILE F 57 -3.29 16.75 -24.27
CA ILE F 57 -4.20 15.60 -24.35
C ILE F 57 -4.99 15.58 -23.06
N LYS F 58 -6.32 15.55 -23.18
CA LYS F 58 -7.18 15.56 -22.00
C LYS F 58 -8.21 14.45 -22.08
N SER F 59 -8.70 14.03 -20.93
CA SER F 59 -9.72 12.99 -20.84
C SER F 59 -11.08 13.62 -21.11
N VAL F 60 -11.48 13.62 -22.39
CA VAL F 60 -12.71 14.24 -22.86
C VAL F 60 -13.82 13.21 -22.85
N PRO F 61 -15.09 13.61 -22.84
CA PRO F 61 -16.18 12.64 -22.99
C PRO F 61 -16.45 12.23 -24.43
N LEU F 62 -16.84 10.97 -24.61
CA LEU F 62 -17.37 10.49 -25.88
C LEU F 62 -18.26 9.29 -25.57
N GLN F 63 -19.52 9.36 -26.00
CA GLN F 63 -20.52 8.42 -25.51
C GLN F 63 -20.77 7.32 -26.53
N ILE F 64 -20.92 6.09 -26.03
CA ILE F 64 -20.75 4.87 -26.81
C ILE F 64 -21.88 3.90 -26.51
N VAL F 65 -21.90 2.82 -27.29
CA VAL F 65 -22.55 1.58 -26.93
C VAL F 65 -21.46 0.64 -26.40
N PRO F 66 -21.67 -0.02 -25.26
CA PRO F 66 -20.61 -0.85 -24.68
C PRO F 66 -20.28 -2.07 -25.54
N GLY F 67 -19.04 -2.53 -25.42
CA GLY F 67 -18.64 -3.72 -26.16
C GLY F 67 -19.25 -4.98 -25.60
N ASN F 68 -19.62 -4.97 -24.33
CA ASN F 68 -20.40 -6.06 -23.76
C ASN F 68 -21.78 -6.13 -24.40
N THR F 69 -22.38 -4.96 -24.63
CA THR F 69 -23.72 -4.87 -25.22
C THR F 69 -23.74 -5.43 -26.64
N MET F 70 -22.80 -4.98 -27.47
CA MET F 70 -22.74 -5.53 -28.82
C MET F 70 -22.12 -6.92 -28.91
N ARG F 71 -21.31 -7.32 -27.94
CA ARG F 71 -20.89 -8.72 -27.89
C ARG F 71 -22.09 -9.63 -27.68
N SER F 72 -22.97 -9.26 -26.76
CA SER F 72 -24.22 -10.00 -26.58
C SER F 72 -25.15 -9.83 -27.76
N LEU F 73 -25.10 -8.69 -28.44
CA LEU F 73 -25.97 -8.47 -29.59
C LEU F 73 -25.57 -9.36 -30.77
N LEU F 74 -24.27 -9.42 -31.04
CA LEU F 74 -23.75 -10.30 -32.09
C LEU F 74 -24.00 -11.76 -31.73
N ARG F 75 -23.81 -12.11 -30.46
CA ARG F 75 -24.10 -13.46 -29.98
C ARG F 75 -25.58 -13.82 -30.11
N ARG F 76 -26.46 -12.88 -29.77
CA ARG F 76 -27.90 -13.12 -29.83
C ARG F 76 -28.39 -13.21 -31.26
N THR F 77 -27.84 -12.40 -32.18
CA THR F 77 -28.29 -12.49 -33.56
C THR F 77 -27.73 -13.75 -34.23
N MET F 78 -26.54 -14.20 -33.81
CA MET F 78 -26.01 -15.49 -34.23
C MET F 78 -26.91 -16.63 -33.79
N LEU F 79 -27.32 -16.61 -32.52
CA LEU F 79 -28.16 -17.68 -32.02
C LEU F 79 -29.56 -17.62 -32.58
N LYS F 80 -30.12 -16.44 -32.82
CA LYS F 80 -31.51 -16.38 -33.25
C LYS F 80 -31.64 -16.69 -34.74
N HIS F 81 -30.64 -16.33 -35.55
CA HIS F 81 -30.81 -16.53 -36.99
C HIS F 81 -29.80 -17.49 -37.63
N VAL F 82 -28.93 -18.13 -36.85
CA VAL F 82 -28.12 -19.21 -37.42
C VAL F 82 -28.29 -20.51 -36.62
N ILE F 83 -28.01 -20.45 -35.32
CA ILE F 83 -27.83 -21.68 -34.55
C ILE F 83 -29.18 -22.32 -34.20
N GLU F 84 -30.13 -21.52 -33.69
CA GLU F 84 -31.46 -22.05 -33.41
C GLU F 84 -32.23 -22.55 -34.63
N PRO F 85 -32.23 -21.87 -35.81
CA PRO F 85 -32.84 -22.52 -36.99
C PRO F 85 -32.16 -23.81 -37.40
N ALA F 86 -30.84 -23.90 -37.26
CA ALA F 86 -30.13 -25.15 -37.55
C ALA F 86 -30.55 -26.26 -36.61
N LEU F 87 -30.63 -25.95 -35.31
CA LEU F 87 -30.90 -26.97 -34.31
C LEU F 87 -32.37 -27.34 -34.30
N VAL F 88 -33.24 -26.50 -34.87
CA VAL F 88 -34.64 -26.88 -34.96
C VAL F 88 -34.94 -27.54 -36.31
N GLU F 89 -34.08 -27.31 -37.32
CA GLU F 89 -34.24 -28.04 -38.57
C GLU F 89 -33.72 -29.46 -38.42
N LYS F 90 -32.67 -29.65 -37.62
CA LYS F 90 -32.23 -31.02 -37.36
C LYS F 90 -32.85 -31.61 -36.10
N GLY F 91 -33.65 -30.84 -35.36
CA GLY F 91 -34.32 -31.38 -34.20
C GLY F 91 -33.44 -31.57 -32.99
N ASN F 92 -32.23 -31.02 -32.99
CA ASN F 92 -31.36 -31.09 -31.82
C ASN F 92 -31.91 -30.22 -30.70
N LYS F 93 -32.01 -30.80 -29.51
CA LYS F 93 -32.72 -30.19 -28.39
C LYS F 93 -31.70 -29.74 -27.35
N LEU F 94 -31.68 -28.44 -27.07
CA LEU F 94 -30.79 -27.90 -26.04
C LEU F 94 -31.37 -28.17 -24.66
N SER F 95 -30.53 -28.12 -23.65
CA SER F 95 -31.03 -28.09 -22.28
C SER F 95 -31.15 -26.65 -21.81
N ILE F 96 -31.61 -26.48 -20.57
CA ILE F 96 -31.70 -25.13 -20.00
C ILE F 96 -30.29 -24.59 -19.73
N GLY F 97 -29.36 -25.48 -19.41
CA GLY F 97 -27.99 -25.05 -19.18
C GLY F 97 -27.29 -24.70 -20.48
N ALA F 98 -27.50 -25.49 -21.53
CA ALA F 98 -26.90 -25.20 -22.83
C ALA F 98 -27.46 -23.91 -23.42
N TYR F 99 -28.76 -23.67 -23.22
CA TYR F 99 -29.40 -22.46 -23.71
C TYR F 99 -28.85 -21.22 -22.99
N ALA F 100 -28.80 -21.29 -21.66
CA ALA F 100 -28.33 -20.16 -20.87
C ALA F 100 -26.84 -19.93 -21.05
N THR F 101 -26.08 -21.00 -21.30
CA THR F 101 -24.65 -20.84 -21.54
C THR F 101 -24.39 -20.32 -22.95
N ALA F 102 -25.30 -20.60 -23.88
CA ALA F 102 -25.17 -20.06 -25.23
C ALA F 102 -25.44 -18.56 -25.26
N TYR F 103 -26.49 -18.10 -24.57
CA TYR F 103 -26.75 -16.66 -24.53
C TYR F 103 -26.03 -15.86 -23.46
N SER F 104 -25.51 -16.49 -22.40
CA SER F 104 -24.93 -15.71 -21.32
C SER F 104 -23.56 -16.18 -20.86
N GLY F 105 -22.94 -17.11 -21.58
CA GLY F 105 -21.62 -17.59 -21.22
C GLY F 105 -21.58 -18.60 -20.10
N ASN F 106 -22.54 -18.57 -19.18
CA ASN F 106 -22.59 -19.48 -18.04
C ASN F 106 -24.00 -20.02 -17.91
N ALA F 107 -24.12 -21.16 -17.22
CA ALA F 107 -25.44 -21.69 -16.89
C ALA F 107 -25.93 -21.18 -15.54
N THR F 108 -25.06 -21.19 -14.53
CA THR F 108 -25.34 -20.66 -13.21
C THR F 108 -24.37 -19.52 -12.91
N GLY F 109 -24.53 -18.91 -11.74
CA GLY F 109 -23.62 -17.88 -11.30
C GLY F 109 -22.36 -18.37 -10.63
N ASN F 110 -22.24 -19.68 -10.41
CA ASN F 110 -21.07 -20.25 -9.80
C ASN F 110 -20.24 -20.98 -10.85
N PRO F 111 -19.11 -20.43 -11.28
CA PRO F 111 -18.23 -21.19 -12.16
C PRO F 111 -17.56 -22.34 -11.42
N ASP F 112 -17.21 -23.37 -12.17
CA ASP F 112 -16.52 -24.51 -11.58
C ASP F 112 -15.06 -24.16 -11.31
N GLY F 113 -14.51 -24.74 -10.24
CA GLY F 113 -13.13 -24.47 -9.90
C GLY F 113 -12.14 -25.21 -10.77
N VAL F 114 -12.55 -26.37 -11.30
CA VAL F 114 -11.62 -27.19 -12.09
C VAL F 114 -11.48 -26.60 -13.48
N PRO F 115 -10.36 -26.81 -14.16
CA PRO F 115 -10.27 -26.45 -15.58
C PRO F 115 -10.69 -27.61 -16.46
N SER F 116 -11.17 -27.26 -17.66
CA SER F 116 -11.58 -28.26 -18.63
C SER F 116 -10.37 -28.95 -19.24
N SER F 117 -10.55 -30.23 -19.57
CA SER F 117 -9.50 -31.01 -20.23
C SER F 117 -9.26 -30.49 -21.64
N PHE F 118 -8.03 -30.70 -22.12
CA PHE F 118 -7.56 -29.98 -23.31
C PHE F 118 -8.31 -30.44 -24.57
N ASP F 119 -8.76 -31.70 -24.62
CA ASP F 119 -9.59 -32.15 -25.72
C ASP F 119 -10.92 -31.39 -25.76
N GLU F 120 -11.49 -31.13 -24.58
CA GLU F 120 -12.69 -30.32 -24.49
C GLU F 120 -12.44 -28.88 -24.93
N ILE F 121 -11.29 -28.31 -24.55
CA ILE F 121 -10.94 -26.95 -24.96
C ILE F 121 -10.77 -26.88 -26.47
N ALA F 122 -10.12 -27.88 -27.07
CA ALA F 122 -9.88 -27.89 -28.51
C ALA F 122 -11.19 -28.07 -29.27
N THR F 123 -12.11 -28.90 -28.77
CA THR F 123 -13.37 -29.10 -29.45
C THR F 123 -14.27 -27.86 -29.34
N MET F 124 -14.30 -27.21 -28.17
CA MET F 124 -15.19 -26.07 -28.04
C MET F 124 -14.58 -24.79 -28.60
N ARG F 125 -13.27 -24.77 -28.84
CA ARG F 125 -12.68 -23.63 -29.52
C ARG F 125 -12.62 -23.83 -31.02
N ALA F 126 -12.67 -25.09 -31.48
CA ALA F 126 -12.89 -25.36 -32.90
C ALA F 126 -14.36 -25.32 -33.26
N HIS F 127 -15.24 -25.28 -32.27
CA HIS F 127 -16.65 -25.05 -32.49
C HIS F 127 -16.85 -23.64 -33.05
N PRO F 128 -17.64 -23.48 -34.11
CA PRO F 128 -17.81 -22.13 -34.66
C PRO F 128 -18.66 -21.15 -33.86
N PHE F 129 -19.39 -21.58 -32.82
CA PHE F 129 -20.05 -20.64 -31.93
C PHE F 129 -19.34 -20.53 -30.58
N ILE F 130 -19.06 -21.67 -29.94
CA ILE F 130 -18.46 -21.68 -28.62
C ILE F 130 -17.04 -21.14 -28.64
N GLY F 131 -16.34 -21.30 -29.77
CA GLY F 131 -15.04 -20.71 -29.93
C GLY F 131 -15.08 -19.19 -29.95
N LEU F 132 -16.15 -18.62 -30.52
CA LEU F 132 -16.32 -17.18 -30.49
C LEU F 132 -16.61 -16.68 -29.09
N PHE F 133 -17.56 -17.29 -28.41
CA PHE F 133 -17.99 -16.88 -27.08
C PHE F 133 -17.78 -18.04 -26.12
N GLY F 134 -16.79 -17.91 -25.24
CA GLY F 134 -16.43 -19.00 -24.37
C GLY F 134 -17.27 -19.06 -23.12
N GLY F 135 -16.63 -18.99 -21.96
CA GLY F 135 -17.36 -19.10 -20.72
C GLY F 135 -17.56 -20.53 -20.28
N GLY F 136 -18.77 -20.87 -19.88
CA GLY F 136 -19.05 -22.19 -19.35
C GLY F 136 -18.69 -22.27 -17.88
N PRO F 137 -18.99 -23.40 -17.25
CA PRO F 137 -18.58 -23.58 -15.85
C PRO F 137 -17.09 -23.63 -15.65
N ARG F 138 -16.34 -24.15 -16.61
CA ARG F 138 -14.88 -24.22 -16.51
C ARG F 138 -14.21 -23.03 -17.17
N MET F 139 -14.99 -22.00 -17.52
CA MET F 139 -14.51 -20.65 -17.85
C MET F 139 -13.61 -20.66 -19.09
N LEU F 140 -14.20 -20.97 -20.24
CA LEU F 140 -13.46 -21.00 -21.49
C LEU F 140 -13.25 -19.58 -22.03
N GLU F 141 -12.05 -19.34 -22.56
CA GLU F 141 -11.76 -18.10 -23.27
C GLU F 141 -12.21 -18.20 -24.71
N GLY F 142 -13.03 -17.23 -25.13
CA GLY F 142 -13.49 -17.16 -26.50
C GLY F 142 -12.44 -16.55 -27.42
N ARG F 143 -12.50 -16.91 -28.69
CA ARG F 143 -11.58 -16.36 -29.67
C ARG F 143 -11.97 -14.97 -30.13
N LEU F 144 -13.20 -14.53 -29.84
CA LEU F 144 -13.71 -13.27 -30.35
C LEU F 144 -13.52 -12.17 -29.31
N MET F 145 -12.99 -11.03 -29.75
CA MET F 145 -12.84 -9.85 -28.89
C MET F 145 -13.63 -8.70 -29.51
N VAL F 146 -14.66 -8.24 -28.79
CA VAL F 146 -15.60 -7.25 -29.31
C VAL F 146 -15.32 -5.91 -28.66
N ASP F 147 -14.98 -4.91 -29.48
CA ASP F 147 -14.76 -3.55 -29.01
C ASP F 147 -16.08 -2.81 -28.87
N SER F 148 -16.07 -1.70 -28.16
CA SER F 148 -17.25 -0.85 -28.01
C SER F 148 -17.39 0.10 -29.20
N LEU F 149 -18.57 0.70 -29.29
CA LEU F 149 -18.99 1.39 -30.51
C LEU F 149 -18.64 2.88 -30.42
N TYR F 150 -17.54 3.26 -31.03
CA TYR F 150 -16.94 4.59 -31.23
C TYR F 150 -17.56 5.31 -32.41
N PRO F 151 -18.07 6.53 -32.21
CA PRO F 151 -18.45 7.36 -33.35
C PRO F 151 -17.22 8.00 -33.97
N ILE F 152 -17.32 8.35 -35.25
CA ILE F 152 -16.21 9.02 -35.90
C ILE F 152 -16.25 10.49 -35.49
N HIS F 153 -15.57 10.80 -34.40
CA HIS F 153 -15.55 12.13 -33.81
C HIS F 153 -14.11 12.53 -33.53
N THR F 154 -13.90 13.83 -33.31
CA THR F 154 -12.57 14.34 -32.95
C THR F 154 -12.06 13.74 -31.65
N ASN F 155 -12.98 13.45 -30.71
CA ASN F 155 -12.61 12.85 -29.44
C ASN F 155 -11.97 11.48 -29.63
N ALA F 156 -12.47 10.69 -30.58
CA ALA F 156 -11.85 9.41 -30.91
C ALA F 156 -10.73 9.53 -31.94
N GLU F 157 -10.13 10.72 -32.10
CA GLU F 157 -9.06 10.89 -33.09
C GLU F 157 -7.82 10.10 -32.72
N ARG F 158 -7.45 10.05 -31.44
CA ARG F 158 -6.32 9.24 -31.01
C ARG F 158 -6.61 7.75 -31.14
N ILE F 159 -7.88 7.37 -31.06
CA ILE F 159 -8.27 5.97 -31.21
C ILE F 159 -8.16 5.54 -32.68
N LEU F 160 -8.67 6.35 -33.60
CA LEU F 160 -8.67 6.00 -35.02
C LEU F 160 -7.37 6.44 -35.69
N GLY F 161 -6.30 5.71 -35.35
CA GLY F 161 -5.00 5.99 -35.94
C GLY F 161 -4.94 5.64 -37.42
N ALA F 162 -5.56 4.51 -37.79
CA ALA F 162 -5.56 4.06 -39.18
C ALA F 162 -6.97 4.20 -39.74
N GLY F 163 -7.09 4.98 -40.81
CA GLY F 163 -8.38 5.21 -41.44
C GLY F 163 -9.22 6.24 -40.71
N TYR F 164 -10.37 6.57 -41.30
CA TYR F 164 -11.39 7.48 -40.75
C TYR F 164 -10.84 8.87 -40.44
N GLU F 165 -9.83 9.33 -41.19
CA GLU F 165 -9.30 10.67 -40.98
C GLU F 165 -10.21 11.72 -41.60
N ASN F 166 -11.07 11.32 -42.53
CA ASN F 166 -12.16 12.15 -43.00
C ASN F 166 -13.36 11.90 -42.10
N GLU F 167 -14.55 12.33 -42.56
CA GLU F 167 -15.87 12.18 -41.89
C GLU F 167 -15.82 12.57 -40.41
N MET F 168 -15.18 13.71 -40.17
CA MET F 168 -14.60 14.05 -38.88
C MET F 168 -15.53 15.07 -38.23
N MET F 169 -16.27 14.64 -37.20
CA MET F 169 -17.28 15.50 -36.59
C MET F 169 -16.71 16.26 -35.41
N SER F 170 -17.09 17.54 -35.32
CA SER F 170 -16.52 18.46 -34.33
C SER F 170 -17.46 18.70 -33.15
N GLY F 171 -18.72 19.02 -33.42
CA GLY F 171 -19.63 19.50 -32.39
C GLY F 171 -20.20 18.41 -31.52
N PRO F 172 -21.23 18.76 -30.75
CA PRO F 172 -21.83 17.80 -29.81
C PRO F 172 -22.80 16.84 -30.50
N ILE F 173 -22.80 15.60 -29.99
CA ILE F 173 -23.56 14.49 -30.56
C ILE F 173 -24.62 13.94 -29.63
N THR F 174 -24.88 14.58 -28.49
CA THR F 174 -25.93 14.14 -27.58
C THR F 174 -27.09 15.11 -27.52
N GLN F 175 -28.23 14.60 -27.06
CA GLN F 175 -29.46 15.36 -26.94
C GLN F 175 -30.27 14.90 -25.73
N VAL F 176 -30.82 15.87 -25.00
CA VAL F 176 -31.73 15.55 -23.92
C VAL F 176 -33.15 15.44 -24.48
N VAL F 177 -33.66 14.22 -24.56
CA VAL F 177 -34.98 13.96 -25.14
C VAL F 177 -35.93 13.65 -23.99
N TRP F 178 -37.07 14.33 -23.96
CA TRP F 178 -37.99 14.32 -22.84
C TRP F 178 -39.19 13.45 -23.16
N ALA F 179 -39.50 12.53 -22.26
CA ALA F 179 -40.66 11.65 -22.38
C ALA F 179 -41.43 11.72 -21.06
N ARG F 180 -42.75 11.83 -21.16
CA ARG F 180 -43.57 11.93 -19.96
C ARG F 180 -44.67 10.89 -20.01
N ARG F 181 -45.22 10.59 -18.84
CA ARG F 181 -46.44 9.81 -18.74
C ARG F 181 -47.59 10.74 -18.36
N MET F 182 -48.81 10.33 -18.70
CA MET F 182 -50.00 10.87 -18.05
C MET F 182 -50.62 9.76 -17.22
N ASP F 183 -51.59 10.14 -16.39
CA ASP F 183 -52.63 9.21 -16.05
C ASP F 183 -53.78 9.43 -17.01
N PRO F 184 -54.12 8.46 -17.86
CA PRO F 184 -55.17 8.71 -18.86
C PRO F 184 -56.56 8.74 -18.25
N ILE F 185 -56.72 8.27 -17.02
CA ILE F 185 -58.00 8.45 -16.32
C ILE F 185 -58.09 9.87 -15.78
N LEU F 186 -56.96 10.58 -15.74
CA LEU F 186 -57.01 12.03 -15.54
C LEU F 186 -57.27 12.76 -16.85
N ASN F 187 -57.33 12.02 -17.96
CA ASN F 187 -57.67 12.58 -19.27
C ASN F 187 -58.92 11.96 -19.87
N LEU F 188 -59.86 11.49 -19.03
CA LEU F 188 -61.05 10.83 -19.56
C LEU F 188 -62.04 11.84 -20.13
N GLY F 189 -62.59 12.70 -19.28
CA GLY F 189 -63.54 13.69 -19.73
C GLY F 189 -64.97 13.21 -19.87
N SER F 190 -65.21 12.31 -20.82
CA SER F 190 -66.56 11.89 -21.19
C SER F 190 -66.87 10.52 -20.60
N SER F 191 -68.05 10.37 -20.02
CA SER F 191 -68.42 9.13 -19.34
C SER F 191 -68.75 8.02 -20.33
N GLU F 192 -69.01 8.38 -21.60
CA GLU F 192 -69.21 7.37 -22.64
C GLU F 192 -67.93 6.61 -22.93
N ASP F 193 -66.78 7.25 -22.69
CA ASP F 193 -65.50 6.52 -22.72
C ASP F 193 -65.33 5.69 -21.46
N VAL F 194 -66.00 6.07 -20.36
CA VAL F 194 -65.86 5.38 -19.09
C VAL F 194 -66.80 4.18 -18.99
N GLU F 195 -67.78 4.08 -19.89
CA GLU F 195 -68.71 2.94 -19.89
C GLU F 195 -68.01 1.64 -20.27
N VAL F 196 -66.83 1.74 -20.89
CA VAL F 196 -65.99 0.56 -21.14
C VAL F 196 -65.42 0.04 -19.82
N ILE F 197 -65.04 0.94 -18.92
CA ILE F 197 -64.57 0.54 -17.60
C ILE F 197 -65.74 -0.02 -16.81
N ASN F 198 -65.56 -1.22 -16.26
CA ASN F 198 -66.60 -1.82 -15.43
C ASN F 198 -66.74 -1.07 -14.11
N GLY F 199 -67.95 -1.14 -13.55
CA GLY F 199 -68.25 -0.45 -12.31
C GLY F 199 -68.73 0.97 -12.46
N GLY F 200 -68.74 1.52 -13.68
CA GLY F 200 -69.24 2.86 -13.90
C GLY F 200 -68.19 3.94 -13.70
N ALA F 201 -68.68 5.18 -13.60
CA ALA F 201 -67.78 6.32 -13.47
C ALA F 201 -67.33 6.54 -12.04
N VAL F 202 -67.97 5.87 -11.08
CA VAL F 202 -67.69 6.05 -9.67
C VAL F 202 -66.30 5.50 -9.33
N ALA F 203 -65.89 4.41 -9.98
CA ALA F 203 -64.56 3.86 -9.76
C ALA F 203 -63.48 4.77 -10.33
N ALA F 204 -63.72 5.34 -11.52
CA ALA F 204 -62.80 6.31 -12.11
C ALA F 204 -62.68 7.55 -11.24
N ASN F 205 -63.81 8.01 -10.69
CA ASN F 205 -63.79 9.13 -9.76
C ASN F 205 -63.06 8.80 -8.47
N GLY F 206 -63.14 7.53 -8.04
CA GLY F 206 -62.34 7.09 -6.91
C GLY F 206 -60.85 7.12 -7.20
N TRP F 207 -60.47 6.82 -8.43
CA TRP F 207 -59.05 6.95 -8.80
C TRP F 207 -58.62 8.41 -8.90
N ILE F 208 -59.54 9.30 -9.33
CA ILE F 208 -59.30 10.75 -9.24
C ILE F 208 -59.08 11.16 -7.80
N GLN F 209 -59.90 10.64 -6.88
CA GLN F 209 -59.76 11.02 -5.47
C GLN F 209 -58.49 10.43 -4.88
N ASP F 210 -58.05 9.28 -5.39
CA ASP F 210 -56.79 8.68 -4.95
C ASP F 210 -55.60 9.53 -5.38
N LEU F 211 -55.60 10.02 -6.62
CA LEU F 211 -54.45 10.82 -7.05
C LEU F 211 -54.46 12.22 -6.46
N LEU F 212 -55.63 12.78 -6.16
CA LEU F 212 -55.60 14.08 -5.48
C LEU F 212 -55.15 13.91 -4.03
N ALA F 213 -55.53 12.79 -3.39
CA ALA F 213 -55.04 12.51 -2.04
C ALA F 213 -53.53 12.27 -2.04
N ASN F 214 -53.00 11.67 -3.11
CA ASN F 214 -51.56 11.59 -3.28
C ASN F 214 -50.94 12.96 -3.56
N SER F 215 -51.64 13.85 -4.24
CA SER F 215 -51.09 15.17 -4.57
C SER F 215 -51.01 16.07 -3.35
N LYS F 216 -51.97 15.98 -2.43
CA LYS F 216 -51.87 16.76 -1.20
C LYS F 216 -50.75 16.23 -0.31
N ALA F 217 -50.58 14.92 -0.23
CA ALA F 217 -49.52 14.33 0.57
C ALA F 217 -48.18 14.44 -0.13
N ASN F 239 -45.20 5.58 0.52
CA ASN F 239 -44.96 6.42 -0.64
C ASN F 239 -45.37 5.71 -1.92
N GLY F 240 -46.64 5.34 -2.00
CA GLY F 240 -47.17 4.70 -3.20
C GLY F 240 -47.29 5.66 -4.35
N ARG F 241 -46.43 5.49 -5.36
CA ARG F 241 -46.47 6.35 -6.53
C ARG F 241 -47.71 6.08 -7.37
N GLY F 242 -48.24 7.13 -7.98
CA GLY F 242 -49.37 7.00 -8.87
C GLY F 242 -48.89 6.84 -10.29
N LEU F 243 -49.04 7.86 -11.10
CA LEU F 243 -48.63 7.83 -12.49
C LEU F 243 -48.27 9.26 -12.88
N LYS F 244 -48.26 9.54 -14.19
CA LYS F 244 -47.98 10.88 -14.74
C LYS F 244 -46.58 11.38 -14.38
N ALA F 245 -45.57 10.71 -14.92
CA ALA F 245 -44.19 11.13 -14.70
C ALA F 245 -43.74 12.13 -15.78
N PHE F 246 -42.52 12.63 -15.62
CA PHE F 246 -41.87 13.52 -16.57
C PHE F 246 -40.37 13.32 -16.47
N ASN F 247 -39.78 12.74 -17.51
CA ASN F 247 -38.41 12.26 -17.43
C ASN F 247 -37.66 12.72 -18.66
N ALA F 248 -36.34 12.73 -18.54
CA ALA F 248 -35.46 13.01 -19.65
C ALA F 248 -34.43 11.90 -19.75
N HIS F 249 -34.02 11.60 -20.98
CA HIS F 249 -32.88 10.73 -21.17
C HIS F 249 -32.01 11.32 -22.26
N GLU F 250 -30.70 11.23 -22.08
CA GLU F 250 -29.77 11.75 -23.08
C GLU F 250 -29.47 10.64 -24.07
N VAL F 251 -29.69 10.93 -25.34
CA VAL F 251 -29.47 9.99 -26.43
C VAL F 251 -28.38 10.56 -27.33
N VAL F 252 -27.83 9.71 -28.20
CA VAL F 252 -26.99 10.20 -29.27
C VAL F 252 -27.90 10.69 -30.39
N ILE F 253 -27.45 11.67 -31.16
CA ILE F 253 -28.18 12.14 -32.34
C ILE F 253 -28.24 11.04 -33.39
N PRO F 254 -29.25 11.02 -34.25
CA PRO F 254 -29.26 10.05 -35.35
C PRO F 254 -28.45 10.55 -36.54
N GLY F 255 -28.16 9.61 -37.43
CA GLY F 255 -27.53 9.94 -38.70
C GLY F 255 -26.02 10.08 -38.67
N LEU F 256 -25.39 9.91 -37.52
CA LEU F 256 -23.94 9.98 -37.42
C LEU F 256 -23.33 8.60 -37.66
N LYS F 257 -22.08 8.57 -38.07
CA LYS F 257 -21.47 7.31 -38.45
C LYS F 257 -20.48 6.85 -37.37
N TRP F 258 -20.59 5.59 -37.00
CA TRP F 258 -19.81 4.95 -35.95
C TRP F 258 -18.86 3.92 -36.55
N VAL F 259 -17.91 3.46 -35.74
CA VAL F 259 -17.03 2.36 -36.08
C VAL F 259 -17.09 1.31 -34.96
N TRP F 260 -17.11 0.04 -35.37
CA TRP F 260 -17.12 -1.11 -34.49
C TRP F 260 -15.92 -1.98 -34.85
N ARG F 261 -15.29 -2.60 -33.86
CA ARG F 261 -14.15 -3.46 -34.11
C ARG F 261 -14.40 -4.83 -33.49
N ILE F 262 -14.45 -5.85 -34.33
CA ILE F 262 -14.62 -7.22 -33.89
C ILE F 262 -13.36 -7.96 -34.32
N SER F 263 -12.51 -8.29 -33.37
CA SER F 263 -11.26 -8.93 -33.70
C SER F 263 -11.29 -10.40 -33.28
N LEU F 264 -10.33 -11.18 -33.80
CA LEU F 264 -10.33 -12.62 -33.56
C LEU F 264 -8.93 -13.12 -33.23
N ASP F 265 -8.88 -14.20 -32.43
CA ASP F 265 -7.63 -14.75 -31.90
C ASP F 265 -7.51 -16.17 -32.45
N ARG F 266 -6.67 -16.32 -33.49
CA ARG F 266 -6.50 -17.55 -34.25
C ARG F 266 -7.83 -18.22 -34.66
N PRO F 267 -8.64 -17.55 -35.47
CA PRO F 267 -9.97 -18.09 -35.73
C PRO F 267 -9.95 -19.20 -36.78
N THR F 268 -10.85 -20.17 -36.61
CA THR F 268 -11.16 -21.04 -37.72
C THR F 268 -12.00 -20.27 -38.73
N ASP F 269 -12.02 -20.76 -39.97
CA ASP F 269 -12.77 -20.08 -41.02
C ASP F 269 -14.27 -20.17 -40.77
N ALA F 270 -14.72 -21.20 -40.04
CA ALA F 270 -16.12 -21.32 -39.67
C ALA F 270 -16.54 -20.26 -38.66
N GLN F 271 -15.67 -19.92 -37.72
CA GLN F 271 -15.96 -18.84 -36.76
C GLN F 271 -16.09 -17.49 -37.45
N VAL F 272 -15.16 -17.20 -38.37
CA VAL F 272 -15.23 -15.97 -39.17
C VAL F 272 -16.49 -15.97 -40.04
N GLY F 273 -16.85 -17.14 -40.58
CA GLY F 273 -18.07 -17.24 -41.34
C GLY F 273 -19.32 -17.00 -40.51
N LEU F 274 -19.30 -17.42 -39.24
CA LEU F 274 -20.42 -17.14 -38.36
C LEU F 274 -20.50 -15.66 -38.02
N VAL F 275 -19.35 -15.00 -37.85
CA VAL F 275 -19.34 -13.56 -37.61
C VAL F 275 -19.88 -12.80 -38.82
N LEU F 276 -19.47 -13.20 -40.03
CA LEU F 276 -20.02 -12.56 -41.23
C LEU F 276 -21.48 -12.93 -41.49
N LEU F 277 -21.93 -14.10 -41.05
CA LEU F 277 -23.35 -14.43 -41.13
C LEU F 277 -24.16 -13.55 -40.19
N ALA F 278 -23.60 -13.21 -39.03
CA ALA F 278 -24.25 -12.24 -38.15
C ALA F 278 -24.20 -10.84 -38.76
N LEU F 279 -23.10 -10.50 -39.42
CA LEU F 279 -22.95 -9.16 -39.98
C LEU F 279 -23.82 -8.93 -41.20
N ASN F 280 -24.21 -10.02 -41.89
CA ASN F 280 -25.11 -9.89 -43.03
C ASN F 280 -26.48 -9.36 -42.62
N LYS F 281 -27.02 -9.89 -41.52
CA LYS F 281 -28.33 -9.50 -40.99
C LYS F 281 -28.25 -8.89 -39.60
N MET F 282 -27.19 -8.13 -39.32
CA MET F 282 -27.16 -7.20 -38.20
C MET F 282 -28.33 -6.21 -38.23
N THR F 283 -28.73 -5.77 -39.44
CA THR F 283 -29.54 -4.56 -39.57
C THR F 283 -30.97 -4.77 -39.10
N ASN F 284 -31.38 -6.02 -38.88
CA ASN F 284 -32.66 -6.28 -38.23
C ASN F 284 -32.63 -5.90 -36.75
N GLU F 285 -31.50 -6.16 -36.08
CA GLU F 285 -31.38 -5.90 -34.66
C GLU F 285 -31.06 -4.43 -34.40
N ARG F 286 -31.02 -4.07 -33.12
CA ARG F 286 -30.93 -2.67 -32.68
C ARG F 286 -29.68 -2.44 -31.82
N ILE F 287 -28.86 -1.48 -32.24
CA ILE F 287 -27.63 -1.12 -31.51
C ILE F 287 -27.95 0.03 -30.55
N ALA F 288 -28.75 -0.31 -29.53
CA ALA F 288 -29.14 0.59 -28.43
C ALA F 288 -30.00 -0.15 -27.43
N GLY F 289 -30.44 0.57 -26.40
CA GLY F 289 -31.66 0.26 -25.69
C GLY F 289 -32.77 1.18 -26.15
N GLY F 290 -33.87 1.17 -25.40
CA GLY F 290 -35.02 1.95 -25.82
C GLY F 290 -35.74 1.29 -26.98
N HIS F 291 -36.33 0.14 -26.71
CA HIS F 291 -36.85 -0.75 -27.74
C HIS F 291 -38.11 -0.14 -28.35
N SER F 292 -38.99 0.43 -27.52
CA SER F 292 -40.26 0.93 -28.02
C SER F 292 -40.10 2.24 -28.79
N LYS F 293 -39.07 3.02 -28.50
CA LYS F 293 -38.83 4.29 -29.18
C LYS F 293 -38.03 4.13 -30.47
N ASP F 294 -37.92 2.89 -30.98
CA ASP F 294 -37.21 2.51 -32.20
C ASP F 294 -35.70 2.75 -32.12
N TYR F 295 -35.16 3.00 -30.94
CA TYR F 295 -33.78 3.44 -30.83
C TYR F 295 -32.82 2.29 -31.10
N GLY F 296 -31.90 2.52 -32.03
CA GLY F 296 -30.92 1.52 -32.42
C GLY F 296 -30.93 1.10 -33.86
N ARG F 297 -31.82 1.66 -34.69
CA ARG F 297 -31.86 1.31 -36.11
C ARG F 297 -30.61 1.83 -36.79
N PHE F 298 -30.00 0.99 -37.63
CA PHE F 298 -28.72 1.38 -38.19
C PHE F 298 -28.60 0.72 -39.55
N VAL F 299 -27.73 1.26 -40.39
CA VAL F 299 -27.36 0.62 -41.65
C VAL F 299 -25.84 0.56 -41.73
N ILE F 300 -25.32 -0.60 -42.08
CA ILE F 300 -23.88 -0.81 -42.13
C ILE F 300 -23.34 -0.19 -43.41
N ASP F 301 -22.45 0.79 -43.26
CA ASP F 301 -21.84 1.44 -44.41
C ASP F 301 -20.71 0.61 -45.00
N GLY F 302 -19.96 -0.09 -44.16
CA GLY F 302 -18.85 -0.88 -44.65
C GLY F 302 -18.42 -1.91 -43.63
N VAL F 303 -17.79 -2.97 -44.11
CA VAL F 303 -17.22 -4.01 -43.28
C VAL F 303 -15.81 -4.29 -43.79
N SER F 304 -14.81 -4.14 -42.93
CA SER F 304 -13.42 -4.35 -43.29
C SER F 304 -12.94 -5.69 -42.73
N LEU F 305 -12.50 -6.57 -43.63
CA LEU F 305 -11.98 -7.89 -43.30
C LEU F 305 -10.46 -7.83 -43.42
N ASN F 306 -9.78 -7.55 -42.30
CA ASN F 306 -8.36 -7.21 -42.24
C ASN F 306 -8.01 -6.07 -43.21
N GLY F 307 -8.88 -5.07 -43.25
CA GLY F 307 -8.67 -3.87 -44.04
C GLY F 307 -9.36 -3.84 -45.38
N GLU F 308 -9.80 -4.98 -45.91
CA GLU F 308 -10.42 -5.04 -47.23
C GLU F 308 -11.94 -4.94 -47.08
N GLN F 309 -12.55 -4.15 -47.96
CA GLN F 309 -13.98 -3.87 -47.85
C GLN F 309 -14.80 -4.94 -48.56
N VAL F 310 -15.75 -5.52 -47.83
CA VAL F 310 -16.52 -6.66 -48.35
C VAL F 310 -18.02 -6.38 -48.29
N TRP F 311 -18.39 -5.19 -47.86
CA TRP F 311 -19.81 -4.88 -47.65
C TRP F 311 -20.46 -4.34 -48.92
N SER F 312 -21.67 -4.82 -49.18
CA SER F 312 -22.51 -4.32 -50.26
C SER F 312 -23.89 -4.01 -49.70
N GLN F 313 -24.78 -3.54 -50.57
CA GLN F 313 -26.15 -3.32 -50.16
C GLN F 313 -26.88 -4.63 -49.90
N SER F 314 -26.57 -5.66 -50.67
CA SER F 314 -27.14 -6.99 -50.45
C SER F 314 -26.20 -7.85 -49.61
N GLY F 315 -25.98 -7.42 -48.37
CA GLY F 315 -25.14 -8.18 -47.46
C GLY F 315 -23.66 -8.00 -47.74
N ILE F 316 -22.92 -9.09 -47.55
CA ILE F 316 -21.47 -9.06 -47.71
C ILE F 316 -21.10 -9.66 -49.06
N THR F 317 -20.36 -8.91 -49.86
CA THR F 317 -19.80 -9.40 -51.12
C THR F 317 -18.32 -9.68 -50.87
N GLY F 318 -17.98 -10.95 -50.73
CA GLY F 318 -16.63 -11.37 -50.42
C GLY F 318 -16.60 -12.30 -49.22
N GLY F 319 -15.40 -12.80 -48.95
CA GLY F 319 -15.20 -13.76 -47.87
C GLY F 319 -15.87 -15.10 -48.13
N GLU F 320 -15.73 -15.62 -49.33
CA GLU F 320 -16.48 -16.81 -49.73
C GLU F 320 -15.98 -18.07 -49.05
N GLN F 321 -14.70 -18.12 -48.68
CA GLN F 321 -14.19 -19.29 -47.99
C GLN F 321 -14.73 -19.39 -46.56
N TYR F 322 -14.88 -18.23 -45.91
CA TYR F 322 -15.43 -18.19 -44.54
C TYR F 322 -16.90 -18.65 -44.56
N PHE F 323 -17.67 -18.17 -45.54
CA PHE F 323 -19.10 -18.54 -45.66
C PHE F 323 -19.22 -20.04 -45.95
N ASP F 324 -18.37 -20.54 -46.85
CA ASP F 324 -18.37 -21.99 -47.22
C ASP F 324 -18.01 -22.80 -45.97
N ALA F 325 -17.03 -22.32 -45.20
CA ALA F 325 -16.59 -23.01 -43.97
C ALA F 325 -17.75 -23.04 -42.97
N VAL F 326 -18.50 -21.95 -42.86
CA VAL F 326 -19.61 -21.89 -41.93
C VAL F 326 -20.80 -22.67 -42.47
N ALA F 327 -20.93 -22.80 -43.80
CA ALA F 327 -21.96 -23.65 -44.36
C ALA F 327 -21.65 -25.12 -44.10
N GLU F 328 -20.37 -25.48 -44.08
CA GLU F 328 -19.99 -26.83 -43.67
C GLU F 328 -20.06 -26.99 -42.15
N ALA F 329 -20.17 -25.87 -41.42
CA ALA F 329 -20.24 -25.92 -39.96
C ALA F 329 -21.67 -26.02 -39.44
N ILE F 330 -22.63 -25.42 -40.13
CA ILE F 330 -24.05 -25.66 -39.83
C ILE F 330 -24.40 -27.12 -40.03
N ASP F 331 -23.91 -27.72 -41.12
CA ASP F 331 -23.96 -29.16 -41.24
C ASP F 331 -23.02 -29.81 -40.23
N GLY F 332 -23.44 -30.93 -39.66
CA GLY F 332 -22.69 -31.57 -38.60
C GLY F 332 -22.78 -30.89 -37.25
N LEU F 333 -23.63 -29.89 -37.09
CA LEU F 333 -23.77 -29.17 -35.82
C LEU F 333 -24.88 -29.80 -35.01
N SER F 334 -24.54 -30.36 -33.86
CA SER F 334 -25.50 -30.97 -32.95
C SER F 334 -25.57 -30.18 -31.65
N SER F 335 -26.57 -30.51 -30.84
CA SER F 335 -26.70 -29.86 -29.53
C SER F 335 -25.75 -30.45 -28.51
N LYS F 336 -25.13 -31.58 -28.84
CA LYS F 336 -24.24 -32.31 -27.93
C LYS F 336 -23.04 -31.48 -27.52
N GLU F 337 -22.47 -30.72 -28.45
CA GLU F 337 -21.32 -29.87 -28.15
C GLU F 337 -21.70 -28.78 -27.15
N PHE F 338 -22.89 -28.20 -27.32
CA PHE F 338 -23.41 -27.24 -26.35
C PHE F 338 -23.66 -27.88 -24.99
N GLU F 339 -24.13 -29.14 -24.98
CA GLU F 339 -24.45 -29.81 -23.72
C GLU F 339 -23.20 -30.11 -22.91
N GLN F 340 -22.20 -30.78 -23.50
CA GLN F 340 -20.98 -30.90 -22.68
C GLN F 340 -20.11 -29.65 -22.66
N PHE F 341 -20.46 -28.56 -23.35
CA PHE F 341 -19.86 -27.28 -22.96
C PHE F 341 -20.48 -26.76 -21.67
N ALA F 342 -21.80 -26.88 -21.53
CA ALA F 342 -22.49 -26.29 -20.39
C ALA F 342 -22.48 -27.18 -19.16
N GLN F 343 -22.06 -28.43 -19.29
CA GLN F 343 -22.16 -29.38 -18.18
C GLN F 343 -21.07 -29.06 -17.15
N SER F 344 -21.48 -28.89 -15.90
CA SER F 344 -20.57 -28.56 -14.82
C SER F 344 -20.11 -29.81 -14.09
N ALA F 345 -18.82 -29.88 -13.81
CA ALA F 345 -18.22 -31.03 -13.14
C ALA F 345 -18.60 -31.07 -11.66
N MET G 1 -43.33 -4.25 -38.44
CA MET G 1 -42.38 -5.01 -39.31
C MET G 1 -41.97 -4.13 -40.49
N GLN G 2 -41.13 -3.11 -40.22
CA GLN G 2 -40.63 -2.16 -41.24
C GLN G 2 -41.80 -1.45 -41.94
N ILE G 3 -42.83 -1.08 -41.18
CA ILE G 3 -44.01 -0.34 -41.73
C ILE G 3 -43.63 1.13 -41.80
N GLU G 4 -43.65 1.75 -42.99
CA GLU G 4 -43.26 3.16 -43.06
C GLU G 4 -44.33 3.94 -43.78
N VAL G 5 -44.96 4.90 -43.11
CA VAL G 5 -45.98 5.74 -43.72
C VAL G 5 -45.38 7.12 -43.97
N THR G 6 -45.96 7.83 -44.95
CA THR G 6 -45.69 9.24 -45.14
C THR G 6 -46.99 10.01 -45.00
N VAL G 7 -46.93 11.15 -44.32
CA VAL G 7 -48.12 11.96 -44.05
C VAL G 7 -47.89 13.37 -44.58
N ARG G 8 -48.99 14.08 -44.80
CA ARG G 8 -48.95 15.50 -45.18
C ARG G 8 -49.70 16.29 -44.12
N ASN G 9 -49.06 17.32 -43.57
CA ASN G 9 -49.78 18.22 -42.69
C ASN G 9 -50.47 19.34 -43.46
N ILE G 10 -51.64 19.76 -42.98
CA ILE G 10 -52.42 20.82 -43.60
C ILE G 10 -52.50 22.05 -42.71
N THR G 11 -52.50 21.85 -41.40
CA THR G 11 -52.55 22.87 -40.36
C THR G 11 -51.15 22.90 -39.73
N PRO G 12 -50.81 23.88 -38.89
CA PRO G 12 -49.52 23.82 -38.19
C PRO G 12 -49.42 22.66 -37.21
N ILE G 13 -48.18 22.29 -36.91
CA ILE G 13 -47.86 21.24 -35.95
C ILE G 13 -47.09 21.89 -34.80
N PHE G 14 -47.57 21.67 -33.57
CA PHE G 14 -46.97 22.28 -32.38
C PHE G 14 -46.69 21.18 -31.36
N SER G 15 -45.58 20.47 -31.53
CA SER G 15 -45.11 19.52 -30.53
C SER G 15 -44.19 20.28 -29.59
N ALA G 16 -44.75 20.77 -28.49
CA ALA G 16 -44.07 21.77 -27.67
C ALA G 16 -42.84 21.21 -26.98
N ALA G 17 -41.80 22.04 -26.87
CA ALA G 17 -40.54 21.61 -26.29
C ALA G 17 -40.41 22.17 -24.88
N PRO G 18 -39.96 21.37 -23.91
CA PRO G 18 -39.67 21.93 -22.59
C PRO G 18 -38.49 22.88 -22.63
N GLY G 19 -38.77 24.14 -22.30
CA GLY G 19 -37.75 25.16 -22.32
C GLY G 19 -38.31 26.48 -21.85
N SER G 20 -37.44 27.22 -21.16
CA SER G 20 -37.74 28.57 -20.70
C SER G 20 -37.23 29.52 -21.78
N ASN G 21 -38.00 29.66 -22.84
CA ASN G 21 -37.61 30.42 -24.02
C ASN G 21 -38.43 31.71 -24.10
N TYR G 22 -37.84 32.73 -24.73
CA TYR G 22 -38.48 34.02 -24.87
C TYR G 22 -37.98 34.70 -26.14
N ILE G 23 -38.85 35.49 -26.77
CA ILE G 23 -38.53 36.23 -27.99
C ILE G 23 -38.85 37.70 -27.76
N THR G 24 -38.19 38.58 -28.51
CA THR G 24 -38.66 39.95 -28.68
C THR G 24 -39.49 40.10 -29.95
N ILE G 25 -38.87 39.81 -31.10
CA ILE G 25 -39.50 39.93 -32.40
C ILE G 25 -38.85 38.88 -33.32
N ASP G 26 -39.32 38.75 -34.56
CA ASP G 26 -38.84 37.69 -35.45
C ASP G 26 -37.40 37.90 -35.92
N GLY G 27 -36.79 39.06 -35.65
CA GLY G 27 -35.40 39.26 -36.01
C GLY G 27 -34.44 38.39 -35.22
N THR G 28 -34.62 38.31 -33.91
CA THR G 28 -33.81 37.45 -33.06
C THR G 28 -34.70 36.57 -32.20
N ILE G 29 -34.42 35.28 -32.19
CA ILE G 29 -35.33 34.32 -31.57
C ILE G 29 -35.12 34.23 -30.06
N ASN G 30 -33.87 34.23 -29.60
CA ASN G 30 -33.56 34.24 -28.17
C ASN G 30 -32.61 35.38 -27.87
N PRO G 31 -33.11 36.51 -27.37
CA PRO G 31 -32.25 37.67 -27.12
C PRO G 31 -31.40 37.47 -25.88
N PRO G 32 -30.15 37.93 -25.90
CA PRO G 32 -29.34 37.97 -24.67
C PRO G 32 -29.93 38.88 -23.59
N PRO G 33 -30.32 40.14 -23.83
CA PRO G 33 -30.79 40.94 -22.68
C PRO G 33 -32.29 40.76 -22.44
N GLY G 34 -32.74 41.39 -21.36
CA GLY G 34 -34.12 41.24 -20.92
C GLY G 34 -35.02 42.41 -21.27
N VAL G 35 -34.83 43.00 -22.45
CA VAL G 35 -35.68 44.09 -22.91
C VAL G 35 -36.78 43.48 -23.78
N SER G 36 -38.04 43.81 -23.45
CA SER G 36 -39.24 43.37 -24.15
C SER G 36 -39.34 41.85 -24.23
N ARG G 37 -39.27 41.19 -23.08
CA ARG G 37 -39.36 39.74 -23.04
C ARG G 37 -40.79 39.26 -23.30
N PHE G 38 -40.92 38.29 -24.20
CA PHE G 38 -42.19 37.70 -24.53
C PHE G 38 -41.93 36.20 -24.57
N PRO G 39 -42.48 35.42 -23.63
CA PRO G 39 -42.09 34.01 -23.49
C PRO G 39 -42.47 33.15 -24.69
N LEU G 40 -41.68 32.11 -24.92
CA LEU G 40 -41.80 31.23 -26.07
C LEU G 40 -41.88 29.78 -25.62
N VAL G 41 -42.80 29.03 -26.24
CA VAL G 41 -42.83 27.58 -26.14
C VAL G 41 -42.37 27.04 -27.49
N ARG G 42 -41.14 26.52 -27.53
CA ARG G 42 -40.57 26.01 -28.77
C ARG G 42 -41.24 24.71 -29.19
N THR G 43 -41.16 24.41 -30.49
CA THR G 43 -41.52 23.08 -30.94
C THR G 43 -40.36 22.11 -30.71
N ARG G 44 -40.64 20.83 -30.88
CA ARG G 44 -39.72 19.77 -30.46
C ARG G 44 -38.44 19.77 -31.29
N MET G 45 -37.31 19.69 -30.59
CA MET G 45 -35.97 19.84 -31.13
C MET G 45 -35.36 18.48 -31.43
N MET G 46 -34.68 18.41 -32.59
CA MET G 46 -33.92 17.20 -32.94
C MET G 46 -32.69 17.66 -33.72
N TYR G 47 -31.58 17.88 -33.00
CA TYR G 47 -30.29 18.07 -33.66
C TYR G 47 -29.91 16.78 -34.37
N VAL G 48 -29.35 16.91 -35.57
CA VAL G 48 -29.09 15.72 -36.38
C VAL G 48 -27.81 15.91 -37.18
N ALA G 49 -27.11 14.81 -37.45
CA ALA G 49 -25.92 14.87 -38.28
C ALA G 49 -26.33 14.94 -39.74
N ALA G 50 -25.86 15.98 -40.43
CA ALA G 50 -26.23 16.15 -41.84
C ALA G 50 -25.08 16.77 -42.61
N ASP G 51 -25.16 16.62 -43.93
CA ASP G 51 -24.17 17.14 -44.87
C ASP G 51 -24.49 18.59 -45.19
N VAL G 52 -24.05 19.48 -44.31
CA VAL G 52 -24.16 20.92 -44.50
C VAL G 52 -22.75 21.46 -44.68
N GLY G 53 -22.57 22.38 -45.64
CA GLY G 53 -21.26 22.85 -46.00
C GLY G 53 -20.61 22.12 -47.14
N ASP G 54 -21.36 21.24 -47.82
CA ASP G 54 -20.94 20.51 -49.02
C ASP G 54 -19.70 19.64 -48.77
N GLY G 55 -19.88 18.65 -47.90
CA GLY G 55 -18.83 17.67 -47.66
C GLY G 55 -18.63 17.27 -46.22
N VAL G 56 -18.83 18.19 -45.28
CA VAL G 56 -18.61 17.90 -43.87
C VAL G 56 -19.95 17.62 -43.20
N ILE G 57 -19.87 16.93 -42.06
CA ILE G 57 -21.05 16.48 -41.33
C ILE G 57 -21.14 17.28 -40.03
N LYS G 58 -22.31 17.88 -39.78
CA LYS G 58 -22.49 18.76 -38.64
C LYS G 58 -23.87 18.53 -38.03
N SER G 59 -23.95 18.78 -36.71
CA SER G 59 -25.22 18.81 -35.99
C SER G 59 -25.99 20.06 -36.41
N VAL G 60 -27.20 19.85 -36.93
CA VAL G 60 -28.05 20.95 -37.38
C VAL G 60 -29.44 20.78 -36.77
N PRO G 61 -30.17 21.87 -36.50
CA PRO G 61 -31.53 21.74 -35.96
C PRO G 61 -32.55 21.27 -36.99
N LEU G 62 -33.52 20.50 -36.49
CA LEU G 62 -34.63 19.97 -37.28
C LEU G 62 -35.76 19.63 -36.32
N GLN G 63 -37.00 19.93 -36.73
CA GLN G 63 -38.14 19.88 -35.84
C GLN G 63 -39.03 18.67 -36.15
N ILE G 64 -39.35 17.91 -35.10
CA ILE G 64 -40.00 16.61 -35.16
C ILE G 64 -41.24 16.55 -34.29
N VAL G 65 -41.95 15.44 -34.42
CA VAL G 65 -42.92 14.96 -33.46
C VAL G 65 -42.37 13.67 -32.88
N PRO G 66 -42.20 13.57 -31.55
CA PRO G 66 -41.50 12.41 -30.97
C PRO G 66 -42.27 11.11 -31.11
N GLY G 67 -41.51 10.02 -31.12
CA GLY G 67 -42.09 8.70 -31.34
C GLY G 67 -42.82 8.17 -30.12
N ASN G 68 -42.55 8.73 -28.95
CA ASN G 68 -43.36 8.44 -27.77
C ASN G 68 -44.78 8.96 -27.95
N THR G 69 -44.92 10.18 -28.49
CA THR G 69 -46.24 10.75 -28.71
C THR G 69 -47.01 9.99 -29.79
N MET G 70 -46.34 9.60 -30.87
CA MET G 70 -47.03 8.83 -31.89
C MET G 70 -47.26 7.38 -31.46
N ARG G 71 -46.43 6.86 -30.56
CA ARG G 71 -46.72 5.56 -29.96
C ARG G 71 -48.00 5.62 -29.14
N SER G 72 -48.15 6.70 -28.35
CA SER G 72 -49.40 6.92 -27.64
C SER G 72 -50.56 7.18 -28.60
N LEU G 73 -50.31 7.87 -29.71
CA LEU G 73 -51.32 8.08 -30.75
C LEU G 73 -51.83 6.79 -31.38
N LEU G 74 -50.90 5.92 -31.79
CA LEU G 74 -51.27 4.64 -32.38
C LEU G 74 -52.00 3.79 -31.35
N ARG G 75 -51.57 3.87 -30.09
CA ARG G 75 -52.22 3.17 -28.98
C ARG G 75 -53.67 3.62 -28.78
N ARG G 76 -53.89 4.94 -28.66
CA ARG G 76 -55.24 5.43 -28.39
C ARG G 76 -56.16 5.26 -29.60
N THR G 77 -55.59 5.36 -30.80
CA THR G 77 -56.44 5.16 -32.01
C THR G 77 -56.99 3.72 -32.01
N MET G 78 -56.11 2.73 -31.76
CA MET G 78 -56.53 1.30 -31.74
C MET G 78 -57.45 0.98 -30.56
N LEU G 79 -57.11 1.46 -29.36
CA LEU G 79 -57.90 1.18 -28.13
C LEU G 79 -59.29 1.84 -28.21
N LYS G 80 -59.34 3.09 -28.69
CA LYS G 80 -60.62 3.86 -28.73
C LYS G 80 -61.31 3.68 -30.09
N HIS G 81 -60.74 2.92 -31.02
CA HIS G 81 -61.40 2.84 -32.32
C HIS G 81 -61.84 1.42 -32.67
N VAL G 82 -61.10 0.39 -32.24
CA VAL G 82 -61.57 -1.00 -32.36
C VAL G 82 -61.62 -1.72 -31.01
N ILE G 83 -60.62 -1.51 -30.13
CA ILE G 83 -60.52 -2.32 -28.91
C ILE G 83 -61.67 -2.02 -27.96
N GLU G 84 -61.94 -0.74 -27.69
CA GLU G 84 -63.16 -0.40 -26.97
C GLU G 84 -64.45 -0.65 -27.78
N PRO G 85 -64.56 -0.28 -29.08
CA PRO G 85 -65.83 -0.61 -29.78
C PRO G 85 -66.07 -2.09 -30.06
N ALA G 86 -65.04 -2.94 -30.13
CA ALA G 86 -65.31 -4.37 -30.22
C ALA G 86 -65.19 -5.03 -28.85
N LEU G 87 -64.94 -4.23 -27.81
CA LEU G 87 -64.97 -4.74 -26.45
C LEU G 87 -66.26 -4.36 -25.75
N VAL G 88 -67.02 -3.42 -26.34
CA VAL G 88 -68.20 -2.88 -25.68
C VAL G 88 -69.35 -3.89 -25.73
N GLU G 89 -69.29 -4.85 -26.66
CA GLU G 89 -70.31 -5.89 -26.70
C GLU G 89 -69.81 -7.14 -25.98
N LYS G 90 -70.73 -8.11 -25.86
CA LYS G 90 -70.51 -9.46 -25.29
C LYS G 90 -69.88 -9.42 -23.89
N GLY G 91 -70.18 -8.37 -23.13
CA GLY G 91 -69.66 -8.27 -21.78
C GLY G 91 -68.23 -7.79 -21.78
N ASN G 92 -67.39 -8.52 -21.04
CA ASN G 92 -65.92 -8.38 -20.93
C ASN G 92 -65.42 -6.93 -20.80
N LYS G 93 -66.12 -6.15 -19.99
CA LYS G 93 -65.74 -4.75 -19.75
C LYS G 93 -64.42 -4.68 -18.99
N LEU G 94 -63.57 -3.75 -19.40
CA LEU G 94 -62.23 -3.65 -18.85
C LEU G 94 -62.26 -3.14 -17.41
N SER G 95 -61.27 -3.60 -16.63
CA SER G 95 -61.04 -3.03 -15.32
C SER G 95 -60.46 -1.63 -15.46
N ILE G 96 -60.53 -0.87 -14.36
CA ILE G 96 -60.04 0.50 -14.38
C ILE G 96 -58.51 0.51 -14.48
N GLY G 97 -57.87 -0.39 -13.72
CA GLY G 97 -56.42 -0.56 -13.85
C GLY G 97 -56.04 -1.19 -15.17
N ALA G 98 -56.92 -2.05 -15.70
CA ALA G 98 -56.70 -2.60 -17.04
C ALA G 98 -56.80 -1.52 -18.10
N TYR G 99 -57.73 -0.57 -17.92
CA TYR G 99 -57.86 0.55 -18.83
C TYR G 99 -56.65 1.48 -18.75
N ALA G 100 -56.10 1.64 -17.54
CA ALA G 100 -54.87 2.43 -17.39
C ALA G 100 -53.68 1.72 -18.02
N THR G 101 -53.61 0.39 -17.88
CA THR G 101 -52.48 -0.36 -18.45
C THR G 101 -52.62 -0.46 -19.97
N ALA G 102 -53.83 -0.33 -20.49
CA ALA G 102 -54.02 -0.30 -21.93
C ALA G 102 -53.74 1.08 -22.51
N TYR G 103 -54.24 2.14 -21.87
CA TYR G 103 -54.04 3.51 -22.37
C TYR G 103 -52.65 4.06 -22.06
N SER G 104 -52.20 3.93 -20.82
CA SER G 104 -50.82 4.23 -20.47
C SER G 104 -50.03 2.92 -20.56
N GLY G 105 -48.82 2.92 -20.02
CA GLY G 105 -48.07 1.68 -19.98
C GLY G 105 -48.44 0.82 -18.79
N ASN G 106 -48.69 1.45 -17.64
CA ASN G 106 -48.92 0.78 -16.38
C ASN G 106 -50.27 1.20 -15.82
N ALA G 107 -50.73 0.44 -14.83
CA ALA G 107 -51.87 0.85 -14.01
C ALA G 107 -51.48 1.88 -12.95
N THR G 108 -50.27 1.77 -12.40
CA THR G 108 -49.80 2.67 -11.35
C THR G 108 -48.28 2.67 -11.37
N GLY G 109 -47.70 3.46 -10.47
CA GLY G 109 -46.26 3.49 -10.33
C GLY G 109 -45.75 2.32 -9.50
N ASN G 110 -44.43 2.31 -9.26
CA ASN G 110 -43.68 1.24 -8.64
C ASN G 110 -43.99 -0.12 -9.27
N PRO G 111 -43.53 -0.40 -10.49
CA PRO G 111 -43.72 -1.74 -11.05
C PRO G 111 -42.90 -2.77 -10.29
N ASP G 112 -43.53 -3.90 -9.98
CA ASP G 112 -42.89 -4.89 -9.13
C ASP G 112 -41.75 -5.57 -9.88
N GLY G 113 -40.60 -5.67 -9.20
CA GLY G 113 -39.42 -6.27 -9.79
C GLY G 113 -39.46 -7.76 -9.91
N VAL G 114 -40.48 -8.40 -9.35
CA VAL G 114 -40.73 -9.82 -9.58
C VAL G 114 -41.10 -10.04 -11.04
N PRO G 115 -40.37 -10.85 -11.78
CA PRO G 115 -40.72 -11.11 -13.19
C PRO G 115 -41.89 -12.08 -13.26
N SER G 116 -42.45 -12.19 -14.46
CA SER G 116 -43.59 -13.07 -14.71
C SER G 116 -43.11 -14.36 -15.36
N SER G 117 -43.89 -15.43 -15.17
CA SER G 117 -43.59 -16.72 -15.75
C SER G 117 -43.78 -16.66 -17.26
N PHE G 118 -43.11 -17.58 -17.97
CA PHE G 118 -42.99 -17.47 -19.42
C PHE G 118 -44.32 -17.73 -20.14
N ASP G 119 -45.22 -18.53 -19.56
CA ASP G 119 -46.48 -18.85 -20.25
C ASP G 119 -47.35 -17.61 -20.41
N GLU G 120 -47.22 -16.65 -19.48
CA GLU G 120 -47.70 -15.29 -19.72
C GLU G 120 -47.12 -14.70 -21.00
N ILE G 121 -45.80 -14.42 -21.02
CA ILE G 121 -45.20 -13.61 -22.10
C ILE G 121 -45.34 -14.29 -23.46
N ALA G 122 -45.42 -15.63 -23.45
CA ALA G 122 -45.84 -16.37 -24.63
C ALA G 122 -47.28 -16.07 -25.01
N THR G 123 -48.20 -15.96 -24.05
CA THR G 123 -49.57 -15.63 -24.42
C THR G 123 -49.78 -14.15 -24.75
N MET G 124 -49.04 -13.23 -24.11
CA MET G 124 -49.33 -11.81 -24.28
C MET G 124 -48.70 -11.22 -25.54
N ARG G 125 -47.50 -11.68 -25.92
CA ARG G 125 -46.93 -11.14 -27.16
C ARG G 125 -47.56 -11.71 -28.40
N ALA G 126 -48.38 -12.76 -28.29
CA ALA G 126 -49.16 -13.23 -29.42
C ALA G 126 -50.50 -12.50 -29.56
N HIS G 127 -50.96 -11.82 -28.50
CA HIS G 127 -52.25 -11.17 -28.57
C HIS G 127 -52.05 -9.78 -29.19
N PRO G 128 -53.04 -9.28 -29.97
CA PRO G 128 -52.78 -8.14 -30.86
C PRO G 128 -52.38 -6.83 -30.20
N PHE G 129 -52.90 -6.49 -29.04
CA PHE G 129 -52.60 -5.18 -28.46
C PHE G 129 -51.52 -5.20 -27.39
N ILE G 130 -51.52 -6.23 -26.55
CA ILE G 130 -50.61 -6.28 -25.41
C ILE G 130 -49.17 -6.50 -25.87
N GLY G 131 -48.97 -7.43 -26.80
CA GLY G 131 -47.64 -7.58 -27.36
C GLY G 131 -47.22 -6.44 -28.27
N LEU G 132 -48.19 -5.68 -28.75
CA LEU G 132 -47.86 -4.45 -29.47
C LEU G 132 -47.35 -3.39 -28.49
N PHE G 133 -48.02 -3.23 -27.35
CA PHE G 133 -47.66 -2.19 -26.39
C PHE G 133 -47.38 -2.86 -25.04
N GLY G 134 -46.12 -3.14 -24.77
CA GLY G 134 -45.76 -3.84 -23.55
C GLY G 134 -45.66 -2.95 -22.33
N GLY G 135 -45.10 -3.48 -21.25
CA GLY G 135 -44.95 -2.72 -20.03
C GLY G 135 -45.73 -3.27 -18.86
N GLY G 136 -46.48 -2.40 -18.17
CA GLY G 136 -47.28 -2.81 -17.05
C GLY G 136 -46.46 -3.12 -15.82
N PRO G 137 -46.95 -4.01 -14.92
CA PRO G 137 -46.21 -4.37 -13.71
C PRO G 137 -44.86 -5.03 -14.02
N ARG G 138 -44.82 -5.91 -15.03
CA ARG G 138 -43.59 -6.65 -15.40
C ARG G 138 -42.77 -5.88 -16.44
N MET G 139 -43.25 -4.71 -16.87
CA MET G 139 -42.52 -3.88 -17.87
C MET G 139 -42.20 -4.72 -19.12
N LEU G 140 -43.19 -5.45 -19.64
CA LEU G 140 -42.98 -6.31 -20.83
C LEU G 140 -42.50 -5.43 -21.99
N GLU G 141 -41.46 -5.89 -22.69
CA GLU G 141 -40.84 -5.12 -23.81
C GLU G 141 -41.84 -4.92 -24.97
N GLY G 142 -42.55 -5.98 -25.36
CA GLY G 142 -43.50 -5.92 -26.50
C GLY G 142 -42.79 -6.09 -27.83
N ARG G 143 -43.52 -5.98 -28.94
CA ARG G 143 -42.87 -6.08 -30.25
C ARG G 143 -42.78 -4.75 -30.98
N LEU G 144 -43.79 -3.89 -30.84
CA LEU G 144 -43.90 -2.74 -31.74
C LEU G 144 -42.92 -1.63 -31.35
N MET G 145 -42.20 -1.13 -32.35
CA MET G 145 -41.15 -0.13 -32.18
C MET G 145 -41.54 1.08 -33.01
N VAL G 146 -41.68 2.23 -32.37
CA VAL G 146 -42.26 3.43 -32.97
C VAL G 146 -41.18 4.48 -33.12
N ASP G 147 -40.94 4.88 -34.37
CA ASP G 147 -39.97 5.92 -34.68
C ASP G 147 -40.63 7.29 -34.54
N SER G 148 -39.79 8.31 -34.48
CA SER G 148 -40.30 9.67 -34.39
C SER G 148 -40.52 10.25 -35.78
N LEU G 149 -41.42 11.23 -35.85
CA LEU G 149 -41.95 11.72 -37.12
C LEU G 149 -40.90 12.63 -37.75
N TYR G 150 -40.23 12.14 -38.80
CA TYR G 150 -39.15 12.82 -39.48
C TYR G 150 -39.64 13.57 -40.71
N PRO G 151 -39.55 14.91 -40.73
CA PRO G 151 -39.85 15.64 -41.96
C PRO G 151 -38.82 15.32 -43.03
N ILE G 152 -39.29 15.24 -44.28
CA ILE G 152 -38.41 14.86 -45.38
C ILE G 152 -37.60 16.10 -45.75
N HIS G 153 -36.45 16.26 -45.11
CA HIS G 153 -35.73 17.52 -45.06
C HIS G 153 -34.29 17.31 -45.46
N THR G 154 -33.62 18.40 -45.86
CA THR G 154 -32.19 18.35 -46.18
C THR G 154 -31.35 18.02 -44.96
N ASN G 155 -31.78 18.43 -43.78
CA ASN G 155 -31.15 17.97 -42.54
C ASN G 155 -31.43 16.48 -42.32
N ALA G 156 -32.56 15.98 -42.83
CA ALA G 156 -32.94 14.59 -42.64
C ALA G 156 -32.52 13.69 -43.81
N GLU G 157 -31.47 14.05 -44.53
CA GLU G 157 -31.17 13.32 -45.76
C GLU G 157 -30.49 11.99 -45.46
N ARG G 158 -29.55 11.95 -44.52
CA ARG G 158 -28.77 10.73 -44.29
C ARG G 158 -29.61 9.63 -43.67
N ILE G 159 -30.64 10.00 -42.91
CA ILE G 159 -31.62 9.05 -42.38
C ILE G 159 -32.54 8.53 -43.48
N LEU G 160 -32.86 9.35 -44.47
CA LEU G 160 -33.88 9.02 -45.46
C LEU G 160 -33.30 9.11 -46.87
N GLY G 161 -32.11 8.54 -47.06
CA GLY G 161 -31.41 8.71 -48.32
C GLY G 161 -31.81 7.72 -49.39
N ALA G 162 -32.40 6.60 -48.99
CA ALA G 162 -32.61 5.51 -49.94
C ALA G 162 -33.77 5.79 -50.89
N GLY G 163 -34.99 5.91 -50.35
CA GLY G 163 -36.16 5.97 -51.18
C GLY G 163 -36.58 7.34 -51.68
N TYR G 164 -35.83 8.39 -51.34
CA TYR G 164 -36.26 9.77 -51.62
C TYR G 164 -35.08 10.55 -52.19
N GLU G 165 -34.94 10.52 -53.52
CA GLU G 165 -34.01 11.42 -54.18
C GLU G 165 -34.60 12.83 -54.30
N ASN G 166 -35.87 12.91 -54.68
CA ASN G 166 -36.61 14.16 -54.81
C ASN G 166 -37.66 14.27 -53.70
N GLU G 167 -38.52 15.30 -53.82
CA GLU G 167 -39.47 15.72 -52.79
C GLU G 167 -38.74 15.97 -51.47
N MET G 168 -37.90 16.99 -51.44
CA MET G 168 -36.87 17.12 -50.42
C MET G 168 -36.86 18.56 -49.90
N MET G 169 -37.38 18.76 -48.69
CA MET G 169 -37.62 20.11 -48.19
C MET G 169 -36.31 20.80 -47.80
N SER G 170 -36.22 22.09 -48.12
CA SER G 170 -35.00 22.87 -47.92
C SER G 170 -35.35 24.20 -47.27
N GLY G 171 -34.34 24.80 -46.64
CA GLY G 171 -34.49 26.11 -46.04
C GLY G 171 -35.23 26.09 -44.73
N PRO G 172 -35.97 27.15 -44.43
CA PRO G 172 -36.78 27.18 -43.22
C PRO G 172 -37.92 26.17 -43.27
N ILE G 173 -38.30 25.68 -42.09
CA ILE G 173 -39.37 24.69 -41.97
C ILE G 173 -40.39 25.25 -40.98
N THR G 174 -39.94 26.07 -40.05
CA THR G 174 -40.72 26.50 -38.90
C THR G 174 -41.01 28.00 -38.96
N GLN G 175 -42.10 28.39 -38.32
CA GLN G 175 -42.45 29.81 -38.18
C GLN G 175 -43.05 30.10 -36.80
N VAL G 176 -43.05 31.38 -36.43
CA VAL G 176 -43.56 31.80 -35.14
C VAL G 176 -44.96 32.39 -35.33
N VAL G 177 -45.93 31.88 -34.56
CA VAL G 177 -47.27 32.43 -34.52
C VAL G 177 -47.52 32.95 -33.09
N TRP G 178 -48.06 34.15 -32.99
CA TRP G 178 -48.19 34.79 -31.69
C TRP G 178 -49.45 34.33 -30.96
N ALA G 179 -50.61 34.59 -31.54
CA ALA G 179 -51.88 34.20 -30.93
C ALA G 179 -52.94 33.92 -31.99
N PHE G 246 -49.50 38.03 -26.66
CA PHE G 246 -48.16 38.58 -26.88
C PHE G 246 -47.09 37.54 -26.57
N ASN G 247 -47.48 36.45 -25.93
CA ASN G 247 -46.57 35.30 -25.76
C ASN G 247 -46.52 34.56 -27.10
N ALA G 248 -45.32 34.17 -27.50
CA ALA G 248 -45.15 33.59 -28.83
C ALA G 248 -45.12 32.07 -28.78
N HIS G 249 -45.55 31.44 -29.86
CA HIS G 249 -45.53 29.99 -30.01
C HIS G 249 -44.82 29.66 -31.32
N GLU G 250 -44.11 28.53 -31.34
CA GLU G 250 -43.27 28.16 -32.47
C GLU G 250 -43.81 26.87 -33.09
N VAL G 251 -44.21 26.95 -34.37
CA VAL G 251 -44.88 25.84 -35.03
C VAL G 251 -44.15 25.49 -36.32
N VAL G 252 -44.56 24.35 -36.89
CA VAL G 252 -44.00 23.83 -38.17
C VAL G 252 -44.95 24.23 -39.30
N ILE G 253 -44.40 24.81 -40.38
CA ILE G 253 -45.23 25.27 -41.53
C ILE G 253 -45.96 24.06 -42.15
N PRO G 254 -47.25 24.21 -42.52
CA PRO G 254 -48.04 23.13 -43.10
C PRO G 254 -47.63 22.78 -44.54
N GLY G 255 -48.03 21.59 -45.00
CA GLY G 255 -47.72 21.11 -46.37
C GLY G 255 -46.44 20.30 -46.42
N LEU G 256 -45.75 20.17 -45.27
CA LEU G 256 -44.51 19.37 -45.18
C LEU G 256 -44.86 17.88 -45.26
N LYS G 257 -44.00 17.08 -45.89
CA LYS G 257 -44.21 15.62 -46.00
C LYS G 257 -43.39 14.94 -44.89
N TRP G 258 -44.01 14.08 -44.09
CA TRP G 258 -43.30 13.46 -42.99
C TRP G 258 -43.23 11.95 -43.20
N VAL G 259 -42.22 11.35 -42.59
CA VAL G 259 -42.03 9.90 -42.57
C VAL G 259 -42.21 9.43 -41.13
N TRP G 260 -43.12 8.49 -40.92
CA TRP G 260 -43.31 7.83 -39.65
C TRP G 260 -43.04 6.34 -39.84
N ARG G 261 -42.06 5.82 -39.12
CA ARG G 261 -41.63 4.44 -39.29
C ARG G 261 -42.15 3.60 -38.13
N ILE G 262 -42.69 2.46 -38.45
CA ILE G 262 -43.23 1.51 -37.49
C ILE G 262 -42.48 0.20 -37.64
N SER G 263 -41.93 -0.31 -36.55
CA SER G 263 -41.11 -1.51 -36.60
C SER G 263 -41.64 -2.54 -35.60
N LEU G 264 -41.49 -3.81 -35.96
CA LEU G 264 -41.89 -4.94 -35.13
C LEU G 264 -40.92 -6.08 -35.40
N ASP G 265 -40.65 -6.88 -34.36
CA ASP G 265 -39.76 -8.03 -34.47
C ASP G 265 -40.59 -9.30 -34.33
N ARG G 266 -40.44 -10.19 -35.33
CA ARG G 266 -41.16 -11.46 -35.42
C ARG G 266 -42.68 -11.49 -35.14
N PRO G 267 -43.43 -10.46 -35.56
CA PRO G 267 -44.77 -10.26 -34.99
C PRO G 267 -45.79 -11.24 -35.56
N THR G 268 -46.90 -11.40 -34.82
CA THR G 268 -47.97 -12.25 -35.33
C THR G 268 -48.76 -11.48 -36.39
N ASP G 269 -49.61 -12.22 -37.09
CA ASP G 269 -50.44 -11.70 -38.17
C ASP G 269 -51.42 -10.65 -37.65
N ALA G 270 -51.96 -10.90 -36.45
CA ALA G 270 -52.97 -10.02 -35.88
C ALA G 270 -52.38 -8.68 -35.45
N GLN G 271 -51.12 -8.68 -34.99
CA GLN G 271 -50.50 -7.44 -34.53
C GLN G 271 -50.25 -6.46 -35.68
N VAL G 272 -49.65 -6.96 -36.78
CA VAL G 272 -49.41 -6.13 -37.94
C VAL G 272 -50.73 -5.74 -38.61
N GLY G 273 -51.74 -6.62 -38.55
CA GLY G 273 -53.06 -6.24 -39.02
C GLY G 273 -53.69 -5.13 -38.20
N LEU G 274 -53.47 -5.14 -36.88
CA LEU G 274 -53.96 -4.08 -36.00
C LEU G 274 -53.28 -2.75 -36.30
N VAL G 275 -51.96 -2.79 -36.47
CA VAL G 275 -51.19 -1.55 -36.80
C VAL G 275 -51.66 -1.05 -38.17
N LEU G 276 -51.84 -1.97 -39.12
CA LEU G 276 -52.28 -1.62 -40.50
C LEU G 276 -53.71 -1.04 -40.46
N LEU G 277 -54.61 -1.65 -39.68
CA LEU G 277 -56.01 -1.15 -39.60
C LEU G 277 -56.01 0.25 -39.00
N ALA G 278 -55.16 0.49 -37.99
CA ALA G 278 -55.03 1.81 -37.34
C ALA G 278 -54.54 2.83 -38.37
N LEU G 279 -53.62 2.43 -39.23
CA LEU G 279 -53.06 3.35 -40.23
C LEU G 279 -54.06 3.64 -41.35
N ASN G 280 -55.07 2.78 -41.52
CA ASN G 280 -56.17 3.04 -42.46
C ASN G 280 -57.01 4.26 -42.10
N LYS G 281 -56.93 4.69 -40.85
CA LYS G 281 -57.86 5.57 -40.18
C LYS G 281 -57.15 6.61 -39.33
N MET G 282 -55.84 6.79 -39.56
CA MET G 282 -54.99 7.62 -38.72
C MET G 282 -55.29 9.10 -38.88
N THR G 283 -56.02 9.46 -39.96
CA THR G 283 -56.27 10.86 -40.32
C THR G 283 -57.12 11.58 -39.27
N ASN G 284 -58.05 10.87 -38.63
CA ASN G 284 -59.04 11.51 -37.77
C ASN G 284 -58.44 12.10 -36.50
N GLU G 285 -57.47 11.43 -35.89
CA GLU G 285 -56.99 11.90 -34.59
C GLU G 285 -55.83 12.87 -34.81
N ARG G 286 -55.86 13.98 -34.06
CA ARG G 286 -54.91 15.06 -34.21
C ARG G 286 -53.88 15.03 -33.08
N ILE G 287 -52.60 15.18 -33.44
CA ILE G 287 -51.50 15.07 -32.48
C ILE G 287 -50.63 16.32 -32.60
N ALA G 288 -49.92 16.63 -31.50
CA ALA G 288 -48.85 17.63 -31.45
C ALA G 288 -49.36 19.02 -31.78
N GLY G 289 -50.23 19.54 -30.92
CA GLY G 289 -50.71 20.91 -31.05
C GLY G 289 -51.85 21.14 -30.11
N GLY G 290 -52.34 22.38 -30.13
CA GLY G 290 -53.50 22.72 -29.34
C GLY G 290 -54.76 22.19 -29.98
N HIS G 291 -55.65 21.63 -29.15
CA HIS G 291 -56.95 21.18 -29.64
C HIS G 291 -57.81 22.37 -30.02
N SER G 292 -57.71 23.46 -29.26
CA SER G 292 -58.48 24.67 -29.57
C SER G 292 -57.89 25.42 -30.74
N LYS G 293 -56.58 25.30 -30.95
CA LYS G 293 -55.89 26.05 -31.99
C LYS G 293 -55.85 25.34 -33.33
N ASP G 294 -56.55 24.20 -33.46
CA ASP G 294 -56.84 23.43 -34.68
C ASP G 294 -55.54 22.78 -35.18
N TYR G 295 -54.50 22.71 -34.34
CA TYR G 295 -53.27 22.07 -34.77
C TYR G 295 -53.36 20.56 -34.57
N GLY G 296 -52.91 19.82 -35.59
CA GLY G 296 -52.82 18.37 -35.53
C GLY G 296 -53.41 17.63 -36.72
N ARG G 297 -54.15 18.30 -37.60
CA ARG G 297 -54.74 17.64 -38.77
C ARG G 297 -53.66 17.19 -39.74
N PHE G 298 -53.81 15.96 -40.24
CA PHE G 298 -52.90 15.43 -41.24
C PHE G 298 -53.59 14.35 -42.06
N VAL G 299 -53.08 14.13 -43.27
CA VAL G 299 -53.61 13.16 -44.21
C VAL G 299 -52.43 12.27 -44.65
N ILE G 300 -52.74 11.01 -44.98
CA ILE G 300 -51.73 10.01 -45.25
C ILE G 300 -51.76 9.63 -46.74
N ASP G 301 -50.61 9.70 -47.39
CA ASP G 301 -50.40 9.10 -48.70
C ASP G 301 -49.05 8.39 -48.69
N GLY G 302 -48.99 7.19 -49.27
CA GLY G 302 -47.72 6.48 -49.25
C GLY G 302 -47.39 5.69 -48.00
N VAL G 303 -48.14 4.61 -47.76
CA VAL G 303 -47.80 3.62 -46.75
C VAL G 303 -47.03 2.50 -47.46
N SER G 304 -45.89 2.10 -46.88
CA SER G 304 -45.04 1.06 -47.44
C SER G 304 -44.93 -0.09 -46.42
N LEU G 305 -45.09 -1.31 -46.92
CA LEU G 305 -45.14 -2.53 -46.12
C LEU G 305 -44.08 -3.47 -46.69
N ASN G 306 -42.93 -3.56 -46.01
CA ASN G 306 -41.65 -4.07 -46.57
C ASN G 306 -41.27 -3.30 -47.84
N GLY G 307 -41.56 -2.00 -47.86
CA GLY G 307 -41.14 -1.14 -48.94
C GLY G 307 -42.04 -1.14 -50.16
N GLU G 308 -43.07 -1.97 -50.21
CA GLU G 308 -43.99 -1.99 -51.34
C GLU G 308 -45.20 -1.13 -50.99
N GLN G 309 -45.68 -0.38 -51.99
CA GLN G 309 -46.65 0.68 -51.74
C GLN G 309 -48.04 0.09 -51.56
N VAL G 310 -48.63 0.29 -50.39
CA VAL G 310 -49.91 -0.33 -50.04
C VAL G 310 -50.96 0.69 -49.62
N TRP G 311 -50.93 1.90 -50.19
CA TRP G 311 -51.91 2.91 -49.80
C TRP G 311 -52.55 3.54 -51.03
N SER G 312 -53.84 3.82 -50.91
CA SER G 312 -54.61 4.57 -51.90
C SER G 312 -55.49 5.57 -51.16
N GLN G 313 -56.36 6.25 -51.92
CA GLN G 313 -57.25 7.24 -51.31
C GLN G 313 -58.34 6.56 -50.48
N SER G 314 -58.82 5.41 -50.93
CA SER G 314 -59.88 4.70 -50.22
C SER G 314 -59.37 3.96 -48.99
N GLY G 315 -58.06 3.72 -48.89
CA GLY G 315 -57.52 2.99 -47.76
C GLY G 315 -56.25 2.22 -48.07
N ILE G 316 -56.07 1.05 -47.45
CA ILE G 316 -54.92 0.21 -47.78
C ILE G 316 -55.13 -0.49 -49.11
N THR G 317 -56.15 -1.33 -49.20
CA THR G 317 -56.46 -2.21 -50.35
C THR G 317 -55.24 -3.03 -50.76
N GLY G 318 -54.81 -3.89 -49.85
CA GLY G 318 -53.68 -4.76 -50.10
C GLY G 318 -53.24 -5.47 -48.83
N GLY G 319 -52.73 -6.67 -49.01
CA GLY G 319 -52.34 -7.50 -47.88
C GLY G 319 -53.50 -7.89 -47.00
N GLU G 320 -54.49 -8.60 -47.58
CA GLU G 320 -55.76 -8.79 -46.90
C GLU G 320 -55.68 -9.86 -45.81
N GLN G 321 -54.61 -10.67 -45.80
CA GLN G 321 -54.44 -11.69 -44.78
C GLN G 321 -54.23 -11.07 -43.41
N TYR G 322 -53.55 -9.91 -43.35
CA TYR G 322 -53.38 -9.18 -42.11
C TYR G 322 -54.73 -8.73 -41.55
N PHE G 323 -55.59 -8.18 -42.41
CA PHE G 323 -56.89 -7.68 -41.97
C PHE G 323 -57.82 -8.80 -41.55
N ASP G 324 -57.80 -9.92 -42.28
CA ASP G 324 -58.59 -11.09 -41.88
C ASP G 324 -58.13 -11.64 -40.54
N ALA G 325 -56.80 -11.65 -40.32
CA ALA G 325 -56.25 -12.14 -39.05
C ALA G 325 -56.65 -11.26 -37.88
N VAL G 326 -56.58 -9.92 -38.05
CA VAL G 326 -56.87 -9.07 -36.90
C VAL G 326 -58.38 -9.04 -36.66
N ALA G 327 -59.18 -9.17 -37.73
CA ALA G 327 -60.63 -9.21 -37.57
C ALA G 327 -61.08 -10.47 -36.82
N GLU G 328 -60.48 -11.61 -37.16
CA GLU G 328 -60.69 -12.83 -36.39
C GLU G 328 -60.17 -12.69 -34.96
N ALA G 329 -59.13 -11.90 -34.75
CA ALA G 329 -58.60 -11.68 -33.41
C ALA G 329 -59.50 -10.82 -32.53
N ILE G 330 -60.03 -9.71 -33.05
CA ILE G 330 -60.89 -8.87 -32.21
C ILE G 330 -62.27 -9.48 -32.11
N ASP G 331 -62.62 -10.37 -33.04
CA ASP G 331 -63.81 -11.20 -32.86
C ASP G 331 -63.64 -12.11 -31.64
N GLY G 332 -62.44 -12.64 -31.44
CA GLY G 332 -62.09 -13.43 -30.29
C GLY G 332 -61.42 -12.66 -29.16
N LEU G 333 -61.55 -11.33 -29.15
CA LEU G 333 -60.94 -10.53 -28.09
C LEU G 333 -61.69 -10.73 -26.77
N SER G 334 -60.92 -10.90 -25.69
CA SER G 334 -61.46 -11.09 -24.36
C SER G 334 -60.74 -10.19 -23.38
N SER G 335 -61.38 -9.95 -22.24
CA SER G 335 -60.78 -9.07 -21.23
C SER G 335 -59.84 -9.81 -20.29
N LYS G 336 -59.84 -11.15 -20.37
CA LYS G 336 -59.07 -11.96 -19.42
C LYS G 336 -57.56 -11.76 -19.60
N GLU G 337 -57.12 -11.60 -20.85
CA GLU G 337 -55.71 -11.27 -21.10
C GLU G 337 -55.36 -9.89 -20.58
N PHE G 338 -56.31 -8.96 -20.60
CA PHE G 338 -56.04 -7.62 -20.08
C PHE G 338 -55.99 -7.61 -18.55
N GLU G 339 -56.81 -8.42 -17.90
CA GLU G 339 -56.70 -8.51 -16.44
C GLU G 339 -55.47 -9.32 -16.04
N GLN G 340 -55.01 -10.22 -16.89
CA GLN G 340 -53.74 -10.90 -16.63
C GLN G 340 -52.55 -9.99 -16.92
N PHE G 341 -52.75 -8.97 -17.76
CA PHE G 341 -51.77 -7.90 -17.85
C PHE G 341 -51.72 -7.14 -16.53
N ALA G 342 -52.83 -6.47 -16.19
CA ALA G 342 -52.77 -5.35 -15.26
C ALA G 342 -52.68 -5.77 -13.80
N GLN G 343 -52.86 -7.05 -13.49
CA GLN G 343 -52.84 -7.46 -12.09
C GLN G 343 -51.40 -7.48 -11.64
N SER G 344 -51.05 -6.58 -10.71
CA SER G 344 -49.70 -6.48 -10.20
C SER G 344 -49.43 -7.62 -9.24
N ALA G 345 -48.71 -8.65 -9.71
CA ALA G 345 -48.40 -9.81 -8.87
C ALA G 345 -47.26 -9.49 -7.91
N LYS G 346 -47.55 -8.67 -6.90
CA LYS G 346 -46.53 -8.24 -5.96
C LYS G 346 -46.35 -9.26 -4.83
N MET H 1 -46.06 33.72 1.25
CA MET H 1 -45.45 32.44 0.90
C MET H 1 -45.98 31.93 -0.43
N PHE H 2 -46.88 30.95 -0.37
CA PHE H 2 -47.45 30.34 -1.56
C PHE H 2 -48.96 30.17 -1.37
N VAL H 3 -49.66 30.15 -2.49
CA VAL H 3 -51.11 29.99 -2.53
C VAL H 3 -51.44 28.82 -3.45
N LYS H 4 -52.32 27.94 -3.00
CA LYS H 4 -52.63 26.72 -3.73
C LYS H 4 -53.98 26.85 -4.43
N GLN H 5 -54.02 26.44 -5.68
CA GLN H 5 -55.15 26.63 -6.58
C GLN H 5 -55.66 25.27 -7.02
N VAL H 6 -56.93 24.97 -6.74
CA VAL H 6 -57.53 23.67 -7.03
C VAL H 6 -58.69 23.89 -8.00
N PHE H 7 -58.67 23.18 -9.12
CA PHE H 7 -59.62 23.39 -10.20
C PHE H 7 -60.54 22.18 -10.24
N PHE H 8 -61.86 22.42 -10.27
CA PHE H 8 -62.85 21.35 -10.24
C PHE H 8 -63.70 21.41 -11.50
N ASP H 9 -63.75 20.31 -12.24
CA ASP H 9 -64.36 20.20 -13.54
C ASP H 9 -65.57 19.30 -13.45
N LEU H 10 -66.73 19.81 -13.85
CA LEU H 10 -67.98 19.08 -13.89
C LEU H 10 -68.57 18.99 -15.30
N GLY H 11 -67.92 19.62 -16.28
CA GLY H 11 -68.43 19.67 -17.63
C GLY H 11 -69.35 20.84 -17.92
N ALA H 12 -69.76 21.59 -16.90
CA ALA H 12 -70.61 22.75 -17.06
C ALA H 12 -70.15 23.85 -16.13
N ARG H 13 -70.31 25.10 -16.55
CA ARG H 13 -69.87 26.25 -15.76
C ARG H 13 -70.93 26.64 -14.75
N ILE H 14 -70.53 26.73 -13.48
CA ILE H 14 -71.36 27.31 -12.43
C ILE H 14 -70.60 28.47 -11.80
N HIS H 15 -71.33 29.52 -11.45
CA HIS H 15 -70.71 30.75 -10.94
C HIS H 15 -70.14 30.54 -9.55
N ALA H 16 -69.17 31.39 -9.19
CA ALA H 16 -68.39 31.19 -7.98
C ALA H 16 -69.22 31.39 -6.71
N ASP H 17 -70.07 32.42 -6.67
CA ASP H 17 -70.95 32.60 -5.53
C ASP H 17 -72.04 31.53 -5.50
N GLU H 18 -72.54 31.14 -6.66
CA GLU H 18 -73.51 30.05 -6.73
C GLU H 18 -72.87 28.72 -6.34
N ALA H 19 -71.59 28.52 -6.70
CA ALA H 19 -70.88 27.32 -6.25
C ALA H 19 -70.63 27.37 -4.75
N ARG H 20 -70.40 28.57 -4.20
CA ARG H 20 -70.25 28.71 -2.75
C ARG H 20 -71.52 28.34 -2.01
N ALA H 21 -72.67 28.81 -2.52
CA ALA H 21 -73.96 28.45 -1.96
C ALA H 21 -74.25 26.96 -2.11
N LEU H 22 -73.93 26.43 -3.29
CA LEU H 22 -74.16 24.98 -3.60
C LEU H 22 -73.28 24.11 -2.70
N VAL H 23 -72.01 24.51 -2.51
CA VAL H 23 -71.04 23.72 -1.69
C VAL H 23 -71.52 23.64 -0.23
N ALA H 24 -72.02 24.75 0.31
CA ALA H 24 -72.49 24.79 1.71
C ALA H 24 -73.70 23.86 1.90
N LYS H 25 -74.65 23.89 0.96
CA LYS H 25 -75.91 23.10 1.07
C LYS H 25 -75.64 21.59 1.10
N LEU H 26 -74.78 21.09 0.21
CA LEU H 26 -74.51 19.62 0.14
C LEU H 26 -73.84 19.09 1.41
N LEU H 27 -72.93 19.89 2.01
CA LEU H 27 -72.19 19.44 3.21
C LEU H 27 -72.82 19.99 4.50
N ASP H 28 -73.96 20.66 4.42
CA ASP H 28 -74.52 21.24 5.63
C ASP H 28 -74.86 20.16 6.66
N ASP H 29 -75.28 18.99 6.20
CA ASP H 29 -75.75 17.95 7.12
C ASP H 29 -74.60 17.27 7.86
N THR H 30 -73.49 17.00 7.17
CA THR H 30 -72.38 16.26 7.74
C THR H 30 -71.09 17.05 7.62
N GLN H 31 -70.18 16.77 8.55
CA GLN H 31 -68.87 17.42 8.67
C GLN H 31 -68.94 18.95 8.72
N PRO H 32 -69.41 19.53 9.82
CA PRO H 32 -69.56 21.00 9.86
C PRO H 32 -68.24 21.74 10.07
N GLY H 33 -67.24 21.09 10.66
CA GLY H 33 -65.96 21.74 10.86
C GLY H 33 -65.22 22.00 9.56
N LEU H 34 -65.38 21.10 8.58
CA LEU H 34 -64.78 21.30 7.27
C LEU H 34 -65.40 22.49 6.55
N VAL H 35 -66.73 22.64 6.67
CA VAL H 35 -67.42 23.79 6.07
C VAL H 35 -67.04 25.08 6.79
N SER H 36 -66.87 25.00 8.11
CA SER H 36 -66.53 26.22 8.88
C SER H 36 -65.17 26.77 8.42
N ALA H 37 -64.17 25.89 8.26
CA ALA H 37 -62.82 26.28 7.82
C ALA H 37 -62.83 26.83 6.38
N LEU H 38 -63.57 26.15 5.48
CA LEU H 38 -63.61 26.52 4.04
C LEU H 38 -64.21 27.91 3.84
N MET H 39 -65.29 28.24 4.55
CA MET H 39 -65.97 29.55 4.38
C MET H 39 -65.38 30.62 5.31
N ASN H 40 -64.43 30.25 6.17
CA ASN H 40 -63.83 31.21 7.08
C ASN H 40 -64.81 31.66 8.17
N TYR H 41 -65.56 30.70 8.71
CA TYR H 41 -66.49 30.99 9.79
C TYR H 41 -65.75 31.11 11.12
N MET H 42 -66.38 31.81 12.05
CA MET H 42 -65.93 31.80 13.43
C MET H 42 -66.15 30.40 14.01
N PRO H 43 -65.22 29.92 14.86
CA PRO H 43 -65.34 28.53 15.37
C PRO H 43 -66.56 28.27 16.23
N ALA H 44 -67.21 29.31 16.76
CA ALA H 44 -68.38 29.12 17.60
C ALA H 44 -69.70 29.12 16.84
N SER H 45 -69.93 30.11 15.98
CA SER H 45 -71.22 30.29 15.31
C SER H 45 -71.02 30.38 13.79
N LYS H 46 -72.11 30.75 13.11
CA LYS H 46 -72.16 30.75 11.66
C LYS H 46 -71.56 32.01 11.04
N THR H 47 -71.28 33.04 11.84
CA THR H 47 -70.80 34.31 11.31
C THR H 47 -69.35 34.19 10.85
N SER H 48 -69.08 34.65 9.63
CA SER H 48 -67.76 34.57 9.04
C SER H 48 -66.80 35.56 9.72
N LYS H 49 -65.51 35.31 9.54
CA LYS H 49 -64.49 36.12 10.18
C LYS H 49 -64.32 37.47 9.49
N THR H 50 -63.94 38.47 10.29
CA THR H 50 -63.70 39.82 9.81
C THR H 50 -62.38 39.94 9.05
N GLU H 51 -61.42 39.06 9.34
CA GLU H 51 -60.07 39.17 8.80
C GLU H 51 -60.03 38.71 7.34
N PHE H 52 -58.80 38.60 6.82
CA PHE H 52 -58.59 38.24 5.42
C PHE H 52 -59.02 36.80 5.17
N PRO H 53 -59.81 36.54 4.12
CA PRO H 53 -60.24 35.17 3.81
C PRO H 53 -59.09 34.35 3.25
N LEU H 54 -58.69 33.30 3.97
CA LEU H 54 -57.63 32.44 3.50
C LEU H 54 -58.10 31.53 2.37
N VAL H 55 -59.34 31.06 2.45
CA VAL H 55 -59.92 30.17 1.44
C VAL H 55 -61.02 30.95 0.71
N GLN H 56 -60.88 31.06 -0.61
CA GLN H 56 -61.86 31.77 -1.42
C GLN H 56 -62.14 31.01 -2.70
N PHE H 57 -63.36 31.15 -3.22
CA PHE H 57 -63.66 30.57 -4.51
C PHE H 57 -63.12 31.48 -5.63
N SER H 58 -63.13 30.96 -6.85
CA SER H 58 -62.72 31.73 -8.02
C SER H 58 -63.45 31.20 -9.24
N ASN H 59 -62.94 31.56 -10.42
CA ASN H 59 -63.58 31.28 -11.69
C ASN H 59 -62.86 30.14 -12.42
N PHE H 60 -63.65 29.26 -13.03
CA PHE H 60 -63.13 28.17 -13.85
C PHE H 60 -64.11 27.90 -14.98
N ASN H 61 -63.54 27.75 -16.19
CA ASN H 61 -64.33 27.77 -17.43
C ASN H 61 -65.29 26.60 -17.47
N GLN H 62 -64.92 25.46 -16.88
CA GLN H 62 -65.78 24.30 -16.81
C GLN H 62 -66.25 24.01 -15.39
N GLY H 63 -66.32 25.01 -14.52
CA GLY H 63 -66.74 24.75 -13.15
C GLY H 63 -66.40 25.86 -12.19
N PHE H 64 -65.73 25.52 -11.09
CA PHE H 64 -65.21 26.51 -10.17
C PHE H 64 -63.84 26.05 -9.65
N ALA H 65 -63.26 26.89 -8.80
CA ALA H 65 -61.91 26.67 -8.31
C ALA H 65 -61.77 27.25 -6.90
N LEU H 66 -60.79 26.72 -6.18
CA LEU H 66 -60.50 27.06 -4.80
C LEU H 66 -59.11 27.69 -4.71
N LEU H 67 -58.99 28.75 -3.91
CA LEU H 67 -57.73 29.40 -3.63
C LEU H 67 -57.49 29.36 -2.13
N GLY H 68 -56.37 28.75 -1.73
CA GLY H 68 -55.98 28.71 -0.34
C GLY H 68 -54.67 29.42 -0.14
N PHE H 69 -54.70 30.53 0.59
CA PHE H 69 -53.53 31.38 0.77
C PHE H 69 -52.78 30.95 2.02
N GLY H 70 -51.49 30.71 1.87
CA GLY H 70 -50.66 30.30 2.99
C GLY H 70 -50.75 28.81 3.28
N GLU H 71 -49.95 28.41 4.27
CA GLU H 71 -49.89 27.01 4.67
C GLU H 71 -51.20 26.55 5.30
N VAL H 72 -51.85 27.43 6.07
CA VAL H 72 -53.11 27.08 6.73
C VAL H 72 -54.21 26.86 5.71
N GLY H 73 -54.36 27.78 4.75
CA GLY H 73 -55.36 27.61 3.71
C GLY H 73 -55.07 26.44 2.79
N ALA H 74 -53.78 26.21 2.50
CA ALA H 74 -53.37 25.06 1.70
C ALA H 74 -53.72 23.75 2.41
N GLN H 75 -53.48 23.66 3.72
CA GLN H 75 -53.86 22.48 4.49
C GLN H 75 -55.37 22.31 4.54
N ILE H 76 -56.10 23.43 4.69
CA ILE H 76 -57.59 23.35 4.72
C ILE H 76 -58.06 22.84 3.37
N LEU H 77 -57.46 23.36 2.29
CA LEU H 77 -57.78 22.93 0.90
C LEU H 77 -57.37 21.47 0.71
N SER H 78 -56.22 21.08 1.28
CA SER H 78 -55.68 19.70 1.15
C SER H 78 -56.64 18.69 1.78
N ASP H 79 -57.19 19.00 2.96
CA ASP H 79 -58.10 18.07 3.61
C ASP H 79 -59.53 18.18 3.08
N ALA H 80 -59.90 19.30 2.47
CA ALA H 80 -61.25 19.48 1.96
C ALA H 80 -61.49 18.79 0.62
N THR H 81 -60.46 18.66 -0.23
CA THR H 81 -60.63 18.22 -1.62
C THR H 81 -61.32 16.86 -1.83
N PRO H 82 -60.99 15.75 -1.11
CA PRO H 82 -61.68 14.48 -1.44
C PRO H 82 -63.14 14.45 -1.07
N ILE H 83 -63.51 15.06 0.05
CA ILE H 83 -64.91 15.08 0.50
C ILE H 83 -65.77 15.88 -0.46
N ILE H 84 -65.29 17.05 -0.87
CA ILE H 84 -66.03 17.89 -1.82
C ILE H 84 -66.13 17.21 -3.18
N HIS H 85 -65.04 16.57 -3.64
CA HIS H 85 -65.07 15.89 -4.93
C HIS H 85 -66.02 14.70 -4.93
N ASP H 86 -66.06 13.95 -3.82
CA ASP H 86 -67.03 12.88 -3.68
C ASP H 86 -68.46 13.41 -3.60
N ALA H 87 -68.63 14.62 -3.03
CA ALA H 87 -69.94 15.25 -2.97
C ALA H 87 -70.46 15.59 -4.37
N MET H 88 -69.61 16.15 -5.23
CA MET H 88 -70.06 16.39 -6.61
C MET H 88 -70.25 15.09 -7.37
N ALA H 89 -69.44 14.06 -7.07
CA ALA H 89 -69.61 12.76 -7.73
C ALA H 89 -70.97 12.15 -7.41
N LYS H 90 -71.38 12.18 -6.13
CA LYS H 90 -72.68 11.66 -5.75
C LYS H 90 -73.81 12.55 -6.27
N LEU H 91 -73.62 13.88 -6.26
CA LEU H 91 -74.65 14.80 -6.70
C LEU H 91 -74.92 14.67 -8.20
N PHE H 92 -73.86 14.52 -9.00
CA PHE H 92 -74.02 14.40 -10.44
C PHE H 92 -74.24 12.96 -10.89
N ALA H 93 -74.07 11.98 -10.00
CA ALA H 93 -74.48 10.62 -10.32
C ALA H 93 -75.91 10.32 -9.85
N SER H 94 -76.47 11.17 -8.97
CA SER H 94 -77.85 11.00 -8.56
C SER H 94 -78.82 11.29 -9.70
N ARG H 95 -78.53 12.31 -10.50
CA ARG H 95 -79.38 12.71 -11.62
C ARG H 95 -78.61 12.59 -12.92
N GLY H 96 -79.27 12.11 -13.96
CA GLY H 96 -78.65 11.98 -15.26
C GLY H 96 -77.83 10.72 -15.39
N GLN H 97 -77.09 10.64 -16.51
CA GLN H 97 -76.26 9.47 -16.76
C GLN H 97 -75.02 9.45 -15.86
N GLY H 98 -74.42 10.62 -15.64
CA GLY H 98 -73.21 10.70 -14.84
C GLY H 98 -72.06 11.35 -15.58
N VAL H 99 -71.29 12.19 -14.89
CA VAL H 99 -70.19 12.91 -15.49
C VAL H 99 -68.95 12.74 -14.61
N VAL H 100 -67.80 12.59 -15.26
CA VAL H 100 -66.52 12.41 -14.60
C VAL H 100 -66.05 13.76 -14.08
N VAL H 101 -65.86 13.86 -12.76
CA VAL H 101 -65.39 15.07 -12.12
C VAL H 101 -63.86 15.08 -12.21
N GLN H 102 -63.30 16.16 -12.74
CA GLN H 102 -61.88 16.22 -13.06
C GLN H 102 -61.18 17.33 -12.29
N VAL H 103 -60.09 16.99 -11.62
CA VAL H 103 -59.44 17.92 -10.72
C VAL H 103 -58.09 18.33 -11.28
N SER H 104 -57.61 19.49 -10.80
CA SER H 104 -56.28 19.98 -11.14
C SER H 104 -55.76 20.79 -9.96
N SER H 105 -54.45 20.95 -9.88
CA SER H 105 -53.83 21.65 -8.76
C SER H 105 -52.59 22.39 -9.21
N ARG H 106 -52.35 23.55 -8.59
CA ARG H 106 -51.13 24.34 -8.77
C ARG H 106 -50.75 24.94 -7.42
N ASP H 107 -49.44 25.10 -7.20
CA ASP H 107 -48.93 25.76 -5.99
C ASP H 107 -48.16 27.01 -6.41
N VAL H 108 -48.87 28.13 -6.58
CA VAL H 108 -48.29 29.35 -7.11
C VAL H 108 -47.56 30.07 -5.98
N PRO H 109 -46.26 30.33 -6.12
CA PRO H 109 -45.57 31.15 -5.11
C PRO H 109 -45.91 32.62 -5.25
N LEU H 110 -45.71 33.36 -4.16
CA LEU H 110 -45.97 34.79 -4.13
C LEU H 110 -44.65 35.56 -3.94
N SER H 111 -44.52 36.65 -4.68
CA SER H 111 -43.32 37.48 -4.62
C SER H 111 -43.68 38.90 -5.02
N CYS H 112 -42.83 39.84 -4.59
CA CYS H 112 -42.97 41.23 -4.96
C CYS H 112 -41.60 41.91 -4.89
N GLU H 113 -41.32 42.74 -5.89
CA GLU H 113 -40.08 43.49 -5.96
C GLU H 113 -40.37 44.89 -6.48
N LYS H 114 -39.69 45.88 -5.89
CA LYS H 114 -39.90 47.29 -6.23
C LYS H 114 -39.00 47.67 -7.41
N ARG H 115 -39.61 48.24 -8.45
CA ARG H 115 -38.92 48.69 -9.64
C ARG H 115 -39.21 50.16 -9.89
N PRO H 116 -38.22 50.92 -10.41
CA PRO H 116 -38.41 52.36 -10.64
C PRO H 116 -39.04 52.69 -12.00
N TYR H 117 -40.10 51.98 -12.36
CA TYR H 117 -40.89 52.28 -13.55
C TYR H 117 -42.29 51.71 -13.38
N GLY H 118 -43.27 52.41 -13.94
CA GLY H 118 -44.66 52.00 -13.78
C GLY H 118 -44.99 50.74 -14.56
N LEU H 119 -45.90 49.96 -13.99
CA LEU H 119 -46.33 48.69 -14.58
C LEU H 119 -47.84 48.58 -14.51
N GLN H 120 -48.43 48.01 -15.56
CA GLN H 120 -49.88 48.02 -15.78
C GLN H 120 -50.46 46.68 -15.37
N TYR H 121 -51.59 46.71 -14.65
CA TYR H 121 -52.32 45.51 -14.25
C TYR H 121 -53.81 45.79 -14.35
N THR H 122 -54.55 44.87 -14.96
CA THR H 122 -55.99 45.02 -15.12
C THR H 122 -56.75 44.00 -14.28
N VAL H 123 -57.77 44.48 -13.57
CA VAL H 123 -58.59 43.68 -12.68
C VAL H 123 -60.04 43.77 -13.15
N ALA H 124 -60.70 42.62 -13.26
CA ALA H 124 -62.08 42.55 -13.71
C ALA H 124 -63.00 42.16 -12.54
N LYS H 125 -64.23 42.68 -12.56
CA LYS H 125 -65.25 42.51 -11.53
C LYS H 125 -64.70 43.02 -10.19
N MET H 126 -64.66 44.35 -10.12
CA MET H 126 -64.07 45.06 -8.99
C MET H 126 -65.12 45.82 -8.21
N VAL H 127 -65.47 45.31 -7.02
CA VAL H 127 -66.44 45.93 -6.14
C VAL H 127 -65.75 46.98 -5.29
N VAL H 128 -66.27 48.21 -5.31
CA VAL H 128 -65.61 49.33 -4.64
C VAL H 128 -66.50 50.06 -3.65
N GLN H 129 -67.82 49.96 -3.74
CA GLN H 129 -68.73 50.75 -2.91
C GLN H 129 -69.49 49.83 -1.96
N LYS H 130 -69.43 50.12 -0.66
CA LYS H 130 -70.14 49.30 0.32
C LYS H 130 -70.86 50.10 1.41
N LYS H 131 -70.52 51.38 1.61
CA LYS H 131 -71.36 52.35 2.35
C LYS H 131 -71.72 53.54 1.46
N HIS H 132 -72.50 54.45 2.06
CA HIS H 132 -72.95 55.66 1.38
C HIS H 132 -71.81 56.65 1.17
N GLU H 133 -70.84 56.67 2.09
CA GLU H 133 -69.73 57.61 1.98
C GLU H 133 -68.85 57.30 0.78
N HIS H 134 -68.72 56.02 0.45
CA HIS H 134 -67.95 55.64 -0.74
C HIS H 134 -68.71 55.99 -2.02
N ARG H 135 -70.04 56.00 -1.94
CA ARG H 135 -70.85 56.50 -3.06
C ARG H 135 -70.71 58.01 -3.20
N GLU H 136 -70.56 58.71 -2.07
CA GLU H 136 -70.34 60.16 -2.12
C GLU H 136 -68.95 60.49 -2.66
N ARG H 137 -67.96 59.65 -2.34
CA ARG H 137 -66.61 59.84 -2.88
C ARG H 137 -66.55 59.56 -4.37
N LEU H 138 -67.35 58.60 -4.85
CA LEU H 138 -67.32 58.22 -6.25
C LEU H 138 -67.99 59.25 -7.18
N ALA H 139 -68.70 60.23 -6.63
CA ALA H 139 -69.35 61.23 -7.47
C ALA H 139 -68.35 62.18 -8.10
N ASN H 140 -67.37 62.63 -7.32
CA ASN H 140 -66.31 63.50 -7.81
C ASN H 140 -65.05 62.67 -8.07
N PRO H 141 -64.46 62.76 -9.27
CA PRO H 141 -63.29 61.92 -9.58
C PRO H 141 -62.06 62.22 -8.74
N GLU H 142 -61.89 63.47 -8.29
CA GLU H 142 -60.71 63.85 -7.52
C GLU H 142 -60.72 63.20 -6.14
N THR H 143 -61.87 63.19 -5.47
CA THR H 143 -61.96 62.57 -4.15
C THR H 143 -62.24 61.08 -4.21
N GLY H 144 -62.58 60.54 -5.38
CA GLY H 144 -62.75 59.11 -5.53
C GLY H 144 -61.45 58.44 -5.95
N LYS H 145 -60.59 59.22 -6.61
CA LYS H 145 -59.29 58.73 -7.05
C LYS H 145 -58.42 58.31 -5.87
N VAL H 146 -58.29 59.20 -4.87
CA VAL H 146 -57.43 58.94 -3.72
C VAL H 146 -58.02 57.81 -2.86
N PHE H 147 -59.35 57.71 -2.84
CA PHE H 147 -60.01 56.59 -2.15
C PHE H 147 -59.67 55.27 -2.82
N LEU H 148 -59.68 55.25 -4.16
CA LEU H 148 -59.33 54.01 -4.87
C LEU H 148 -57.84 53.68 -4.73
N GLU H 149 -56.98 54.70 -4.68
CA GLU H 149 -55.54 54.47 -4.45
C GLU H 149 -55.29 53.86 -3.08
N GLY H 150 -55.95 54.42 -2.05
CA GLY H 150 -55.83 53.88 -0.72
C GLY H 150 -56.43 52.49 -0.58
N LEU H 151 -57.53 52.23 -1.29
CA LEU H 151 -58.13 50.89 -1.28
C LEU H 151 -57.19 49.86 -1.89
N PHE H 152 -56.56 50.20 -3.04
CA PHE H 152 -55.64 49.28 -3.70
C PHE H 152 -54.39 49.04 -2.86
N LEU H 153 -53.84 50.11 -2.27
CA LEU H 153 -52.63 49.97 -1.46
C LEU H 153 -52.90 49.19 -0.18
N ARG H 154 -54.04 49.45 0.48
CA ARG H 154 -54.38 48.71 1.69
C ARG H 154 -54.75 47.26 1.37
N SER H 155 -55.29 47.00 0.18
CA SER H 155 -55.56 45.62 -0.23
C SER H 155 -54.28 44.83 -0.41
N LEU H 156 -53.30 45.43 -1.11
CA LEU H 156 -51.99 44.79 -1.29
C LEU H 156 -51.30 44.59 0.06
N GLU H 157 -51.40 45.59 0.95
CA GLU H 157 -50.77 45.51 2.26
C GLU H 157 -51.40 44.43 3.13
N ARG H 158 -52.74 44.31 3.10
CA ARG H 158 -53.37 43.33 3.98
C ARG H 158 -53.17 41.92 3.44
N GLN H 159 -53.05 41.77 2.12
CA GLN H 159 -52.77 40.45 1.57
C GLN H 159 -51.33 40.02 1.84
N ALA H 160 -50.40 40.98 1.79
CA ALA H 160 -49.02 40.69 2.16
C ALA H 160 -48.90 40.37 3.65
N ALA H 161 -49.65 41.08 4.49
CA ALA H 161 -49.60 40.81 5.93
C ALA H 161 -50.26 39.48 6.28
N ALA H 162 -51.32 39.12 5.56
CA ALA H 162 -52.01 37.87 5.84
C ALA H 162 -51.24 36.66 5.32
N VAL H 163 -50.51 36.83 4.20
CA VAL H 163 -49.74 35.71 3.68
C VAL H 163 -48.43 35.53 4.45
N GLY H 164 -48.02 36.50 5.24
CA GLY H 164 -46.84 36.37 6.06
C GLY H 164 -45.53 36.80 5.43
N MET H 165 -45.56 37.63 4.40
CA MET H 165 -44.35 38.12 3.75
C MET H 165 -44.29 39.64 3.85
N VAL H 166 -43.08 40.17 3.78
CA VAL H 166 -42.86 41.60 3.95
C VAL H 166 -43.00 42.32 2.61
N LEU H 167 -43.79 43.38 2.60
CA LEU H 167 -44.01 44.25 1.46
C LEU H 167 -43.32 45.58 1.71
N PRO H 168 -42.51 46.07 0.76
CA PRO H 168 -41.95 47.43 0.87
C PRO H 168 -43.05 48.49 0.91
N ARG H 169 -42.86 49.49 1.77
CA ARG H 169 -43.86 50.49 2.06
C ARG H 169 -43.65 51.79 1.31
N ASP H 170 -42.80 51.79 0.29
CA ASP H 170 -42.57 52.97 -0.54
C ASP H 170 -43.26 52.84 -1.90
N LEU H 171 -44.26 51.96 -2.00
CA LEU H 171 -44.95 51.75 -3.26
C LEU H 171 -45.87 52.93 -3.57
N VAL H 172 -45.89 53.33 -4.84
CA VAL H 172 -46.81 54.35 -5.33
C VAL H 172 -47.72 53.69 -6.36
N VAL H 173 -48.99 54.05 -6.32
CA VAL H 173 -49.97 53.46 -7.22
C VAL H 173 -50.60 54.57 -8.04
N SER H 174 -51.25 54.17 -9.14
CA SER H 174 -51.97 55.10 -10.01
C SER H 174 -53.08 54.35 -10.73
N PHE H 175 -54.21 55.04 -10.90
CA PHE H 175 -55.40 54.46 -11.49
C PHE H 175 -55.73 55.23 -12.77
N LYS H 176 -55.90 54.51 -13.88
CA LYS H 176 -56.12 55.15 -15.17
C LYS H 176 -57.60 55.22 -15.52
N GLY H 177 -58.30 54.09 -15.49
CA GLY H 177 -59.72 54.10 -15.81
C GLY H 177 -60.30 52.70 -15.73
N ALA H 178 -61.63 52.68 -15.67
CA ALA H 178 -62.41 51.44 -15.67
C ALA H 178 -63.34 51.45 -16.86
N GLU H 179 -63.54 50.26 -17.46
CA GLU H 179 -64.36 50.18 -18.67
C GLU H 179 -65.84 50.34 -18.36
N ARG H 180 -66.35 49.67 -17.33
CA ARG H 180 -67.78 49.70 -17.09
C ARG H 180 -68.07 49.84 -15.60
N VAL H 181 -69.31 50.20 -15.29
CA VAL H 181 -69.80 50.28 -13.92
C VAL H 181 -71.05 49.41 -13.82
N SER H 182 -71.05 48.45 -12.90
CA SER H 182 -72.16 47.53 -12.78
C SER H 182 -72.37 47.19 -11.32
N SER H 183 -73.55 46.69 -10.99
CA SER H 183 -73.88 46.29 -9.64
C SER H 183 -73.70 44.80 -9.45
N VAL H 184 -73.47 44.41 -8.21
CA VAL H 184 -73.43 43.00 -7.80
C VAL H 184 -74.48 42.79 -6.72
N LYS H 185 -74.95 41.55 -6.59
CA LYS H 185 -75.98 41.21 -5.62
C LYS H 185 -75.40 40.27 -4.58
N LEU H 186 -75.70 40.54 -3.30
CA LEU H 186 -75.27 39.67 -2.22
C LEU H 186 -75.98 38.32 -2.29
N ARG H 187 -77.31 38.35 -2.44
CA ARG H 187 -78.14 37.17 -2.60
C ARG H 187 -79.07 37.40 -3.78
N PRO H 188 -79.46 36.35 -4.50
CA PRO H 188 -80.40 36.52 -5.62
C PRO H 188 -81.78 36.94 -5.14
N ASP H 189 -82.46 37.71 -6.00
CA ASP H 189 -83.79 38.29 -5.73
C ASP H 189 -83.79 39.15 -4.46
N SER H 190 -82.76 39.97 -4.32
CA SER H 190 -82.64 40.91 -3.21
C SER H 190 -82.51 42.32 -3.78
N THR H 191 -83.17 43.28 -3.13
CA THR H 191 -83.14 44.66 -3.60
C THR H 191 -81.78 45.30 -3.35
N LEU H 192 -81.05 44.83 -2.35
CA LEU H 192 -79.74 45.38 -2.04
C LEU H 192 -78.72 45.02 -3.12
N ALA H 193 -77.89 45.99 -3.49
CA ALA H 193 -76.83 45.78 -4.48
C ALA H 193 -75.65 46.66 -4.12
N HIS H 194 -74.48 46.25 -4.59
CA HIS H 194 -73.23 46.97 -4.35
C HIS H 194 -72.64 47.41 -5.67
N GLY H 195 -72.24 48.68 -5.75
CA GLY H 195 -71.62 49.19 -6.96
C GLY H 195 -70.25 48.58 -7.18
N SER H 196 -69.85 48.51 -8.45
CA SER H 196 -68.64 47.81 -8.82
C SER H 196 -68.10 48.32 -10.14
N LEU H 197 -66.78 48.22 -10.29
CA LEU H 197 -66.06 48.61 -11.50
C LEU H 197 -65.76 47.35 -12.31
N ARG H 198 -65.67 47.52 -13.62
CA ARG H 198 -65.44 46.41 -14.55
C ARG H 198 -64.29 46.78 -15.48
N HIS H 199 -63.29 45.90 -15.55
CA HIS H 199 -62.05 46.07 -16.32
C HIS H 199 -61.32 47.35 -15.92
N ALA H 200 -61.00 47.45 -14.63
CA ALA H 200 -60.23 48.60 -14.14
C ALA H 200 -58.74 48.38 -14.37
N VAL H 201 -58.04 49.46 -14.69
CA VAL H 201 -56.61 49.42 -14.97
C VAL H 201 -55.88 50.21 -13.89
N PHE H 202 -54.84 49.61 -13.32
CA PHE H 202 -54.02 50.23 -12.29
C PHE H 202 -52.57 50.16 -12.71
N GLU H 203 -51.76 51.08 -12.17
CA GLU H 203 -50.34 51.14 -12.47
C GLU H 203 -49.56 51.22 -11.17
N VAL H 204 -48.73 50.21 -10.92
CA VAL H 204 -47.89 50.11 -9.73
C VAL H 204 -46.44 50.06 -10.19
N ASN H 205 -45.56 50.80 -9.50
CA ASN H 205 -44.14 50.78 -9.86
C ASN H 205 -43.51 49.43 -9.57
N ALA H 206 -43.95 48.76 -8.51
CA ALA H 206 -43.45 47.44 -8.18
C ALA H 206 -44.11 46.37 -9.06
N ARG H 207 -43.55 45.17 -9.01
CA ARG H 207 -44.07 44.04 -9.76
C ARG H 207 -44.55 42.96 -8.78
N LEU H 208 -45.53 42.17 -9.22
CA LEU H 208 -46.13 41.12 -8.41
C LEU H 208 -46.02 39.79 -9.15
N GLY H 209 -45.69 38.73 -8.41
CA GLY H 209 -45.41 37.45 -9.02
C GLY H 209 -46.33 36.31 -8.63
N GLY H 210 -47.64 36.56 -8.58
CA GLY H 210 -48.57 35.49 -8.26
C GLY H 210 -50.02 35.93 -8.20
N LEU H 211 -50.87 35.11 -7.57
CA LEU H 211 -52.27 35.48 -7.40
C LEU H 211 -52.40 36.55 -6.33
N TRP H 212 -52.99 37.69 -6.69
CA TRP H 212 -53.18 38.79 -5.77
C TRP H 212 -54.65 39.18 -5.75
N SER H 213 -55.19 39.35 -4.55
CA SER H 213 -56.59 39.72 -4.35
C SER H 213 -56.67 41.14 -3.81
N VAL H 214 -57.57 41.94 -4.38
CA VAL H 214 -57.74 43.33 -4.01
C VAL H 214 -59.20 43.63 -3.73
N GLY H 215 -59.42 44.56 -2.81
CA GLY H 215 -60.74 45.10 -2.57
C GLY H 215 -61.61 44.25 -1.66
N PHE H 216 -62.91 44.50 -1.77
CA PHE H 216 -63.92 43.83 -0.97
C PHE H 216 -64.47 42.60 -1.70
N LEU H 217 -65.25 41.80 -0.96
CA LEU H 217 -65.91 40.59 -1.43
C LEU H 217 -64.92 39.58 -2.03
N LEU H 218 -63.87 39.29 -1.27
CA LEU H 218 -62.80 38.44 -1.78
C LEU H 218 -63.19 36.97 -1.80
N SER H 219 -64.11 36.56 -0.91
CA SER H 219 -64.47 35.16 -0.82
C SER H 219 -65.48 34.73 -1.88
N LYS H 220 -66.05 35.67 -2.64
CA LYS H 220 -67.01 35.36 -3.67
C LYS H 220 -66.38 35.19 -5.04
N GLY H 221 -65.05 35.20 -5.13
CA GLY H 221 -64.40 35.17 -6.42
C GLY H 221 -64.41 36.50 -7.14
N PHE H 222 -64.42 37.60 -6.39
CA PHE H 222 -64.53 38.94 -6.97
C PHE H 222 -63.19 39.64 -6.84
N GLY H 223 -62.70 40.17 -7.95
CA GLY H 223 -61.52 41.04 -7.94
C GLY H 223 -60.19 40.41 -7.59
N HIS H 224 -59.89 39.22 -8.10
CA HIS H 224 -58.54 38.71 -8.09
C HIS H 224 -58.21 38.10 -9.44
N ILE H 225 -56.97 38.26 -9.87
CA ILE H 225 -56.49 37.73 -11.14
C ILE H 225 -55.02 37.36 -10.97
N ASN H 226 -54.54 36.47 -11.84
CA ASN H 226 -53.15 36.04 -11.79
C ASN H 226 -52.25 37.09 -12.41
N THR H 227 -51.36 37.66 -11.59
CA THR H 227 -50.41 38.63 -12.11
C THR H 227 -49.33 37.97 -12.95
N ASP H 228 -49.01 36.69 -12.67
CA ASP H 228 -47.96 35.98 -13.39
C ASP H 228 -48.34 35.77 -14.85
N LEU H 229 -49.64 35.65 -15.14
CA LEU H 229 -50.10 35.68 -16.51
C LEU H 229 -49.92 37.06 -17.12
N GLN H 230 -50.06 38.12 -16.32
CA GLN H 230 -50.19 39.46 -16.86
C GLN H 230 -48.86 40.17 -17.08
N LEU H 231 -47.74 39.58 -16.65
CA LEU H 231 -46.44 40.10 -17.06
C LEU H 231 -46.20 39.81 -18.54
N GLY H 232 -46.30 40.83 -19.38
CA GLY H 232 -46.11 40.69 -20.80
C GLY H 232 -47.27 40.04 -21.54
N GLN H 233 -48.47 40.05 -20.97
CA GLN H 233 -49.63 39.44 -21.62
C GLN H 233 -50.07 40.25 -22.83
N GLY H 234 -50.07 41.58 -22.70
CA GLY H 234 -50.50 42.44 -23.77
C GLY H 234 -52.00 42.48 -23.96
#